data_8FHW
#
_entry.id   8FHW
#
_cell.length_a   1.00
_cell.length_b   1.00
_cell.length_c   1.00
_cell.angle_alpha   90.00
_cell.angle_beta   90.00
_cell.angle_gamma   90.00
#
_symmetry.space_group_name_H-M   'P 1'
#
loop_
_entity.id
_entity.type
_entity.pdbx_description
1 polymer 'Alpha,alpha-trehalose-phosphate synthase (UDP-forming)'
2 non-polymer "URIDINE-5'-DIPHOSPHATE"
3 non-polymer 6-O-phosphono-alpha-D-glucopyranose
#
_entity_poly.entity_id   1
_entity_poly.type   'polypeptide(L)'
_entity_poly.pdbx_seq_one_letter_code
;MHHHHHHSSGVDLGTENLYFQSNAMTTMSNDIPNSPTSTSFTGTFSPAATAANTAANARTSDAPSPTTSSSGPKLETSKE
QRLIVVSNRLPVTISKDDNGEYHFKMSSGGLVSALSGCKKTMSFTWIGWPGKDIPMQDRETVNRRLLDEYNCYPVYLSDE
LADSHYNGFSNSILWPLFHYHPGEMNFDAAHWLAYREANMRFADVVSSLVQAGDMVWVQDYHLMLLPMLLRSMITGESAQ
GEMVRQELGRVKEGVDDTVVKEVLKMGPGVAQAEDEGVEMLDDVEEEGGEMDVKSSPKRPHYARGMSTFQKQELVAKEKG
KEGIRIGFFLHTPFPSSEIYRILPVRREILLGVLQCDLIGFHTYDYARHFLSSCTRILGLETQPNGIEFDGRYCQVGTFP
IGIDPNQFIEGLQKESIVKRLRSLEARFEGVKVIIGVDRLDYIKGIPQKLQALETFLTQHPEWIGKVVLVQLAIPSRQDV
EEYQDLRACVNELVGRINGRFGTVESVPIHYMHKSVPFEELTAMYALADACLVTSTRDGMNLVAYEYISSQAERHGSMIL
SEFAGAAQSFNGSLLINPWDVQSTADAINQALTLSPQQRKTNWQKLFNYVSKYTAEAWGVSFVNELNRLSGQRPSGPTGL
AGRRKSGSLSRTSSKASIQRRKSSQSGIVTGLGAAAGAAVNWAQAQVQGGSQT
;
_entity_poly.pdbx_strand_id   A,B,C,D
#
# COMPACT_ATOMS: atom_id res chain seq x y z
N LEU A 83 -13.00 -41.25 -28.53
CA LEU A 83 -12.43 -41.15 -27.20
C LEU A 83 -13.19 -40.11 -26.38
N ILE A 84 -12.63 -39.75 -25.23
CA ILE A 84 -13.21 -38.74 -24.34
C ILE A 84 -12.08 -37.86 -23.84
N VAL A 85 -12.34 -36.55 -23.78
CA VAL A 85 -11.40 -35.57 -23.27
C VAL A 85 -12.06 -34.83 -22.12
N VAL A 86 -11.37 -34.73 -21.00
CA VAL A 86 -11.89 -34.08 -19.80
C VAL A 86 -11.02 -32.87 -19.50
N SER A 87 -11.65 -31.72 -19.27
CA SER A 87 -10.93 -30.52 -18.93
C SER A 87 -11.80 -29.67 -18.02
N ASN A 88 -11.16 -28.88 -17.16
CA ASN A 88 -11.91 -27.98 -16.29
C ASN A 88 -12.68 -26.95 -17.11
N ARG A 89 -12.03 -26.38 -18.13
CA ARG A 89 -12.66 -25.42 -19.00
C ARG A 89 -13.71 -26.08 -19.88
N LEU A 90 -13.90 -25.50 -21.05
CA LEU A 90 -14.85 -26.01 -22.02
C LEU A 90 -14.73 -25.19 -23.29
N PRO A 91 -15.48 -25.59 -24.32
CA PRO A 91 -15.45 -24.85 -25.56
C PRO A 91 -15.90 -23.41 -25.41
N VAL A 92 -16.84 -23.16 -24.49
CA VAL A 92 -17.43 -21.85 -24.32
C VAL A 92 -17.35 -21.43 -22.86
N THR A 93 -17.95 -20.30 -22.52
CA THR A 93 -17.96 -19.77 -21.14
C THR A 93 -19.33 -19.16 -20.89
N ILE A 94 -20.23 -19.94 -20.32
CA ILE A 94 -21.57 -19.49 -20.00
C ILE A 94 -21.59 -18.77 -18.67
N GLY A 109 -6.26 -21.75 -28.15
CA GLY A 109 -6.97 -22.98 -28.43
C GLY A 109 -6.10 -24.06 -29.05
N GLY A 110 -5.67 -25.00 -28.21
CA GLY A 110 -4.85 -26.11 -28.67
C GLY A 110 -5.70 -27.32 -29.00
N LEU A 111 -6.61 -27.68 -28.09
CA LEU A 111 -7.51 -28.79 -28.34
C LEU A 111 -8.60 -28.39 -29.32
N VAL A 112 -8.95 -27.10 -29.37
CA VAL A 112 -9.93 -26.64 -30.35
C VAL A 112 -9.42 -26.89 -31.76
N SER A 113 -8.13 -26.61 -32.00
CA SER A 113 -7.55 -26.85 -33.32
C SER A 113 -7.58 -28.33 -33.67
N ALA A 114 -7.24 -29.20 -32.71
CA ALA A 114 -7.30 -30.63 -32.96
C ALA A 114 -8.72 -31.06 -33.29
N LEU A 115 -9.70 -30.49 -32.59
CA LEU A 115 -11.10 -30.81 -32.81
C LEU A 115 -11.51 -30.55 -34.25
N PHE A 124 -14.44 -37.62 -30.16
CA PHE A 124 -13.89 -36.51 -29.39
C PHE A 124 -15.00 -35.86 -28.58
N THR A 125 -15.35 -36.47 -27.45
CA THR A 125 -16.42 -35.98 -26.60
C THR A 125 -15.81 -35.17 -25.46
N TRP A 126 -16.10 -33.88 -25.43
CA TRP A 126 -15.54 -32.98 -24.44
C TRP A 126 -16.42 -32.94 -23.20
N ILE A 127 -15.79 -33.01 -22.03
CA ILE A 127 -16.47 -32.87 -20.75
C ILE A 127 -15.80 -31.73 -19.99
N GLY A 128 -16.61 -30.87 -19.38
CA GLY A 128 -16.05 -29.73 -18.67
C GLY A 128 -17.11 -29.05 -17.83
N TRP A 129 -16.72 -27.90 -17.30
CA TRP A 129 -17.56 -27.15 -16.38
C TRP A 129 -18.00 -25.83 -17.00
N PRO A 130 -19.28 -25.64 -17.32
CA PRO A 130 -19.71 -24.33 -17.81
C PRO A 130 -19.41 -23.25 -16.79
N GLY A 131 -18.95 -22.11 -17.27
CA GLY A 131 -18.38 -21.09 -16.42
C GLY A 131 -19.20 -20.61 -15.24
N LYS A 132 -20.47 -21.01 -15.16
CA LYS A 132 -21.35 -20.55 -14.09
C LYS A 132 -22.24 -21.69 -13.62
N ASP A 133 -23.04 -21.43 -12.59
CA ASP A 133 -23.95 -22.41 -12.02
C ASP A 133 -25.35 -22.17 -12.57
N ILE A 134 -25.89 -23.16 -13.27
CA ILE A 134 -27.17 -23.06 -13.95
C ILE A 134 -28.21 -23.79 -13.13
N PRO A 135 -29.24 -23.11 -12.60
CA PRO A 135 -30.26 -23.81 -11.81
C PRO A 135 -31.03 -24.80 -12.66
N MET A 136 -31.44 -25.90 -12.02
CA MET A 136 -32.17 -26.96 -12.70
C MET A 136 -33.57 -26.48 -13.09
N ASP A 138 -33.40 -24.70 -16.80
CA ASP A 138 -32.30 -23.99 -17.45
C ASP A 138 -31.14 -24.95 -17.72
N ARG A 139 -30.91 -25.86 -16.78
CA ARG A 139 -29.84 -26.84 -16.98
C ARG A 139 -30.09 -27.69 -18.21
N GLU A 140 -31.34 -28.13 -18.41
CA GLU A 140 -31.64 -28.98 -19.55
C GLU A 140 -31.38 -28.25 -20.86
N THR A 141 -31.87 -27.01 -20.99
CA THR A 141 -31.69 -26.28 -22.24
C THR A 141 -30.23 -25.95 -22.49
N VAL A 142 -29.49 -25.54 -21.45
CA VAL A 142 -28.07 -25.24 -21.63
C VAL A 142 -27.32 -26.50 -22.03
N ASN A 143 -27.62 -27.62 -21.39
CA ASN A 143 -26.95 -28.88 -21.72
C ASN A 143 -27.21 -29.27 -23.16
N ARG A 144 -28.48 -29.19 -23.59
CA ARG A 144 -28.82 -29.57 -24.95
C ARG A 144 -28.18 -28.64 -25.97
N ARG A 145 -28.17 -27.34 -25.69
CA ARG A 145 -27.50 -26.40 -26.60
C ARG A 145 -26.02 -26.69 -26.71
N LEU A 146 -25.37 -26.98 -25.59
CA LEU A 146 -23.94 -27.30 -25.63
C LEU A 146 -23.70 -28.55 -26.47
N LEU A 147 -24.48 -29.61 -26.24
CA LEU A 147 -24.33 -30.81 -27.06
C LEU A 147 -24.49 -30.48 -28.54
N ASP A 148 -25.60 -29.85 -28.89
CA ASP A 148 -25.92 -29.65 -30.30
C ASP A 148 -24.86 -28.79 -30.98
N GLU A 149 -24.51 -27.66 -30.37
CA GLU A 149 -23.58 -26.74 -31.00
C GLU A 149 -22.14 -27.24 -30.97
N TYR A 150 -21.79 -28.14 -30.06
CA TYR A 150 -20.41 -28.57 -29.89
C TYR A 150 -20.31 -30.09 -29.86
N CYS A 152 -18.72 -29.51 -24.62
CA CYS A 152 -19.74 -30.37 -25.19
C CYS A 152 -20.63 -30.95 -24.10
N TYR A 153 -20.03 -31.40 -23.00
CA TYR A 153 -20.76 -31.94 -21.87
C TYR A 153 -20.45 -31.12 -20.62
N PRO A 154 -21.45 -30.67 -19.87
CA PRO A 154 -21.17 -29.81 -18.72
C PRO A 154 -21.08 -30.59 -17.41
N VAL A 155 -20.25 -30.04 -16.52
CA VAL A 155 -20.16 -30.52 -15.13
C VAL A 155 -20.37 -29.31 -14.23
N TYR A 156 -21.45 -29.34 -13.45
CA TYR A 156 -21.88 -28.19 -12.66
C TYR A 156 -21.24 -28.26 -11.28
N LEU A 157 -20.16 -27.51 -11.09
CA LEU A 157 -19.59 -27.31 -9.75
C LEU A 157 -20.25 -26.10 -9.09
N SER A 158 -21.56 -26.23 -8.89
CA SER A 158 -22.36 -25.13 -8.38
C SER A 158 -22.18 -25.01 -6.87
N ASP A 159 -23.00 -24.18 -6.24
CA ASP A 159 -23.03 -24.06 -4.79
C ASP A 159 -21.72 -23.56 -4.22
N GLU A 160 -20.96 -22.80 -5.01
CA GLU A 160 -19.69 -22.23 -4.55
C GLU A 160 -18.68 -23.32 -4.23
N LEU A 161 -18.87 -24.51 -4.77
CA LEU A 161 -17.85 -25.54 -4.66
C LEU A 161 -16.61 -25.15 -5.43
N ALA A 162 -16.79 -24.67 -6.67
CA ALA A 162 -15.68 -24.22 -7.50
C ALA A 162 -15.55 -22.71 -7.53
N ASP A 163 -16.62 -21.99 -7.20
CA ASP A 163 -16.60 -20.54 -7.37
C ASP A 163 -15.41 -19.90 -6.67
N SER A 164 -15.00 -20.44 -5.53
CA SER A 164 -13.89 -19.86 -4.80
C SER A 164 -12.95 -20.87 -4.16
N HIS A 165 -13.17 -22.17 -4.34
CA HIS A 165 -12.33 -23.17 -3.70
C HIS A 165 -11.57 -24.02 -4.70
N TYR A 166 -12.27 -24.72 -5.59
CA TYR A 166 -11.58 -25.53 -6.58
C TYR A 166 -10.75 -24.64 -7.50
N ASN A 167 -11.37 -23.59 -8.04
CA ASN A 167 -10.60 -22.60 -8.79
C ASN A 167 -9.64 -21.86 -7.89
N GLY A 168 -10.03 -21.62 -6.63
CA GLY A 168 -9.11 -21.00 -5.68
C GLY A 168 -7.88 -21.85 -5.41
N PHE A 169 -8.08 -23.15 -5.17
CA PHE A 169 -6.93 -24.05 -4.97
C PHE A 169 -6.08 -24.13 -6.23
N SER A 170 -6.73 -24.28 -7.39
CA SER A 170 -5.97 -24.46 -8.63
C SER A 170 -5.16 -23.20 -8.98
N ASN A 171 -5.77 -22.02 -8.84
CA ASN A 171 -5.15 -20.77 -9.27
C ASN A 171 -4.33 -20.10 -8.18
N SER A 172 -4.41 -20.55 -6.94
CA SER A 172 -3.69 -19.92 -5.85
C SER A 172 -2.69 -20.84 -5.17
N ILE A 173 -2.69 -22.13 -5.48
CA ILE A 173 -1.74 -23.06 -4.89
C ILE A 173 -0.97 -23.78 -5.98
N LEU A 174 -1.69 -24.44 -6.88
CA LEU A 174 -1.03 -25.24 -7.92
C LEU A 174 -0.41 -24.35 -9.00
N TRP A 175 -1.12 -23.31 -9.43
CA TRP A 175 -0.59 -22.46 -10.48
C TRP A 175 0.68 -21.73 -10.08
N PRO A 176 0.75 -21.03 -8.94
CA PRO A 176 2.00 -20.36 -8.58
C PRO A 176 3.15 -21.32 -8.35
N LEU A 177 2.88 -22.52 -7.82
CA LEU A 177 3.96 -23.44 -7.49
C LEU A 177 4.63 -23.98 -8.75
N PHE A 178 3.82 -24.38 -9.75
CA PHE A 178 4.38 -24.96 -10.95
C PHE A 178 5.21 -23.96 -11.74
N HIS A 179 5.08 -22.66 -11.45
CA HIS A 179 5.79 -21.61 -12.16
C HIS A 179 6.84 -20.93 -11.28
N TYR A 180 7.33 -21.63 -10.27
CA TYR A 180 8.39 -21.12 -9.40
C TYR A 180 7.99 -19.79 -8.77
N HIS A 181 6.77 -19.73 -8.27
CA HIS A 181 6.26 -18.54 -7.58
C HIS A 181 5.73 -18.96 -6.21
N PRO A 182 6.62 -19.45 -5.34
CA PRO A 182 6.18 -19.84 -3.99
C PRO A 182 5.69 -18.67 -3.16
N GLY A 183 6.08 -17.45 -3.48
CA GLY A 183 5.59 -16.31 -2.74
C GLY A 183 4.08 -16.14 -2.87
N GLU A 184 3.55 -16.35 -4.07
CA GLU A 184 2.12 -16.24 -4.31
C GLU A 184 1.34 -17.46 -3.86
N MET A 185 2.02 -18.57 -3.56
CA MET A 185 1.33 -19.75 -3.06
C MET A 185 0.90 -19.53 -1.62
N ASN A 186 -0.28 -20.02 -1.28
CA ASN A 186 -0.77 -19.94 0.10
C ASN A 186 -1.72 -21.12 0.33
N PHE A 187 -1.21 -22.18 0.95
CA PHE A 187 -2.02 -23.37 1.16
C PHE A 187 -3.17 -23.08 2.12
N ASP A 188 -4.23 -23.87 1.99
CA ASP A 188 -5.41 -23.72 2.83
C ASP A 188 -6.14 -25.05 2.82
N ALA A 189 -6.15 -25.74 3.96
CA ALA A 189 -6.74 -27.07 4.03
C ALA A 189 -8.24 -27.04 3.76
N ALA A 190 -8.87 -25.87 3.82
CA ALA A 190 -10.28 -25.79 3.44
C ALA A 190 -10.46 -25.96 1.94
N HIS A 191 -9.43 -25.62 1.16
CA HIS A 191 -9.47 -25.74 -0.29
C HIS A 191 -9.09 -27.12 -0.79
N TRP A 192 -8.28 -27.85 -0.02
CA TRP A 192 -7.92 -29.21 -0.38
C TRP A 192 -9.16 -30.10 -0.46
N LEU A 193 -10.05 -29.96 0.52
CA LEU A 193 -11.28 -30.76 0.52
C LEU A 193 -12.15 -30.42 -0.69
N ALA A 194 -12.28 -29.14 -1.01
CA ALA A 194 -13.09 -28.74 -2.16
C ALA A 194 -12.48 -29.25 -3.46
N TYR A 195 -11.16 -29.18 -3.58
CA TYR A 195 -10.48 -29.71 -4.75
C TYR A 195 -10.77 -31.21 -4.91
N ARG A 196 -10.67 -31.95 -3.82
CA ARG A 196 -10.96 -33.39 -3.90
C ARG A 196 -12.41 -33.65 -4.26
N GLU A 197 -13.33 -32.87 -3.70
CA GLU A 197 -14.75 -33.05 -4.01
C GLU A 197 -15.04 -32.74 -5.46
N ALA A 198 -14.43 -31.68 -6.00
CA ALA A 198 -14.65 -31.33 -7.40
C ALA A 198 -14.11 -32.41 -8.32
N ASN A 199 -12.91 -32.91 -8.05
CA ASN A 199 -12.40 -34.01 -8.86
C ASN A 199 -13.28 -35.25 -8.75
N MET A 200 -13.87 -35.46 -7.57
CA MET A 200 -14.79 -36.58 -7.41
C MET A 200 -16.04 -36.39 -8.28
N ARG A 201 -16.55 -35.16 -8.33
CA ARG A 201 -17.68 -34.86 -9.22
C ARG A 201 -17.34 -35.17 -10.68
N PHE A 202 -16.18 -34.68 -11.12
CA PHE A 202 -15.75 -34.96 -12.49
C PHE A 202 -15.65 -36.45 -12.75
N ALA A 203 -15.10 -37.20 -11.79
CA ALA A 203 -14.98 -38.64 -11.95
C ALA A 203 -16.36 -39.29 -12.06
N ASP A 204 -17.31 -38.82 -11.25
CA ASP A 204 -18.67 -39.37 -11.33
C ASP A 204 -19.24 -39.16 -12.73
N VAL A 205 -19.11 -37.94 -13.25
CA VAL A 205 -19.68 -37.64 -14.56
C VAL A 205 -19.03 -38.50 -15.63
N VAL A 206 -17.69 -38.54 -15.63
CA VAL A 206 -16.98 -39.33 -16.64
C VAL A 206 -17.40 -40.79 -16.57
N SER A 207 -17.38 -41.38 -15.37
CA SER A 207 -17.73 -42.78 -15.22
C SER A 207 -19.16 -43.04 -15.67
N SER A 208 -20.06 -42.09 -15.47
CA SER A 208 -21.41 -42.25 -15.99
C SER A 208 -21.40 -42.27 -17.50
N LEU A 209 -20.60 -41.41 -18.12
CA LEU A 209 -20.61 -41.21 -19.57
C LEU A 209 -19.44 -41.89 -20.27
N VAL A 210 -19.02 -43.07 -19.82
CA VAL A 210 -17.93 -43.80 -20.47
C VAL A 210 -18.36 -45.25 -20.65
N GLN A 211 -17.73 -45.93 -21.59
CA GLN A 211 -18.04 -47.29 -21.94
C GLN A 211 -16.83 -48.19 -21.65
N ALA A 212 -16.92 -49.45 -22.08
CA ALA A 212 -15.88 -50.42 -21.83
C ALA A 212 -14.93 -50.49 -23.02
N GLY A 213 -13.64 -50.28 -22.76
CA GLY A 213 -12.65 -50.32 -23.80
C GLY A 213 -12.43 -49.01 -24.51
N ASP A 214 -12.83 -47.89 -23.92
CA ASP A 214 -12.67 -46.58 -24.52
C ASP A 214 -11.34 -45.97 -24.08
N MET A 215 -11.15 -44.68 -24.36
CA MET A 215 -9.95 -43.96 -23.97
C MET A 215 -10.37 -42.68 -23.26
N VAL A 216 -9.64 -42.34 -22.20
CA VAL A 216 -9.87 -41.11 -21.46
C VAL A 216 -8.57 -40.34 -21.41
N TRP A 217 -8.64 -39.05 -21.69
CA TRP A 217 -7.48 -38.16 -21.75
C TRP A 217 -7.79 -36.98 -20.84
N VAL A 218 -7.28 -37.02 -19.62
CA VAL A 218 -7.48 -35.93 -18.67
C VAL A 218 -6.45 -34.84 -18.97
N GLN A 219 -6.83 -33.60 -18.77
CA GLN A 219 -5.95 -32.50 -19.10
C GLN A 219 -5.88 -31.41 -18.07
N ASP A 220 -4.68 -30.87 -17.87
CA ASP A 220 -4.50 -29.69 -17.06
C ASP A 220 -4.19 -30.00 -15.61
N TYR A 221 -3.59 -29.03 -14.94
CA TYR A 221 -3.28 -29.08 -13.52
C TYR A 221 -4.51 -29.02 -12.63
N HIS A 222 -5.72 -29.05 -13.18
CA HIS A 222 -6.92 -29.05 -12.36
C HIS A 222 -7.24 -30.45 -11.87
N LEU A 223 -7.25 -31.42 -12.78
CA LEU A 223 -7.73 -32.77 -12.48
C LEU A 223 -6.55 -33.71 -12.21
N MET A 224 -5.78 -33.43 -11.17
CA MET A 224 -4.61 -34.23 -10.86
C MET A 224 -4.90 -35.42 -9.95
N LEU A 225 -6.13 -35.54 -9.44
CA LEU A 225 -6.57 -36.73 -8.72
C LEU A 225 -7.61 -37.53 -9.48
N LEU A 226 -8.18 -36.98 -10.54
CA LEU A 226 -9.21 -37.70 -11.27
C LEU A 226 -8.75 -39.05 -11.79
N PRO A 227 -7.51 -39.22 -12.29
CA PRO A 227 -7.12 -40.55 -12.76
C PRO A 227 -7.29 -41.62 -11.71
N MET A 228 -6.93 -41.32 -10.46
CA MET A 228 -7.01 -42.31 -9.40
C MET A 228 -8.45 -42.67 -9.08
N LEU A 229 -9.31 -41.65 -8.92
CA LEU A 229 -10.71 -41.91 -8.62
C LEU A 229 -11.37 -42.71 -9.73
N LEU A 230 -11.10 -42.34 -10.98
CA LEU A 230 -11.74 -43.03 -12.09
C LEU A 230 -11.23 -44.46 -12.22
N ARG A 231 -9.95 -44.67 -11.92
CA ARG A 231 -9.42 -46.03 -11.94
C ARG A 231 -10.05 -46.87 -10.82
N SER A 232 -10.26 -46.26 -9.65
CA SER A 232 -10.88 -46.99 -8.55
C SER A 232 -12.31 -47.39 -8.89
N MET A 233 -13.09 -46.44 -9.42
CA MET A 233 -14.46 -46.74 -9.81
C MET A 233 -14.50 -47.94 -10.75
N ILE A 324 -9.97 -50.13 -20.25
CA ILE A 324 -9.98 -48.69 -20.45
C ILE A 324 -8.58 -48.13 -20.22
N ARG A 325 -8.20 -47.16 -21.05
CA ARG A 325 -6.91 -46.49 -20.95
C ARG A 325 -7.11 -45.06 -20.49
N ILE A 326 -6.18 -44.57 -19.69
CA ILE A 326 -6.24 -43.23 -19.13
C ILE A 326 -4.92 -42.53 -19.41
N GLY A 327 -4.99 -41.30 -19.90
CA GLY A 327 -3.81 -40.50 -20.12
C GLY A 327 -4.01 -39.12 -19.53
N PHE A 328 -2.90 -38.52 -19.12
CA PHE A 328 -2.89 -37.21 -18.50
C PHE A 328 -1.82 -36.37 -19.15
N PHE A 329 -2.18 -35.18 -19.61
CA PHE A 329 -1.24 -34.23 -20.17
C PHE A 329 -1.26 -32.96 -19.33
N LEU A 330 -0.06 -32.51 -18.93
CA LEU A 330 0.09 -31.32 -18.11
C LEU A 330 0.60 -30.19 -19.00
N HIS A 331 -0.16 -29.10 -19.05
CA HIS A 331 0.13 -27.99 -19.94
C HIS A 331 1.05 -26.94 -19.33
N THR A 332 1.37 -27.05 -18.05
CA THR A 332 2.28 -26.16 -17.36
C THR A 332 3.60 -26.87 -17.09
N PRO A 333 4.61 -26.15 -16.60
CA PRO A 333 5.86 -26.80 -16.22
C PRO A 333 5.67 -27.67 -14.99
N PHE A 334 6.61 -28.59 -14.77
CA PHE A 334 6.67 -29.29 -13.51
C PHE A 334 7.88 -28.79 -12.73
N PRO A 335 7.69 -28.22 -11.54
CA PRO A 335 8.80 -27.56 -10.87
C PRO A 335 9.86 -28.53 -10.41
N SER A 336 11.05 -27.97 -10.16
CA SER A 336 12.17 -28.77 -9.67
C SER A 336 11.79 -29.47 -8.37
N SER A 337 12.60 -30.47 -8.00
CA SER A 337 12.32 -31.21 -6.79
C SER A 337 12.33 -30.30 -5.56
N GLU A 338 13.32 -29.40 -5.49
CA GLU A 338 13.42 -28.52 -4.32
C GLU A 338 12.26 -27.54 -4.24
N ILE A 339 11.55 -27.29 -5.34
CA ILE A 339 10.42 -26.38 -5.33
C ILE A 339 9.11 -27.13 -5.14
N TYR A 340 9.06 -28.41 -5.48
CA TYR A 340 7.80 -29.14 -5.34
C TYR A 340 7.60 -29.67 -3.94
N ARG A 341 8.68 -29.90 -3.18
CA ARG A 341 8.56 -30.37 -1.82
C ARG A 341 7.90 -29.34 -0.90
N ILE A 342 7.76 -28.09 -1.35
CA ILE A 342 7.06 -27.08 -0.57
C ILE A 342 5.60 -27.46 -0.38
N LEU A 343 5.03 -28.22 -1.30
CA LEU A 343 3.60 -28.48 -1.28
C LEU A 343 3.25 -29.38 -0.10
N PRO A 344 2.35 -28.97 0.80
CA PRO A 344 1.96 -29.87 1.89
C PRO A 344 1.34 -31.18 1.44
N VAL A 345 0.62 -31.17 0.32
CA VAL A 345 -0.19 -32.31 -0.09
C VAL A 345 0.44 -33.00 -1.29
N ARG A 346 1.77 -32.92 -1.37
CA ARG A 346 2.48 -33.39 -2.56
C ARG A 346 2.21 -34.87 -2.84
N ARG A 347 2.31 -35.72 -1.82
CA ARG A 347 2.23 -37.16 -2.06
C ARG A 347 0.87 -37.56 -2.63
N GLU A 348 -0.21 -36.95 -2.12
CA GLU A 348 -1.53 -37.28 -2.64
C GLU A 348 -1.61 -36.99 -4.13
N ILE A 349 -1.04 -35.87 -4.57
CA ILE A 349 -1.10 -35.49 -5.97
C ILE A 349 -0.26 -36.43 -6.82
N LEU A 350 0.97 -36.70 -6.40
CA LEU A 350 1.80 -37.63 -7.17
C LEU A 350 1.15 -38.99 -7.27
N LEU A 351 0.47 -39.44 -6.22
CA LEU A 351 -0.15 -40.76 -6.26
C LEU A 351 -1.44 -40.73 -7.09
N GLY A 352 -2.11 -39.58 -7.13
CA GLY A 352 -3.27 -39.47 -8.00
C GLY A 352 -2.91 -39.51 -9.47
N VAL A 353 -1.80 -38.88 -9.83
CA VAL A 353 -1.40 -38.84 -11.24
C VAL A 353 -0.66 -40.10 -11.67
N LEU A 354 -0.06 -40.84 -10.74
CA LEU A 354 0.69 -42.03 -11.09
C LEU A 354 -0.19 -43.24 -11.40
N GLN A 355 -1.50 -43.03 -11.51
CA GLN A 355 -2.44 -44.10 -11.86
C GLN A 355 -2.82 -44.08 -13.33
N CYS A 356 -2.09 -43.33 -14.15
CA CYS A 356 -2.35 -43.19 -15.57
C CYS A 356 -1.47 -44.14 -16.37
N ASP A 357 -1.98 -44.56 -17.53
CA ASP A 357 -1.18 -45.38 -18.43
C ASP A 357 -0.09 -44.58 -19.12
N LEU A 358 -0.34 -43.29 -19.35
CA LEU A 358 0.59 -42.43 -20.06
C LEU A 358 0.52 -41.04 -19.47
N ILE A 359 1.68 -40.43 -19.28
CA ILE A 359 1.80 -39.05 -18.82
C ILE A 359 2.72 -38.31 -19.77
N GLY A 360 2.30 -37.13 -20.20
CA GLY A 360 3.06 -36.38 -21.18
C GLY A 360 3.32 -34.97 -20.70
N PHE A 361 4.44 -34.42 -21.17
CA PHE A 361 4.84 -33.07 -20.84
C PHE A 361 5.36 -32.38 -22.10
N HIS A 362 5.29 -31.05 -22.10
CA HIS A 362 5.68 -30.29 -23.28
C HIS A 362 7.15 -30.50 -23.60
N THR A 363 8.02 -30.47 -22.59
CA THR A 363 9.45 -30.58 -22.78
C THR A 363 10.00 -31.72 -21.95
N TYR A 364 11.21 -32.15 -22.30
CA TYR A 364 11.82 -33.27 -21.62
C TYR A 364 12.24 -32.92 -20.20
N ASP A 365 12.59 -31.66 -19.95
CA ASP A 365 12.99 -31.26 -18.61
C ASP A 365 11.84 -31.40 -17.63
N TYR A 366 10.62 -31.14 -18.08
CA TYR A 366 9.46 -31.36 -17.22
C TYR A 366 9.37 -32.82 -16.80
N ALA A 367 9.61 -33.74 -17.73
CA ALA A 367 9.59 -35.16 -17.40
C ALA A 367 10.72 -35.52 -16.44
N ARG A 368 11.91 -34.98 -16.67
CA ARG A 368 13.03 -35.23 -15.77
C ARG A 368 12.68 -34.79 -14.35
N HIS A 369 12.12 -33.59 -14.21
CA HIS A 369 11.79 -33.07 -12.90
C HIS A 369 10.67 -33.87 -12.25
N PHE A 370 9.67 -34.27 -13.03
CA PHE A 370 8.59 -35.09 -12.49
C PHE A 370 9.13 -36.41 -11.96
N LEU A 371 10.03 -37.06 -12.70
CA LEU A 371 10.58 -38.32 -12.25
C LEU A 371 11.44 -38.15 -11.01
N SER A 372 12.25 -37.08 -10.95
CA SER A 372 13.06 -36.86 -9.76
C SER A 372 12.17 -36.58 -8.54
N SER A 373 11.10 -35.82 -8.72
CA SER A 373 10.17 -35.62 -7.62
C SER A 373 9.54 -36.94 -7.19
N CYS A 374 9.22 -37.81 -8.14
CA CYS A 374 8.70 -39.12 -7.78
C CYS A 374 9.71 -39.90 -6.95
N THR A 375 10.97 -39.88 -7.34
CA THR A 375 11.96 -40.68 -6.62
C THR A 375 12.43 -40.03 -5.33
N ARG A 376 12.05 -38.77 -5.06
CA ARG A 376 12.39 -38.11 -3.81
C ARG A 376 11.21 -37.92 -2.88
N ILE A 377 10.08 -37.39 -3.37
CA ILE A 377 8.91 -37.25 -2.51
C ILE A 377 8.40 -38.62 -2.10
N LEU A 378 8.21 -39.51 -3.06
CA LEU A 378 7.95 -40.91 -2.78
C LEU A 378 9.29 -41.63 -2.66
N GLY A 379 9.26 -42.96 -2.62
CA GLY A 379 10.47 -43.76 -2.64
C GLY A 379 10.65 -44.61 -3.88
N LEU A 380 9.87 -44.37 -4.93
CA LEU A 380 9.88 -45.25 -6.09
C LEU A 380 11.20 -45.15 -6.85
N GLU A 381 11.48 -46.18 -7.63
CA GLU A 381 12.62 -46.22 -8.52
C GLU A 381 12.14 -45.98 -9.95
N THR A 382 12.83 -45.11 -10.67
CA THR A 382 12.36 -44.59 -11.94
C THR A 382 13.27 -45.04 -13.07
N GLN A 383 12.67 -45.50 -14.16
CA GLN A 383 13.40 -45.62 -15.41
C GLN A 383 13.41 -44.27 -16.12
N PRO A 384 14.30 -44.08 -17.10
CA PRO A 384 14.36 -42.79 -17.78
C PRO A 384 13.08 -42.44 -18.52
N ASN A 385 12.21 -43.42 -18.79
CA ASN A 385 11.02 -43.20 -19.60
C ASN A 385 9.82 -43.92 -19.00
N GLY A 386 9.70 -43.92 -17.68
CA GLY A 386 8.53 -44.51 -17.05
C GLY A 386 8.79 -44.90 -15.62
N ILE A 387 7.70 -45.32 -14.97
CA ILE A 387 7.67 -45.71 -13.57
C ILE A 387 7.02 -47.09 -13.48
N GLU A 388 7.45 -47.87 -12.49
CA GLU A 388 6.86 -49.17 -12.22
C GLU A 388 6.39 -49.21 -10.78
N PHE A 389 5.13 -49.55 -10.57
CA PHE A 389 4.57 -49.62 -9.23
C PHE A 389 3.29 -50.40 -9.18
N ASP A 390 3.06 -51.13 -8.09
CA ASP A 390 1.83 -51.90 -7.91
C ASP A 390 1.60 -52.84 -9.09
N GLY A 391 2.68 -53.44 -9.59
CA GLY A 391 2.55 -54.37 -10.70
C GLY A 391 2.04 -53.75 -11.98
N ARG A 392 2.20 -52.45 -12.15
CA ARG A 392 1.76 -51.77 -13.37
C ARG A 392 2.83 -50.76 -13.77
N TYR A 393 2.78 -50.34 -15.02
CA TYR A 393 3.74 -49.40 -15.58
C TYR A 393 3.01 -48.11 -15.96
N CYS A 394 3.61 -46.97 -15.61
CA CYS A 394 3.12 -45.66 -16.00
C CYS A 394 4.20 -45.00 -16.85
N GLN A 395 3.90 -44.79 -18.14
CA GLN A 395 4.90 -44.28 -19.06
C GLN A 395 4.92 -42.75 -19.04
N VAL A 396 6.11 -42.19 -19.26
CA VAL A 396 6.34 -40.76 -19.26
C VAL A 396 7.00 -40.38 -20.59
N GLY A 397 6.45 -39.36 -21.24
CA GLY A 397 6.96 -38.94 -22.54
C GLY A 397 6.79 -37.45 -22.74
N THR A 398 7.25 -36.99 -23.90
CA THR A 398 7.18 -35.58 -24.28
C THR A 398 6.39 -35.45 -25.57
N PHE A 399 5.46 -34.49 -25.60
CA PHE A 399 4.62 -34.25 -26.77
C PHE A 399 4.48 -32.74 -26.97
N PRO A 400 5.40 -32.13 -27.70
CA PRO A 400 5.30 -30.68 -27.93
C PRO A 400 4.01 -30.32 -28.65
N ILE A 401 3.44 -29.19 -28.28
CA ILE A 401 2.14 -28.78 -28.76
C ILE A 401 2.31 -27.76 -29.87
N GLY A 402 1.23 -27.48 -30.60
CA GLY A 402 1.26 -26.50 -31.66
C GLY A 402 -0.08 -25.83 -31.86
N ILE A 403 -0.29 -25.25 -33.04
CA ILE A 403 -1.52 -24.56 -33.40
C ILE A 403 -2.01 -25.10 -34.73
N ASP A 404 -3.09 -24.50 -35.23
CA ASP A 404 -3.54 -24.74 -36.60
C ASP A 404 -3.12 -23.55 -37.45
N PRO A 405 -1.95 -23.58 -38.10
CA PRO A 405 -1.45 -22.38 -38.78
C PRO A 405 -2.31 -21.95 -39.96
N ASN A 406 -3.05 -22.88 -40.58
CA ASN A 406 -3.88 -22.50 -41.73
C ASN A 406 -4.93 -21.48 -41.35
N GLN A 407 -5.32 -21.44 -40.07
CA GLN A 407 -6.33 -20.48 -39.64
C GLN A 407 -5.89 -19.06 -39.92
N PHE A 408 -4.67 -18.71 -39.54
CA PHE A 408 -4.23 -17.32 -39.66
C PHE A 408 -3.91 -16.95 -41.10
N ILE A 409 -3.36 -17.88 -41.88
CA ILE A 409 -3.13 -17.61 -43.29
C ILE A 409 -4.46 -17.39 -44.02
N GLU A 410 -5.40 -18.33 -43.85
CA GLU A 410 -6.67 -18.24 -44.53
C GLU A 410 -7.49 -17.04 -44.06
N GLY A 411 -7.29 -16.61 -42.81
CA GLY A 411 -7.95 -15.40 -42.36
C GLY A 411 -7.27 -14.14 -42.81
N LEU A 412 -5.95 -14.21 -43.05
CA LEU A 412 -5.21 -13.03 -43.48
C LEU A 412 -5.31 -12.81 -44.97
N GLN A 413 -5.79 -13.79 -45.72
CA GLN A 413 -6.19 -13.58 -47.11
C GLN A 413 -7.70 -13.35 -47.24
N LYS A 414 -8.31 -12.77 -46.21
CA LYS A 414 -9.74 -12.46 -46.19
C LYS A 414 -9.99 -11.03 -46.65
N GLU A 415 -11.27 -10.72 -46.89
CA GLU A 415 -11.63 -9.40 -47.35
C GLU A 415 -11.69 -8.40 -46.21
N SER A 416 -12.54 -8.66 -45.22
CA SER A 416 -12.74 -7.71 -44.14
C SER A 416 -11.49 -7.55 -43.28
N ILE A 417 -10.69 -8.61 -43.14
CA ILE A 417 -9.47 -8.50 -42.36
C ILE A 417 -8.44 -7.65 -43.07
N VAL A 418 -8.31 -7.83 -44.38
CA VAL A 418 -7.22 -7.18 -45.11
C VAL A 418 -7.36 -5.67 -45.06
N LYS A 419 -8.58 -5.16 -45.27
CA LYS A 419 -8.73 -3.71 -45.32
C LYS A 419 -8.51 -3.08 -43.96
N ARG A 420 -8.87 -3.77 -42.88
CA ARG A 420 -8.54 -3.26 -41.55
C ARG A 420 -7.02 -3.21 -41.35
N LEU A 421 -6.31 -4.20 -41.87
CA LEU A 421 -4.86 -4.17 -41.81
C LEU A 421 -4.30 -3.00 -42.59
N ARG A 422 -4.86 -2.73 -43.77
CA ARG A 422 -4.41 -1.59 -44.56
C ARG A 422 -4.67 -0.29 -43.83
N SER A 423 -5.83 -0.16 -43.19
CA SER A 423 -6.14 1.05 -42.43
C SER A 423 -5.17 1.21 -41.27
N LEU A 424 -4.85 0.13 -40.57
CA LEU A 424 -3.89 0.22 -39.47
C LEU A 424 -2.52 0.62 -39.96
N GLU A 425 -2.08 0.06 -41.10
CA GLU A 425 -0.79 0.44 -41.66
C GLU A 425 -0.78 1.91 -42.07
N ALA A 426 -1.90 2.39 -42.60
CA ALA A 426 -1.99 3.81 -42.95
C ALA A 426 -1.88 4.68 -41.70
N ARG A 427 -2.55 4.28 -40.62
CA ARG A 427 -2.47 5.05 -39.38
C ARG A 427 -1.04 5.10 -38.85
N PHE A 428 -0.34 3.96 -38.87
CA PHE A 428 1.04 3.87 -38.39
C PHE A 428 1.98 3.93 -39.59
N GLU A 429 2.24 5.15 -40.04
CA GLU A 429 3.18 5.40 -41.13
C GLU A 429 4.39 6.10 -40.57
N GLY A 430 5.57 5.52 -40.79
CA GLY A 430 6.77 6.01 -40.16
C GLY A 430 6.93 5.59 -38.72
N VAL A 431 6.11 4.66 -38.24
CA VAL A 431 6.16 4.17 -36.87
C VAL A 431 6.27 2.65 -36.91
N LYS A 432 7.06 2.10 -36.01
CA LYS A 432 7.24 0.65 -35.89
C LYS A 432 6.42 0.14 -34.73
N VAL A 433 5.58 -0.86 -34.98
CA VAL A 433 4.67 -1.39 -33.99
C VAL A 433 5.26 -2.68 -33.43
N ILE A 434 5.74 -2.61 -32.19
CA ILE A 434 6.00 -3.81 -31.41
C ILE A 434 4.68 -4.26 -30.80
N ILE A 435 4.50 -5.56 -30.62
CA ILE A 435 3.24 -6.07 -30.10
C ILE A 435 3.50 -7.02 -28.95
N GLY A 436 2.54 -7.07 -28.03
CA GLY A 436 2.52 -8.07 -26.99
C GLY A 436 1.10 -8.49 -26.75
N VAL A 437 0.84 -9.80 -26.69
CA VAL A 437 -0.49 -10.32 -26.44
C VAL A 437 -0.36 -11.33 -25.32
N ASP A 438 -0.99 -11.05 -24.19
CA ASP A 438 -0.84 -11.89 -23.02
C ASP A 438 -2.06 -11.74 -22.13
N ARG A 439 -2.22 -12.69 -21.21
CA ARG A 439 -3.17 -12.51 -20.12
C ARG A 439 -2.49 -11.76 -18.98
N LEU A 440 -3.29 -11.25 -18.05
CA LEU A 440 -2.74 -10.54 -16.89
C LEU A 440 -2.30 -11.55 -15.83
N ASP A 441 -1.28 -12.32 -16.19
CA ASP A 441 -0.62 -13.21 -15.25
C ASP A 441 0.69 -12.61 -14.79
N TYR A 442 1.09 -12.98 -13.58
CA TYR A 442 2.41 -12.60 -13.08
C TYR A 442 3.52 -13.47 -13.65
N ILE A 443 3.18 -14.53 -14.40
CA ILE A 443 4.17 -15.34 -15.09
C ILE A 443 4.48 -14.82 -16.47
N LYS A 444 3.98 -13.65 -16.85
CA LYS A 444 4.13 -13.12 -18.19
C LYS A 444 5.12 -11.96 -18.28
N GLY A 445 5.68 -11.53 -17.16
CA GLY A 445 6.76 -10.54 -17.21
C GLY A 445 6.39 -9.27 -17.96
N ILE A 446 5.20 -8.74 -17.73
CA ILE A 446 4.76 -7.52 -18.43
C ILE A 446 5.47 -6.31 -17.85
N PRO A 447 5.60 -6.21 -16.53
CA PRO A 447 6.43 -5.12 -15.98
C PRO A 447 7.84 -5.10 -16.55
N GLN A 448 8.40 -6.27 -16.82
CA GLN A 448 9.70 -6.33 -17.47
C GLN A 448 9.64 -5.80 -18.89
N LYS A 449 8.56 -6.11 -19.61
CA LYS A 449 8.37 -5.52 -20.93
C LYS A 449 8.42 -4.01 -20.88
N LEU A 450 7.64 -3.42 -19.97
CA LEU A 450 7.55 -1.97 -19.90
C LEU A 450 8.88 -1.35 -19.46
N GLN A 451 9.56 -1.99 -18.50
CA GLN A 451 10.85 -1.49 -18.07
C GLN A 451 11.89 -1.57 -19.18
N ALA A 452 11.84 -2.63 -20.00
CA ALA A 452 12.75 -2.74 -21.12
C ALA A 452 12.48 -1.66 -22.17
N LEU A 453 11.20 -1.39 -22.45
CA LEU A 453 10.89 -0.31 -23.37
C LEU A 453 11.40 1.02 -22.84
N GLU A 454 11.20 1.28 -21.54
CA GLU A 454 11.69 2.52 -20.96
C GLU A 454 13.21 2.62 -21.05
N THR A 455 13.91 1.52 -20.79
CA THR A 455 15.37 1.53 -20.94
C THR A 455 15.78 1.81 -22.37
N PHE A 456 15.09 1.19 -23.33
CA PHE A 456 15.42 1.41 -24.73
C PHE A 456 15.25 2.87 -25.11
N LEU A 457 14.15 3.49 -24.68
CA LEU A 457 13.90 4.87 -25.06
C LEU A 457 14.79 5.84 -24.30
N THR A 458 15.17 5.51 -23.07
CA THR A 458 16.15 6.33 -22.35
C THR A 458 17.52 6.24 -23.00
N GLN A 459 17.84 5.11 -23.62
CA GLN A 459 19.14 4.92 -24.23
C GLN A 459 19.19 5.36 -25.69
N HIS A 460 18.06 5.39 -26.38
CA HIS A 460 18.00 5.75 -27.80
C HIS A 460 16.94 6.82 -28.00
N PRO A 461 17.27 8.08 -27.68
CA PRO A 461 16.28 9.16 -27.86
C PRO A 461 15.81 9.31 -29.29
N GLU A 462 16.60 8.88 -30.27
CA GLU A 462 16.20 9.03 -31.67
C GLU A 462 14.90 8.32 -31.97
N TRP A 463 14.52 7.33 -31.16
CA TRP A 463 13.36 6.49 -31.43
C TRP A 463 12.12 6.93 -30.67
N ILE A 464 12.17 8.06 -29.99
CA ILE A 464 10.99 8.54 -29.27
C ILE A 464 10.02 9.09 -30.29
N GLY A 465 8.86 8.45 -30.43
CA GLY A 465 7.87 8.83 -31.41
C GLY A 465 7.84 7.95 -32.64
N LYS A 466 8.87 7.14 -32.86
CA LYS A 466 8.96 6.29 -34.04
C LYS A 466 8.80 4.81 -33.72
N VAL A 467 8.49 4.46 -32.47
CA VAL A 467 8.12 3.11 -32.08
C VAL A 467 6.96 3.20 -31.12
N VAL A 468 6.01 2.26 -31.25
CA VAL A 468 4.88 2.15 -30.35
C VAL A 468 4.73 0.69 -29.97
N LEU A 469 4.49 0.44 -28.68
CA LEU A 469 4.25 -0.90 -28.17
C LEU A 469 2.75 -1.05 -27.93
N VAL A 470 2.12 -1.99 -28.63
CA VAL A 470 0.70 -2.28 -28.46
C VAL A 470 0.61 -3.51 -27.58
N GLN A 471 0.04 -3.36 -26.39
CA GLN A 471 -0.02 -4.42 -25.39
C GLN A 471 -1.46 -4.78 -25.12
N LEU A 472 -1.85 -6.00 -25.47
CA LEU A 472 -3.20 -6.49 -25.24
C LEU A 472 -3.16 -7.46 -24.06
N ALA A 473 -3.74 -7.04 -22.94
CA ALA A 473 -3.72 -7.79 -21.70
C ALA A 473 -5.13 -8.31 -21.44
N ILE A 474 -5.39 -9.54 -21.86
CA ILE A 474 -6.73 -10.13 -21.70
C ILE A 474 -7.08 -10.16 -20.22
N PRO A 475 -8.33 -9.88 -19.84
CA PRO A 475 -8.70 -10.04 -18.43
C PRO A 475 -8.47 -11.47 -17.96
N SER A 476 -8.02 -11.59 -16.72
CA SER A 476 -7.51 -12.82 -16.14
C SER A 476 -8.40 -13.23 -14.98
N ARG A 477 -7.89 -14.16 -14.17
CA ARG A 477 -8.65 -14.62 -13.01
C ARG A 477 -8.77 -13.45 -12.05
N GLN A 478 -9.84 -12.66 -12.20
CA GLN A 478 -9.92 -11.38 -11.51
C GLN A 478 -10.37 -11.51 -10.07
N ASP A 479 -10.92 -12.65 -9.68
CA ASP A 479 -11.31 -12.87 -8.29
C ASP A 479 -10.10 -13.11 -7.40
N VAL A 480 -9.06 -13.75 -7.93
CA VAL A 480 -7.86 -13.97 -7.16
C VAL A 480 -7.24 -12.64 -6.76
N GLU A 481 -6.85 -12.52 -5.49
CA GLU A 481 -6.40 -11.24 -4.96
C GLU A 481 -5.01 -10.85 -5.45
N GLU A 482 -4.23 -11.80 -5.95
CA GLU A 482 -2.92 -11.45 -6.52
C GLU A 482 -3.05 -10.86 -7.92
N TYR A 483 -4.12 -11.17 -8.63
CA TYR A 483 -4.35 -10.59 -9.94
C TYR A 483 -4.94 -9.19 -9.89
N GLN A 484 -5.45 -8.78 -8.73
CA GLN A 484 -5.94 -7.42 -8.56
C GLN A 484 -4.82 -6.44 -8.25
N ASP A 485 -3.71 -6.90 -7.69
CA ASP A 485 -2.57 -6.05 -7.43
C ASP A 485 -1.62 -5.99 -8.61
N LEU A 486 -1.49 -7.08 -9.36
CA LEU A 486 -0.73 -7.05 -10.60
C LEU A 486 -1.32 -6.05 -11.58
N ARG A 487 -2.65 -6.01 -11.67
CA ARG A 487 -3.30 -5.04 -12.54
C ARG A 487 -2.93 -3.62 -12.13
N ALA A 488 -2.96 -3.33 -10.84
CA ALA A 488 -2.62 -1.99 -10.38
C ALA A 488 -1.17 -1.65 -10.68
N CYS A 489 -0.27 -2.62 -10.49
CA CYS A 489 1.14 -2.39 -10.81
C CYS A 489 1.32 -2.06 -12.28
N VAL A 490 0.64 -2.80 -13.16
CA VAL A 490 0.79 -2.57 -14.59
C VAL A 490 0.17 -1.23 -14.98
N ASN A 491 -0.95 -0.86 -14.35
CA ASN A 491 -1.54 0.44 -14.62
C ASN A 491 -0.59 1.56 -14.23
N GLU A 492 0.04 1.44 -13.07
CA GLU A 492 1.01 2.47 -12.65
C GLU A 492 2.19 2.53 -13.60
N LEU A 493 2.68 1.37 -14.05
CA LEU A 493 3.82 1.37 -14.97
C LEU A 493 3.47 2.05 -16.29
N VAL A 494 2.32 1.69 -16.86
CA VAL A 494 1.88 2.31 -18.10
C VAL A 494 1.76 3.81 -17.92
N GLY A 495 1.11 4.25 -16.85
CA GLY A 495 0.94 5.67 -16.63
C GLY A 495 2.27 6.39 -16.51
N ARG A 496 3.19 5.83 -15.73
CA ARG A 496 4.46 6.51 -15.50
C ARG A 496 5.27 6.62 -16.79
N ILE A 497 5.33 5.54 -17.57
CA ILE A 497 6.13 5.57 -18.79
C ILE A 497 5.50 6.51 -19.82
N ASN A 498 4.17 6.45 -19.97
CA ASN A 498 3.50 7.35 -20.90
C ASN A 498 3.74 8.80 -20.50
N GLY A 499 3.72 9.10 -19.20
CA GLY A 499 4.01 10.45 -18.76
C GLY A 499 5.43 10.87 -19.02
N ARG A 500 6.39 9.96 -18.79
CA ARG A 500 7.79 10.33 -18.98
C ARG A 500 8.11 10.61 -20.44
N PHE A 501 7.63 9.75 -21.34
CA PHE A 501 7.99 9.86 -22.75
C PHE A 501 6.89 10.41 -23.63
N GLY A 502 5.65 10.45 -23.17
CA GLY A 502 4.57 10.93 -23.99
C GLY A 502 4.70 12.40 -24.32
N THR A 503 4.05 12.78 -25.41
CA THR A 503 3.98 14.18 -25.84
C THR A 503 2.54 14.46 -26.24
N VAL A 504 2.30 15.62 -26.84
CA VAL A 504 0.93 16.02 -27.13
C VAL A 504 0.28 15.03 -28.09
N GLU A 505 1.00 14.60 -29.11
CA GLU A 505 0.43 13.83 -30.20
C GLU A 505 0.68 12.33 -30.12
N SER A 506 1.76 11.90 -29.47
CA SER A 506 2.17 10.50 -29.49
C SER A 506 2.15 9.92 -28.08
N VAL A 507 1.86 8.61 -28.01
CA VAL A 507 1.86 7.88 -26.75
C VAL A 507 2.72 6.64 -26.95
N PRO A 508 3.78 6.43 -26.14
CA PRO A 508 4.64 5.26 -26.37
C PRO A 508 3.92 3.93 -26.29
N ILE A 509 2.93 3.78 -25.42
CA ILE A 509 2.29 2.50 -25.13
C ILE A 509 0.80 2.62 -25.43
N HIS A 510 0.29 1.71 -26.25
CA HIS A 510 -1.15 1.56 -26.48
C HIS A 510 -1.56 0.28 -25.75
N TYR A 511 -2.13 0.43 -24.56
CA TYR A 511 -2.41 -0.68 -23.67
C TYR A 511 -3.92 -0.90 -23.63
N MET A 512 -4.35 -2.12 -23.95
CA MET A 512 -5.76 -2.47 -23.98
C MET A 512 -6.00 -3.61 -23.00
N HIS A 513 -6.87 -3.38 -22.02
CA HIS A 513 -7.27 -4.41 -21.07
C HIS A 513 -8.63 -4.96 -21.52
N LYS A 514 -8.59 -5.79 -22.55
CA LYS A 514 -9.81 -6.37 -23.10
C LYS A 514 -9.44 -7.59 -23.93
N SER A 515 -10.47 -8.30 -24.39
CA SER A 515 -10.32 -9.46 -25.25
C SER A 515 -10.84 -9.12 -26.64
N VAL A 516 -10.00 -9.32 -27.65
CA VAL A 516 -10.33 -8.90 -29.01
C VAL A 516 -10.82 -10.10 -29.81
N PRO A 517 -11.79 -9.93 -30.72
CA PRO A 517 -12.19 -11.05 -31.57
C PRO A 517 -11.06 -11.52 -32.47
N PHE A 518 -11.29 -12.58 -33.23
CA PHE A 518 -10.21 -13.17 -34.01
C PHE A 518 -9.73 -12.23 -35.12
N GLU A 519 -10.65 -11.50 -35.74
CA GLU A 519 -10.28 -10.66 -36.87
C GLU A 519 -9.28 -9.59 -36.47
N GLU A 520 -9.60 -8.81 -35.43
CA GLU A 520 -8.68 -7.79 -34.96
C GLU A 520 -7.38 -8.42 -34.50
N LEU A 521 -7.46 -9.60 -33.90
CA LEU A 521 -6.27 -10.28 -33.42
C LEU A 521 -5.31 -10.56 -34.58
N THR A 522 -5.80 -11.18 -35.64
CA THR A 522 -4.94 -11.48 -36.78
C THR A 522 -4.45 -10.21 -37.46
N ALA A 523 -5.31 -9.18 -37.53
CA ALA A 523 -4.89 -7.93 -38.15
C ALA A 523 -3.72 -7.30 -37.40
N MET A 524 -3.78 -7.30 -36.07
CA MET A 524 -2.70 -6.66 -35.31
C MET A 524 -1.51 -7.59 -35.11
N TYR A 525 -1.65 -8.90 -35.33
CA TYR A 525 -0.47 -9.72 -35.60
C TYR A 525 0.21 -9.29 -36.88
N ALA A 526 -0.56 -9.09 -37.95
CA ALA A 526 0.02 -8.76 -39.24
C ALA A 526 0.72 -7.40 -39.21
N LEU A 527 0.12 -6.43 -38.52
CA LEU A 527 0.69 -5.08 -38.50
C LEU A 527 2.02 -5.02 -37.78
N ALA A 528 2.21 -5.84 -36.74
CA ALA A 528 3.36 -5.68 -35.86
C ALA A 528 4.66 -6.06 -36.56
N ASP A 529 5.73 -5.36 -36.21
CA ASP A 529 7.06 -5.64 -36.75
C ASP A 529 7.80 -6.69 -35.92
N ALA A 530 7.76 -6.54 -34.59
CA ALA A 530 8.39 -7.51 -33.69
C ALA A 530 7.39 -7.87 -32.61
N CYS A 531 7.55 -9.08 -32.06
CA CYS A 531 6.76 -9.54 -30.94
C CYS A 531 7.66 -9.69 -29.73
N LEU A 532 7.25 -9.12 -28.61
CA LEU A 532 8.01 -9.17 -27.36
C LEU A 532 7.34 -10.17 -26.43
N VAL A 533 8.04 -11.25 -26.12
CA VAL A 533 7.58 -12.24 -25.15
C VAL A 533 8.60 -12.26 -24.01
N THR A 534 8.17 -11.83 -22.83
CA THR A 534 9.04 -11.72 -21.68
C THR A 534 8.54 -12.58 -20.53
N SER A 535 7.81 -13.65 -20.85
CA SER A 535 7.34 -14.57 -19.83
C SER A 535 8.52 -15.18 -19.09
N THR A 536 8.43 -15.20 -17.77
CA THR A 536 9.51 -15.74 -16.93
C THR A 536 9.41 -17.25 -16.75
N ARG A 537 8.21 -17.80 -16.78
CA ARG A 537 8.00 -19.25 -16.78
C ARG A 537 6.71 -19.54 -17.50
N ASP A 538 6.77 -20.41 -18.50
CA ASP A 538 5.57 -20.77 -19.27
C ASP A 538 5.73 -22.17 -19.81
N GLY A 539 4.65 -22.94 -19.75
CA GLY A 539 4.70 -24.30 -20.29
C GLY A 539 4.91 -24.31 -21.78
N MET A 540 4.15 -23.47 -22.49
CA MET A 540 4.37 -23.24 -23.92
C MET A 540 3.61 -21.99 -24.34
N ASN A 541 4.31 -21.05 -24.96
CA ASN A 541 3.70 -19.80 -25.40
C ASN A 541 3.16 -20.00 -26.81
N LEU A 542 1.85 -20.08 -26.95
CA LEU A 542 1.24 -20.22 -28.27
C LEU A 542 1.12 -18.90 -29.01
N VAL A 543 1.33 -17.77 -28.34
CA VAL A 543 1.29 -16.49 -29.03
C VAL A 543 2.39 -16.42 -30.07
N ALA A 544 3.56 -16.97 -29.76
CA ALA A 544 4.65 -16.95 -30.73
C ALA A 544 4.29 -17.72 -31.99
N TYR A 545 3.63 -18.87 -31.85
CA TYR A 545 3.23 -19.65 -33.00
C TYR A 545 2.31 -18.83 -33.91
N GLU A 546 1.32 -18.18 -33.31
CA GLU A 546 0.33 -17.44 -34.11
C GLU A 546 0.95 -16.22 -34.75
N TYR A 547 1.79 -15.50 -34.01
CA TYR A 547 2.48 -14.36 -34.58
C TYR A 547 3.32 -14.78 -35.78
N ILE A 548 4.07 -15.88 -35.64
CA ILE A 548 4.91 -16.32 -36.74
C ILE A 548 4.07 -16.77 -37.92
N SER A 549 2.92 -17.38 -37.66
CA SER A 549 2.04 -17.79 -38.75
C SER A 549 1.47 -16.60 -39.49
N SER A 550 1.28 -15.48 -38.80
CA SER A 550 0.64 -14.30 -39.38
C SER A 550 1.65 -13.27 -39.89
N GLN A 551 2.80 -13.72 -40.40
CA GLN A 551 3.83 -12.80 -40.85
C GLN A 551 4.45 -13.24 -42.17
N ALA A 552 3.66 -13.88 -43.04
CA ALA A 552 4.21 -14.40 -44.29
C ALA A 552 4.74 -13.27 -45.18
N GLU A 553 4.11 -12.10 -45.12
CA GLU A 553 4.46 -10.98 -45.99
C GLU A 553 5.42 -10.00 -45.33
N ARG A 554 5.30 -9.76 -44.04
CA ARG A 554 6.11 -8.75 -43.37
C ARG A 554 7.37 -9.32 -42.74
N HIS A 555 7.37 -10.60 -42.37
CA HIS A 555 8.53 -11.25 -41.78
C HIS A 555 9.01 -10.48 -40.55
N GLY A 556 8.15 -10.43 -39.54
CA GLY A 556 8.51 -9.75 -38.31
C GLY A 556 9.52 -10.55 -37.49
N SER A 557 10.05 -9.90 -36.47
CA SER A 557 10.99 -10.55 -35.57
C SER A 557 10.27 -11.12 -34.36
N MET A 558 10.94 -12.05 -33.69
CA MET A 558 10.40 -12.73 -32.51
C MET A 558 11.43 -12.65 -31.39
N ILE A 559 11.18 -11.78 -30.41
CA ILE A 559 11.95 -11.76 -29.18
C ILE A 559 11.28 -12.68 -28.18
N LEU A 560 11.99 -13.72 -27.75
CA LEU A 560 11.42 -14.79 -26.96
C LEU A 560 12.25 -15.00 -25.72
N SER A 561 11.59 -15.23 -24.59
CA SER A 561 12.27 -15.50 -23.34
C SER A 561 12.80 -16.93 -23.33
N GLU A 562 13.97 -17.12 -22.75
CA GLU A 562 14.57 -18.45 -22.69
C GLU A 562 13.89 -19.35 -21.68
N PHE A 563 13.01 -18.82 -20.84
CA PHE A 563 12.29 -19.62 -19.86
C PHE A 563 10.89 -20.01 -20.32
N ALA A 564 10.49 -19.64 -21.53
CA ALA A 564 9.25 -20.11 -22.08
C ALA A 564 9.40 -21.57 -22.54
N GLY A 565 8.27 -22.19 -22.87
CA GLY A 565 8.22 -23.61 -23.06
C GLY A 565 9.38 -24.21 -23.82
N ALA A 566 9.49 -23.91 -25.11
CA ALA A 566 10.50 -24.49 -25.98
C ALA A 566 11.28 -23.40 -26.70
N ALA A 567 11.76 -22.42 -25.93
CA ALA A 567 12.48 -21.30 -26.53
C ALA A 567 13.77 -21.75 -27.20
N GLN A 568 14.24 -22.96 -26.92
CA GLN A 568 15.44 -23.47 -27.57
C GLN A 568 15.15 -24.18 -28.89
N SER A 569 13.89 -24.59 -29.12
CA SER A 569 13.52 -25.16 -30.41
C SER A 569 13.37 -24.10 -31.47
N PHE A 570 12.90 -22.91 -31.10
CA PHE A 570 12.81 -21.79 -32.03
C PHE A 570 14.21 -21.38 -32.48
N ASN A 571 14.51 -21.58 -33.76
CA ASN A 571 15.85 -21.31 -34.27
C ASN A 571 16.05 -19.84 -34.62
N GLY A 572 15.04 -19.18 -35.16
CA GLY A 572 15.20 -17.82 -35.63
C GLY A 572 14.70 -16.76 -34.67
N SER A 573 14.54 -17.11 -33.40
CA SER A 573 14.09 -16.16 -32.41
C SER A 573 15.28 -15.45 -31.76
N LEU A 574 14.98 -14.37 -31.05
CA LEU A 574 15.98 -13.60 -30.31
C LEU A 574 15.77 -13.89 -28.83
N LEU A 575 16.66 -14.69 -28.25
CA LEU A 575 16.49 -15.13 -26.88
C LEU A 575 16.85 -14.00 -25.92
N ILE A 576 16.05 -13.85 -24.86
CA ILE A 576 16.29 -12.82 -23.85
C ILE A 576 16.17 -13.43 -22.46
N ASN A 577 16.80 -12.77 -21.51
CA ASN A 577 16.65 -13.08 -20.10
C ASN A 577 15.69 -12.06 -19.51
N PRO A 578 14.47 -12.42 -19.14
CA PRO A 578 13.52 -11.40 -18.66
C PRO A 578 14.02 -10.62 -17.46
N TRP A 579 14.96 -11.17 -16.70
CA TRP A 579 15.46 -10.50 -15.50
C TRP A 579 16.58 -9.52 -15.79
N ASP A 580 17.09 -9.49 -17.01
CA ASP A 580 18.13 -8.54 -17.42
C ASP A 580 17.49 -7.53 -18.37
N VAL A 581 17.14 -6.37 -17.83
CA VAL A 581 16.45 -5.36 -18.63
C VAL A 581 17.32 -4.93 -19.81
N GLN A 582 18.63 -4.82 -19.60
CA GLN A 582 19.52 -4.44 -20.68
C GLN A 582 19.45 -5.45 -21.83
N SER A 583 19.31 -6.73 -21.50
CA SER A 583 19.21 -7.74 -22.55
C SER A 583 17.97 -7.53 -23.41
N THR A 584 16.83 -7.24 -22.78
CA THR A 584 15.61 -7.01 -23.55
C THR A 584 15.71 -5.73 -24.36
N ALA A 585 16.33 -4.69 -23.80
CA ALA A 585 16.50 -3.46 -24.56
C ALA A 585 17.36 -3.68 -25.78
N ASP A 586 18.44 -4.45 -25.64
CA ASP A 586 19.30 -4.73 -26.78
C ASP A 586 18.59 -5.61 -27.80
N ALA A 587 17.75 -6.54 -27.33
CA ALA A 587 16.97 -7.35 -28.26
C ALA A 587 16.00 -6.49 -29.06
N ILE A 588 15.33 -5.54 -28.41
CA ILE A 588 14.44 -4.64 -29.12
C ILE A 588 15.22 -3.81 -30.14
N ASN A 589 16.34 -3.23 -29.72
CA ASN A 589 17.14 -2.44 -30.62
C ASN A 589 17.56 -3.25 -31.85
N GLN A 590 18.04 -4.47 -31.63
CA GLN A 590 18.45 -5.31 -32.75
C GLN A 590 17.27 -5.64 -33.66
N ALA A 591 16.12 -5.96 -33.08
CA ALA A 591 14.97 -6.30 -33.90
C ALA A 591 14.53 -5.13 -34.75
N LEU A 592 14.71 -3.90 -34.26
CA LEU A 592 14.27 -2.73 -35.01
C LEU A 592 15.25 -2.29 -36.08
N THR A 593 16.42 -2.91 -36.18
CA THR A 593 17.43 -2.53 -37.17
C THR A 593 17.97 -3.77 -37.86
N LEU A 594 17.07 -4.64 -38.31
CA LEU A 594 17.43 -5.85 -39.03
C LEU A 594 17.12 -5.66 -40.51
N SER A 595 18.08 -6.00 -41.37
CA SER A 595 17.87 -5.89 -42.79
C SER A 595 16.81 -6.88 -43.25
N PRO A 596 16.10 -6.60 -44.34
CA PRO A 596 15.03 -7.51 -44.77
C PRO A 596 15.50 -8.93 -45.05
N GLN A 597 16.73 -9.12 -45.54
CA GLN A 597 17.19 -10.48 -45.82
C GLN A 597 17.31 -11.29 -44.52
N GLN A 598 17.87 -10.67 -43.47
CA GLN A 598 17.96 -11.36 -42.18
C GLN A 598 16.58 -11.73 -41.68
N ARG A 599 15.64 -10.79 -41.76
CA ARG A 599 14.28 -11.07 -41.35
C ARG A 599 13.73 -12.26 -42.12
N LYS A 600 13.97 -12.31 -43.44
CA LYS A 600 13.41 -13.40 -44.23
C LYS A 600 14.01 -14.74 -43.82
N THR A 601 15.32 -14.80 -43.61
CA THR A 601 15.93 -16.07 -43.22
C THR A 601 15.41 -16.54 -41.87
N ASN A 602 15.39 -15.63 -40.88
CA ASN A 602 14.93 -16.01 -39.56
C ASN A 602 13.48 -16.43 -39.58
N TRP A 603 12.63 -15.71 -40.29
CA TRP A 603 11.22 -16.08 -40.34
C TRP A 603 11.02 -17.38 -41.08
N GLN A 604 11.83 -17.67 -42.10
CA GLN A 604 11.70 -18.96 -42.76
C GLN A 604 12.01 -20.08 -41.80
N LYS A 605 13.08 -19.94 -41.01
CA LYS A 605 13.37 -20.93 -39.98
C LYS A 605 12.16 -21.11 -39.04
N LEU A 606 11.65 -19.99 -38.52
CA LEU A 606 10.59 -20.05 -37.53
C LEU A 606 9.32 -20.66 -38.10
N PHE A 607 8.96 -20.30 -39.34
CA PHE A 607 7.74 -20.84 -39.92
C PHE A 607 7.90 -22.30 -40.28
N ASN A 608 9.08 -22.73 -40.73
CA ASN A 608 9.30 -24.15 -40.92
C ASN A 608 9.02 -24.90 -39.62
N TYR A 609 9.58 -24.42 -38.52
CA TYR A 609 9.32 -25.07 -37.24
C TYR A 609 7.84 -25.08 -36.90
N VAL A 610 7.19 -23.92 -37.01
CA VAL A 610 5.80 -23.79 -36.57
C VAL A 610 4.88 -24.66 -37.42
N SER A 611 5.19 -24.79 -38.70
CA SER A 611 4.36 -25.60 -39.59
C SER A 611 4.60 -27.09 -39.38
N LYS A 612 5.81 -27.48 -39.00
CA LYS A 612 6.07 -28.89 -38.77
C LYS A 612 5.26 -29.42 -37.59
N TYR A 613 5.21 -28.68 -36.49
CA TYR A 613 4.61 -29.15 -35.24
C TYR A 613 3.24 -28.50 -35.07
N THR A 614 2.22 -29.15 -35.65
CA THR A 614 0.85 -28.67 -35.60
C THR A 614 0.22 -29.07 -34.27
N ALA A 615 -1.00 -28.59 -34.03
CA ALA A 615 -1.79 -29.12 -32.92
C ALA A 615 -2.38 -30.47 -33.28
N GLU A 616 -2.68 -30.70 -34.56
CA GLU A 616 -3.16 -32.01 -34.99
C GLU A 616 -2.10 -33.08 -34.76
N ALA A 617 -0.85 -32.78 -35.08
CA ALA A 617 0.22 -33.73 -34.86
C ALA A 617 0.35 -34.09 -33.39
N TRP A 618 0.26 -33.09 -32.51
CA TRP A 618 0.40 -33.35 -31.07
C TRP A 618 -0.67 -34.31 -30.57
N GLY A 619 -1.93 -34.01 -30.86
CA GLY A 619 -3.01 -34.87 -30.40
C GLY A 619 -2.93 -36.26 -31.00
N VAL A 620 -2.66 -36.34 -32.30
CA VAL A 620 -2.61 -37.65 -32.94
C VAL A 620 -1.46 -38.47 -32.38
N SER A 621 -0.31 -37.85 -32.14
CA SER A 621 0.83 -38.58 -31.59
C SER A 621 0.55 -39.07 -30.19
N PHE A 622 -0.06 -38.22 -29.35
CA PHE A 622 -0.38 -38.67 -28.00
C PHE A 622 -1.36 -39.83 -28.02
N VAL A 623 -2.38 -39.75 -28.87
CA VAL A 623 -3.36 -40.84 -28.93
C VAL A 623 -2.72 -42.10 -29.49
N ASN A 624 -1.82 -41.97 -30.45
CA ASN A 624 -1.08 -43.12 -30.95
C ASN A 624 -0.30 -43.80 -29.83
N GLU A 625 0.47 -43.02 -29.07
CA GLU A 625 1.26 -43.60 -27.99
C GLU A 625 0.36 -44.24 -26.94
N LEU A 626 -0.76 -43.59 -26.61
CA LEU A 626 -1.67 -44.14 -25.61
C LEU A 626 -2.27 -45.46 -26.09
N ASN A 627 -2.63 -45.55 -27.37
CA ASN A 627 -3.19 -46.78 -27.89
C ASN A 627 -2.15 -47.89 -27.98
N ARG A 628 -0.91 -47.53 -28.27
CA ARG A 628 0.15 -48.54 -28.40
C ARG A 628 0.49 -49.14 -27.04
N LEU B 83 -44.96 9.73 23.85
CA LEU B 83 -44.40 10.23 22.61
C LEU B 83 -43.84 9.08 21.78
N ILE B 84 -43.10 9.43 20.73
CA ILE B 84 -42.46 8.47 19.85
C ILE B 84 -41.05 8.96 19.56
N VAL B 85 -40.10 8.03 19.56
CA VAL B 85 -38.71 8.32 19.23
C VAL B 85 -38.30 7.43 18.06
N VAL B 86 -37.70 8.04 17.04
CA VAL B 86 -37.29 7.33 15.84
C VAL B 86 -35.78 7.42 15.73
N SER B 87 -35.14 6.28 15.50
CA SER B 87 -33.69 6.25 15.32
C SER B 87 -33.35 5.11 14.38
N ASN B 88 -32.24 5.27 13.66
CA ASN B 88 -31.79 4.21 12.77
C ASN B 88 -31.43 2.96 13.55
N ARG B 89 -30.73 3.13 14.67
CA ARG B 89 -30.38 2.01 15.52
C ARG B 89 -31.60 1.45 16.22
N LEU B 90 -31.35 0.88 17.39
CA LEU B 90 -32.43 0.30 18.20
C LEU B 90 -31.82 -0.13 19.54
N PRO B 91 -32.68 -0.61 20.43
CA PRO B 91 -32.20 -1.06 21.72
C PRO B 91 -31.23 -2.23 21.60
N VAL B 92 -31.41 -3.07 20.60
CA VAL B 92 -30.61 -4.28 20.44
C VAL B 92 -30.04 -4.34 19.03
N THR B 93 -29.37 -5.44 18.69
CA THR B 93 -28.77 -5.63 17.37
C THR B 93 -28.95 -7.10 16.99
N ILE B 94 -30.02 -7.38 16.25
CA ILE B 94 -30.32 -8.74 15.81
C ILE B 94 -29.57 -9.05 14.53
N GLY B 109 -25.01 4.74 25.63
CA GLY B 109 -26.46 4.79 25.73
C GLY B 109 -26.96 6.07 26.38
N GLY B 110 -27.42 7.00 25.55
CA GLY B 110 -27.97 8.25 26.03
C GLY B 110 -29.46 8.19 26.16
N LEU B 111 -30.14 7.69 25.12
CA LEU B 111 -31.59 7.52 25.19
C LEU B 111 -31.97 6.32 26.04
N VAL B 112 -31.07 5.34 26.14
CA VAL B 112 -31.34 4.19 27.02
C VAL B 112 -31.45 4.66 28.47
N SER B 113 -30.56 5.56 28.88
CA SER B 113 -30.61 6.08 30.24
C SER B 113 -31.90 6.85 30.49
N ALA B 114 -32.33 7.67 29.52
CA ALA B 114 -33.59 8.39 29.66
C ALA B 114 -34.75 7.41 29.77
N LEU B 115 -34.71 6.33 29.00
CA LEU B 115 -35.76 5.32 29.02
C LEU B 115 -35.93 4.74 30.42
N PHE B 124 -42.89 6.43 25.54
CA PHE B 124 -41.58 6.34 24.92
C PHE B 124 -41.54 5.11 24.02
N THR B 125 -42.09 5.23 22.82
CA THR B 125 -42.15 4.13 21.87
C THR B 125 -41.01 4.27 20.88
N TRP B 126 -40.09 3.32 20.89
CA TRP B 126 -38.91 3.37 20.05
C TRP B 126 -39.18 2.68 18.71
N ILE B 127 -38.76 3.33 17.62
CA ILE B 127 -38.86 2.78 16.29
C ILE B 127 -37.44 2.77 15.70
N GLY B 128 -37.09 1.67 15.04
CA GLY B 128 -35.76 1.55 14.49
C GLY B 128 -35.64 0.36 13.57
N TRP B 129 -34.42 0.09 13.17
CA TRP B 129 -34.12 -0.96 12.20
C TRP B 129 -33.33 -2.08 12.85
N PRO B 130 -33.90 -3.28 13.02
CA PRO B 130 -33.09 -4.39 13.54
C PRO B 130 -31.91 -4.65 12.64
N GLY B 131 -30.77 -4.93 13.25
CA GLY B 131 -29.50 -4.95 12.55
C GLY B 131 -29.40 -5.83 11.31
N LYS B 132 -30.40 -6.66 11.05
CA LYS B 132 -30.36 -7.58 9.91
C LYS B 132 -31.73 -7.65 9.26
N ASP B 133 -31.81 -8.40 8.16
CA ASP B 133 -33.04 -8.59 7.42
C ASP B 133 -33.66 -9.92 7.81
N ILE B 134 -34.87 -9.88 8.36
CA ILE B 134 -35.55 -11.05 8.89
C ILE B 134 -36.63 -11.47 7.89
N PRO B 135 -36.53 -12.66 7.29
CA PRO B 135 -37.57 -13.07 6.34
C PRO B 135 -38.92 -13.24 7.00
N MET B 136 -39.97 -12.94 6.25
CA MET B 136 -41.34 -13.02 6.76
C MET B 136 -41.74 -14.47 7.00
N ASP B 138 -40.62 -15.54 10.82
CA ASP B 138 -39.52 -15.06 11.65
C ASP B 138 -39.73 -13.60 12.00
N ARG B 139 -40.25 -12.83 11.03
CA ARG B 139 -40.51 -11.42 11.29
C ARG B 139 -41.52 -11.25 12.42
N GLU B 140 -42.57 -12.06 12.43
CA GLU B 140 -43.58 -11.93 13.48
C GLU B 140 -43.00 -12.20 14.85
N THR B 141 -42.25 -13.29 15.00
CA THR B 141 -41.70 -13.63 16.31
C THR B 141 -40.66 -12.61 16.75
N VAL B 142 -39.80 -12.15 15.84
CA VAL B 142 -38.81 -11.13 16.22
C VAL B 142 -39.51 -9.85 16.64
N ASN B 143 -40.53 -9.44 15.89
CA ASN B 143 -41.26 -8.21 16.22
C ASN B 143 -41.91 -8.32 17.59
N ARG B 144 -42.57 -9.45 17.86
CA ARG B 144 -43.24 -9.63 19.13
C ARG B 144 -42.24 -9.66 20.28
N ARG B 145 -41.11 -10.34 20.10
CA ARG B 145 -40.09 -10.37 21.14
C ARG B 145 -39.56 -8.97 21.42
N LEU B 146 -39.30 -8.18 20.36
CA LEU B 146 -38.82 -6.83 20.57
C LEU B 146 -39.84 -6.00 21.34
N LEU B 147 -41.10 -6.07 20.95
CA LEU B 147 -42.13 -5.34 21.69
C LEU B 147 -42.13 -5.74 23.15
N ASP B 148 -42.24 -7.05 23.42
CA ASP B 148 -42.41 -7.51 24.79
C ASP B 148 -41.21 -7.15 25.65
N GLU B 149 -40.00 -7.43 25.15
CA GLU B 149 -38.81 -7.20 25.95
C GLU B 149 -38.46 -5.73 26.08
N TYR B 150 -38.91 -4.88 25.15
CA TYR B 150 -38.51 -3.47 25.13
C TYR B 150 -39.73 -2.56 25.01
N CYS B 152 -37.74 -1.19 20.05
CA CYS B 152 -39.07 -1.62 20.44
C CYS B 152 -39.90 -1.97 19.21
N TYR B 153 -39.81 -1.16 18.17
CA TYR B 153 -40.52 -1.39 16.92
C TYR B 153 -39.51 -1.49 15.79
N PRO B 154 -39.57 -2.52 14.95
CA PRO B 154 -38.57 -2.68 13.89
C PRO B 154 -39.00 -2.09 12.56
N VAL B 155 -38.00 -1.63 11.81
CA VAL B 155 -38.17 -1.20 10.42
C VAL B 155 -37.17 -1.98 9.58
N TYR B 156 -37.68 -2.81 8.68
CA TYR B 156 -36.84 -3.74 7.92
C TYR B 156 -36.39 -3.07 6.63
N LEU B 157 -35.16 -2.57 6.62
CA LEU B 157 -34.53 -2.11 5.38
C LEU B 157 -33.78 -3.28 4.73
N SER B 158 -34.56 -4.29 4.37
CA SER B 158 -34.02 -5.53 3.83
C SER B 158 -33.64 -5.33 2.37
N ASP B 159 -33.30 -6.43 1.69
CA ASP B 159 -33.04 -6.43 0.26
C ASP B 159 -31.84 -5.56 -0.12
N GLU B 160 -30.90 -5.39 0.82
CA GLU B 160 -29.69 -4.62 0.57
C GLU B 160 -30.02 -3.16 0.30
N LEU B 161 -31.19 -2.70 0.73
CA LEU B 161 -31.48 -1.28 0.68
C LEU B 161 -30.58 -0.51 1.62
N ALA B 162 -30.44 -1.01 2.86
CA ALA B 162 -29.57 -0.38 3.85
C ALA B 162 -28.24 -1.10 4.00
N ASP B 163 -28.16 -2.37 3.59
CA ASP B 163 -26.97 -3.16 3.84
C ASP B 163 -25.72 -2.46 3.35
N SER B 164 -25.81 -1.75 2.23
CA SER B 164 -24.63 -1.08 1.69
C SER B 164 -24.90 0.29 1.11
N HIS B 165 -26.12 0.81 1.17
CA HIS B 165 -26.43 2.10 0.56
C HIS B 165 -26.86 3.13 1.60
N TYR B 166 -27.92 2.86 2.35
CA TYR B 166 -28.34 3.81 3.36
C TYR B 166 -27.28 3.96 4.43
N ASN B 167 -26.79 2.84 4.96
CA ASN B 167 -25.65 2.88 5.87
C ASN B 167 -24.40 3.35 5.14
N GLY B 168 -24.26 2.98 3.87
CA GLY B 168 -23.13 3.47 3.08
C GLY B 168 -23.15 4.98 2.91
N PHE B 169 -24.31 5.55 2.55
CA PHE B 169 -24.43 7.00 2.44
C PHE B 169 -24.19 7.67 3.79
N SER B 170 -24.80 7.13 4.85
CA SER B 170 -24.70 7.78 6.16
C SER B 170 -23.27 7.74 6.68
N ASN B 171 -22.58 6.60 6.54
CA ASN B 171 -21.27 6.41 7.13
C ASN B 171 -20.12 6.81 6.22
N SER B 172 -20.39 7.07 4.93
CA SER B 172 -19.34 7.39 3.99
C SER B 172 -19.50 8.78 3.37
N ILE B 173 -20.61 9.47 3.60
CA ILE B 173 -20.80 10.81 3.07
C ILE B 173 -21.14 11.76 4.20
N LEU B 174 -22.19 11.46 4.96
CA LEU B 174 -22.62 12.38 6.01
C LEU B 174 -21.68 12.34 7.22
N TRP B 175 -21.24 11.15 7.62
CA TRP B 175 -20.38 11.05 8.80
C TRP B 175 -19.04 11.75 8.59
N PRO B 176 -18.28 11.50 7.52
CA PRO B 176 -17.00 12.21 7.37
C PRO B 176 -17.17 13.70 7.22
N LEU B 177 -18.23 14.17 6.59
CA LEU B 177 -18.39 15.60 6.34
C LEU B 177 -18.64 16.36 7.63
N PHE B 178 -19.53 15.85 8.47
CA PHE B 178 -19.86 16.54 9.71
C PHE B 178 -18.67 16.64 10.66
N HIS B 179 -17.64 15.83 10.44
CA HIS B 179 -16.46 15.81 11.30
C HIS B 179 -15.23 16.37 10.61
N TYR B 180 -15.42 17.23 9.61
CA TYR B 180 -14.32 17.90 8.92
C TYR B 180 -13.35 16.88 8.34
N HIS B 181 -13.89 15.86 7.70
CA HIS B 181 -13.09 14.83 7.02
C HIS B 181 -13.53 14.72 5.58
N PRO B 182 -13.37 15.78 4.79
CA PRO B 182 -13.76 15.72 3.39
C PRO B 182 -12.95 14.72 2.57
N GLY B 183 -11.75 14.37 3.02
CA GLY B 183 -10.98 13.38 2.30
C GLY B 183 -11.66 12.02 2.25
N GLU B 184 -12.26 11.62 3.37
CA GLU B 184 -12.97 10.34 3.44
C GLU B 184 -14.35 10.38 2.81
N MET B 185 -14.88 11.58 2.52
CA MET B 185 -16.17 11.68 1.87
C MET B 185 -16.04 11.31 0.40
N ASN B 186 -17.05 10.61 -0.12
CA ASN B 186 -17.07 10.25 -1.53
C ASN B 186 -18.53 10.11 -1.96
N PHE B 187 -19.06 11.15 -2.58
CA PHE B 187 -20.46 11.14 -2.96
C PHE B 187 -20.72 10.10 -4.04
N ASP B 188 -21.97 9.63 -4.09
CA ASP B 188 -22.36 8.62 -5.07
C ASP B 188 -23.87 8.74 -5.25
N ALA B 189 -24.31 9.18 -6.43
CA ALA B 189 -25.73 9.41 -6.66
C ALA B 189 -26.55 8.14 -6.56
N ALA B 190 -25.90 6.97 -6.62
CA ALA B 190 -26.62 5.72 -6.42
C ALA B 190 -27.06 5.57 -4.96
N HIS B 191 -26.32 6.18 -4.04
CA HIS B 191 -26.62 6.12 -2.62
C HIS B 191 -27.63 7.16 -2.19
N TRP B 192 -27.71 8.28 -2.89
CA TRP B 192 -28.70 9.30 -2.57
C TRP B 192 -30.11 8.74 -2.71
N LEU B 193 -30.36 7.99 -3.78
CA LEU B 193 -31.68 7.40 -3.99
C LEU B 193 -32.02 6.42 -2.87
N ALA B 194 -31.05 5.58 -2.49
CA ALA B 194 -31.30 4.61 -1.42
C ALA B 194 -31.55 5.30 -0.09
N TYR B 195 -30.80 6.37 0.19
CA TYR B 195 -31.03 7.14 1.40
C TYR B 195 -32.45 7.70 1.42
N ARG B 196 -32.89 8.27 0.30
CA ARG B 196 -34.24 8.81 0.25
C ARG B 196 -35.29 7.71 0.41
N GLU B 197 -35.07 6.55 -0.21
CA GLU B 197 -36.02 5.46 -0.09
C GLU B 197 -36.08 4.94 1.34
N ALA B 198 -34.94 4.84 2.01
CA ALA B 198 -34.95 4.37 3.39
C ALA B 198 -35.68 5.34 4.31
N ASN B 199 -35.42 6.64 4.15
CA ASN B 199 -36.15 7.61 4.95
C ASN B 199 -37.64 7.56 4.63
N MET B 200 -38.00 7.25 3.39
CA MET B 200 -39.40 7.10 3.04
C MET B 200 -40.02 5.90 3.75
N ARG B 201 -39.28 4.79 3.83
CA ARG B 201 -39.74 3.63 4.59
C ARG B 201 -39.99 4.00 6.04
N PHE B 202 -39.02 4.67 6.66
CA PHE B 202 -39.19 5.08 8.06
C PHE B 202 -40.42 5.96 8.22
N ALA B 203 -40.62 6.90 7.29
CA ALA B 203 -41.80 7.77 7.37
C ALA B 203 -43.07 6.97 7.27
N ASP B 204 -43.10 5.97 6.37
CA ASP B 204 -44.29 5.14 6.25
C ASP B 204 -44.59 4.45 7.57
N VAL B 205 -43.58 3.85 8.19
CA VAL B 205 -43.80 3.12 9.44
C VAL B 205 -44.30 4.06 10.52
N VAL B 206 -43.62 5.20 10.69
CA VAL B 206 -44.01 6.16 11.72
C VAL B 206 -45.46 6.60 11.50
N SER B 207 -45.78 7.03 10.28
CA SER B 207 -47.12 7.52 9.99
C SER B 207 -48.17 6.43 10.24
N SER B 208 -47.82 5.17 9.99
CA SER B 208 -48.74 4.09 10.33
C SER B 208 -48.95 4.01 11.83
N LEU B 209 -47.87 4.17 12.60
CA LEU B 209 -47.90 3.96 14.05
C LEU B 209 -47.92 5.26 14.84
N VAL B 210 -48.63 6.28 14.36
CA VAL B 210 -48.73 7.54 15.09
C VAL B 210 -50.20 7.97 15.11
N GLN B 211 -50.54 8.80 16.08
CA GLN B 211 -51.90 9.26 16.30
C GLN B 211 -51.96 10.78 16.10
N ALA B 212 -53.11 11.36 16.43
CA ALA B 212 -53.33 12.78 16.25
C ALA B 212 -53.03 13.53 17.55
N GLY B 213 -52.14 14.51 17.46
CA GLY B 213 -51.76 15.29 18.62
C GLY B 213 -50.63 14.71 19.44
N ASP B 214 -49.84 13.80 18.87
CA ASP B 214 -48.74 13.17 19.58
C ASP B 214 -47.46 13.99 19.34
N MET B 215 -46.32 13.43 19.73
CA MET B 215 -45.03 14.06 19.54
C MET B 215 -44.09 13.06 18.87
N VAL B 216 -43.28 13.55 17.93
CA VAL B 216 -42.28 12.74 17.25
C VAL B 216 -40.94 13.41 17.42
N TRP B 217 -39.93 12.62 17.78
CA TRP B 217 -38.58 13.11 18.03
C TRP B 217 -37.65 12.27 17.17
N VAL B 218 -37.27 12.80 16.02
CA VAL B 218 -36.34 12.10 15.14
C VAL B 218 -34.92 12.35 15.63
N GLN B 219 -34.05 11.36 15.46
CA GLN B 219 -32.71 11.48 15.99
C GLN B 219 -31.63 11.01 15.04
N ASP B 220 -30.51 11.73 15.03
CA ASP B 220 -29.33 11.29 14.33
C ASP B 220 -29.25 11.82 12.91
N TYR B 221 -28.02 11.83 12.39
CA TYR B 221 -27.72 12.22 11.02
C TYR B 221 -28.23 11.22 9.99
N HIS B 222 -28.97 10.19 10.39
CA HIS B 222 -29.50 9.24 9.42
C HIS B 222 -30.80 9.76 8.80
N LEU B 223 -31.71 10.23 9.63
CA LEU B 223 -33.06 10.59 9.18
C LEU B 223 -33.19 12.10 9.00
N MET B 224 -32.41 12.66 8.08
CA MET B 224 -32.42 14.11 7.88
C MET B 224 -33.45 14.56 6.86
N LEU B 225 -34.15 13.63 6.20
CA LEU B 225 -35.28 13.97 5.34
C LEU B 225 -36.61 13.49 5.91
N LEU B 226 -36.59 12.63 6.93
CA LEU B 226 -37.83 12.12 7.48
C LEU B 226 -38.77 13.22 7.96
N PRO B 227 -38.31 14.29 8.60
CA PRO B 227 -39.27 15.32 9.03
C PRO B 227 -40.13 15.84 7.89
N MET B 228 -39.53 16.06 6.72
CA MET B 228 -40.28 16.61 5.59
C MET B 228 -41.30 15.61 5.06
N LEU B 229 -40.88 14.36 4.87
CA LEU B 229 -41.82 13.35 4.38
C LEU B 229 -42.98 13.16 5.35
N LEU B 230 -42.68 13.10 6.65
CA LEU B 230 -43.74 12.86 7.63
C LEU B 230 -44.66 14.06 7.71
N ARG B 231 -44.13 15.28 7.57
CA ARG B 231 -44.99 16.45 7.55
C ARG B 231 -45.87 16.45 6.31
N SER B 232 -45.34 16.02 5.17
CA SER B 232 -46.14 15.98 3.95
C SER B 232 -47.28 14.98 4.09
N MET B 233 -46.97 13.78 4.57
CA MET B 233 -48.00 12.77 4.78
C MET B 233 -49.15 13.33 5.61
N ILE B 324 -49.73 17.67 15.43
CA ILE B 324 -48.55 16.85 15.73
C ILE B 324 -47.31 17.73 15.72
N ARG B 325 -46.40 17.46 16.65
CA ARG B 325 -45.14 18.18 16.76
C ARG B 325 -44.00 17.26 16.37
N ILE B 326 -42.98 17.83 15.73
CA ILE B 326 -41.83 17.08 15.26
C ILE B 326 -40.57 17.79 15.74
N GLY B 327 -39.65 17.02 16.30
CA GLY B 327 -38.37 17.56 16.73
C GLY B 327 -37.25 16.68 16.20
N PHE B 328 -36.10 17.31 15.99
CA PHE B 328 -34.93 16.64 15.45
C PHE B 328 -33.73 17.03 16.29
N PHE B 329 -32.99 16.04 16.78
CA PHE B 329 -31.76 16.28 17.51
C PHE B 329 -30.61 15.64 16.76
N LEU B 330 -29.55 16.41 16.55
CA LEU B 330 -28.36 15.95 15.83
C LEU B 330 -27.25 15.69 16.85
N HIS B 331 -26.77 14.45 16.89
CA HIS B 331 -25.79 14.04 17.88
C HIS B 331 -24.34 14.28 17.45
N THR B 332 -24.10 14.69 16.22
CA THR B 332 -22.79 15.01 15.71
C THR B 332 -22.63 16.52 15.56
N PRO B 333 -21.43 16.99 15.25
CA PRO B 333 -21.26 18.43 14.98
C PRO B 333 -21.94 18.81 13.68
N PHE B 334 -22.17 20.12 13.52
CA PHE B 334 -22.57 20.64 12.23
C PHE B 334 -21.40 21.42 11.65
N PRO B 335 -20.89 21.05 10.48
CA PRO B 335 -19.66 21.65 9.99
C PRO B 335 -19.84 23.11 9.61
N SER B 336 -18.71 23.81 9.54
CA SER B 336 -18.72 25.21 9.15
C SER B 336 -19.35 25.36 7.77
N SER B 337 -19.69 26.61 7.44
CA SER B 337 -20.32 26.86 6.14
C SER B 337 -19.40 26.46 5.00
N GLU B 338 -18.11 26.79 5.10
CA GLU B 338 -17.18 26.47 4.03
C GLU B 338 -16.97 24.98 3.87
N ILE B 339 -17.27 24.19 4.89
CA ILE B 339 -17.11 22.74 4.79
C ILE B 339 -18.42 22.06 4.40
N TYR B 340 -19.56 22.70 4.64
CA TYR B 340 -20.83 22.06 4.30
C TYR B 340 -21.21 22.28 2.84
N ARG B 341 -20.73 23.35 2.22
CA ARG B 341 -21.01 23.60 0.82
C ARG B 341 -20.39 22.55 -0.10
N ILE B 342 -19.48 21.72 0.41
CA ILE B 342 -18.92 20.64 -0.39
C ILE B 342 -19.99 19.64 -0.78
N LEU B 343 -21.03 19.52 0.01
CA LEU B 343 -22.02 18.46 -0.20
C LEU B 343 -22.82 18.75 -1.47
N PRO B 344 -22.84 17.83 -2.45
CA PRO B 344 -23.67 18.06 -3.64
C PRO B 344 -25.15 18.23 -3.35
N VAL B 345 -25.67 17.55 -2.34
CA VAL B 345 -27.11 17.47 -2.11
C VAL B 345 -27.50 18.30 -0.89
N ARG B 346 -26.73 19.36 -0.64
CA ARG B 346 -26.89 20.13 0.60
C ARG B 346 -28.30 20.69 0.74
N ARG B 347 -28.83 21.30 -0.32
CA ARG B 347 -30.10 22.00 -0.18
C ARG B 347 -31.23 21.05 0.18
N GLU B 348 -31.24 19.86 -0.40
CA GLU B 348 -32.29 18.89 -0.09
C GLU B 348 -32.28 18.57 1.40
N ILE B 349 -31.09 18.39 1.97
CA ILE B 349 -30.98 18.04 3.39
C ILE B 349 -31.42 19.20 4.27
N LEU B 350 -30.93 20.42 3.99
CA LEU B 350 -31.35 21.56 4.78
C LEU B 350 -32.86 21.75 4.72
N LEU B 351 -33.46 21.51 3.56
CA LEU B 351 -34.91 21.69 3.44
C LEU B 351 -35.67 20.55 4.09
N GLY B 352 -35.09 19.35 4.14
CA GLY B 352 -35.72 18.26 4.86
C GLY B 352 -35.73 18.49 6.35
N VAL B 353 -34.66 19.06 6.90
CA VAL B 353 -34.59 19.27 8.34
C VAL B 353 -35.29 20.55 8.78
N LEU B 354 -35.49 21.51 7.89
CA LEU B 354 -36.13 22.78 8.23
C LEU B 354 -37.63 22.67 8.36
N GLN B 355 -38.17 21.45 8.32
CA GLN B 355 -39.61 21.23 8.48
C GLN B 355 -39.99 20.81 9.88
N CYS B 356 -39.06 20.95 10.84
CA CYS B 356 -39.28 20.56 12.22
C CYS B 356 -39.69 21.76 13.05
N ASP B 357 -40.45 21.48 14.11
CA ASP B 357 -40.84 22.54 15.04
C ASP B 357 -39.67 22.96 15.92
N LEU B 358 -38.75 22.04 16.21
CA LEU B 358 -37.62 22.29 17.08
C LEU B 358 -36.41 21.52 16.57
N ILE B 359 -35.26 22.16 16.57
CA ILE B 359 -34.00 21.54 16.22
C ILE B 359 -33.00 21.85 17.33
N GLY B 360 -32.30 20.82 17.79
CA GLY B 360 -31.37 20.97 18.89
C GLY B 360 -30.00 20.46 18.55
N PHE B 361 -29.00 21.07 19.20
CA PHE B 361 -27.61 20.68 19.01
C PHE B 361 -26.91 20.65 20.36
N HIS B 362 -25.85 19.87 20.45
CA HIS B 362 -25.15 19.69 21.71
C HIS B 362 -24.57 21.01 22.21
N THR B 363 -23.96 21.79 21.31
CA THR B 363 -23.31 23.04 21.66
C THR B 363 -23.86 24.17 20.84
N TYR B 364 -23.62 25.40 21.31
CA TYR B 364 -24.14 26.58 20.62
C TYR B 364 -23.44 26.83 19.30
N ASP B 365 -22.18 26.45 19.19
CA ASP B 365 -21.46 26.65 17.93
C ASP B 365 -22.07 25.83 16.81
N TYR B 366 -22.57 24.64 17.13
CA TYR B 366 -23.26 23.86 16.11
C TYR B 366 -24.48 24.60 15.59
N ALA B 367 -25.23 25.24 16.48
CA ALA B 367 -26.38 26.03 16.05
C ALA B 367 -25.96 27.22 15.22
N ARG B 368 -24.90 27.91 15.63
CA ARG B 368 -24.40 29.04 14.86
C ARG B 368 -24.05 28.61 13.44
N HIS B 369 -23.32 27.50 13.32
CA HIS B 369 -22.90 27.02 12.00
C HIS B 369 -24.09 26.56 11.17
N PHE B 370 -25.07 25.89 11.80
CA PHE B 370 -26.26 25.48 11.07
C PHE B 370 -27.01 26.69 10.52
N LEU B 371 -27.15 27.74 11.34
CA LEU B 371 -27.86 28.92 10.86
C LEU B 371 -27.10 29.63 9.75
N SER B 372 -25.77 29.73 9.87
CA SER B 372 -25.00 30.37 8.81
C SER B 372 -25.10 29.57 7.51
N SER B 373 -25.05 28.24 7.60
CA SER B 373 -25.25 27.42 6.41
C SER B 373 -26.63 27.65 5.82
N CYS B 374 -27.65 27.80 6.67
CA CYS B 374 -28.98 28.09 6.15
C CYS B 374 -28.99 29.41 5.40
N THR B 375 -28.34 30.44 5.94
CA THR B 375 -28.39 31.74 5.30
C THR B 375 -27.43 31.87 4.12
N ARG B 376 -26.57 30.88 3.90
CA ARG B 376 -25.67 30.90 2.75
C ARG B 376 -26.03 29.86 1.69
N ILE B 377 -26.26 28.61 2.07
CA ILE B 377 -26.66 27.60 1.09
C ILE B 377 -28.02 27.95 0.52
N LEU B 378 -28.99 28.22 1.39
CA LEU B 378 -30.26 28.79 0.98
C LEU B 378 -30.13 30.31 0.98
N GLY B 379 -31.25 31.01 0.85
CA GLY B 379 -31.27 32.45 0.97
C GLY B 379 -32.04 32.98 2.16
N LEU B 380 -32.39 32.12 3.13
CA LEU B 380 -33.26 32.54 4.20
C LEU B 380 -32.57 33.53 5.13
N GLU B 381 -33.38 34.28 5.86
CA GLU B 381 -32.91 35.19 6.90
C GLU B 381 -33.14 34.55 8.26
N THR B 382 -32.13 34.62 9.12
CA THR B 382 -32.10 33.85 10.36
C THR B 382 -32.13 34.79 11.55
N GLN B 383 -32.97 34.46 12.53
CA GLN B 383 -32.84 35.05 13.85
C GLN B 383 -31.79 34.27 14.65
N PRO B 384 -31.28 34.84 15.73
CA PRO B 384 -30.25 34.13 16.51
C PRO B 384 -30.74 32.83 17.11
N ASN B 385 -32.05 32.63 17.21
CA ASN B 385 -32.61 31.45 17.86
C ASN B 385 -33.78 30.88 17.08
N GLY B 386 -33.68 30.88 15.76
CA GLY B 386 -34.72 30.27 14.95
C GLY B 386 -34.73 30.80 13.53
N ILE B 387 -35.58 30.15 12.74
CA ILE B 387 -35.76 30.43 11.32
C ILE B 387 -37.24 30.65 11.06
N GLU B 388 -37.55 31.49 10.08
CA GLU B 388 -38.92 31.73 9.65
C GLU B 388 -39.02 31.46 8.15
N PHE B 389 -39.96 30.62 7.78
CA PHE B 389 -40.15 30.28 6.37
C PHE B 389 -41.49 29.64 6.11
N ASP B 390 -42.07 29.92 4.95
CA ASP B 390 -43.35 29.33 4.57
C ASP B 390 -44.41 29.56 5.64
N GLY B 391 -44.39 30.75 6.23
CA GLY B 391 -45.37 31.09 7.25
C GLY B 391 -45.30 30.23 8.50
N ARG B 392 -44.15 29.63 8.78
CA ARG B 392 -43.95 28.83 9.98
C ARG B 392 -42.59 29.13 10.57
N TYR B 393 -42.42 28.78 11.83
CA TYR B 393 -41.20 29.02 12.57
C TYR B 393 -40.55 27.69 12.94
N CYS B 394 -39.25 27.59 12.74
CA CYS B 394 -38.45 26.44 13.16
C CYS B 394 -37.44 26.93 14.18
N GLN B 395 -37.57 26.48 15.42
CA GLN B 395 -36.72 26.97 16.51
C GLN B 395 -35.43 26.15 16.59
N VAL B 396 -34.36 26.83 16.99
CA VAL B 396 -33.04 26.24 17.11
C VAL B 396 -32.53 26.49 18.53
N GLY B 397 -32.06 25.43 19.19
CA GLY B 397 -31.60 25.54 20.56
C GLY B 397 -30.47 24.58 20.84
N THR B 398 -29.98 24.62 22.07
CA THR B 398 -28.88 23.78 22.54
C THR B 398 -29.36 22.95 23.72
N PHE B 399 -29.06 21.65 23.71
CA PHE B 399 -29.45 20.73 24.77
C PHE B 399 -28.30 19.79 25.06
N PRO B 400 -27.37 20.17 25.94
CA PRO B 400 -26.25 19.28 26.24
C PRO B 400 -26.74 17.96 26.82
N ILE B 401 -26.05 16.89 26.46
CA ILE B 401 -26.46 15.55 26.80
C ILE B 401 -25.64 15.06 28.00
N GLY B 402 -26.09 13.96 28.60
CA GLY B 402 -25.39 13.37 29.71
C GLY B 402 -25.57 11.87 29.80
N ILE B 403 -25.34 11.30 30.97
CA ILE B 403 -25.48 9.87 31.22
C ILE B 403 -26.36 9.67 32.44
N ASP B 404 -26.49 8.41 32.85
CA ASP B 404 -27.10 8.07 34.13
C ASP B 404 -25.99 7.71 35.11
N PRO B 405 -25.47 8.66 35.89
CA PRO B 405 -24.29 8.37 36.71
C PRO B 405 -24.54 7.34 37.79
N ASN B 406 -25.77 7.19 38.25
CA ASN B 406 -26.05 6.22 39.31
C ASN B 406 -25.71 4.81 38.87
N GLN B 407 -25.73 4.55 37.56
CA GLN B 407 -25.42 3.21 37.07
C GLN B 407 -24.03 2.78 37.51
N PHE B 408 -23.04 3.63 37.30
CA PHE B 408 -21.66 3.23 37.57
C PHE B 408 -21.35 3.21 39.06
N ILE B 409 -21.94 4.11 39.84
CA ILE B 409 -21.76 4.06 41.29
C ILE B 409 -22.38 2.79 41.86
N GLU B 410 -23.64 2.53 41.50
CA GLU B 410 -24.33 1.37 42.03
C GLU B 410 -23.71 0.06 41.54
N GLY B 411 -23.08 0.07 40.36
CA GLY B 411 -22.38 -1.10 39.91
C GLY B 411 -21.01 -1.25 40.53
N LEU B 412 -20.39 -0.14 40.92
CA LEU B 412 -19.07 -0.19 41.52
C LEU B 412 -19.12 -0.49 43.00
N GLN B 413 -20.30 -0.40 43.62
CA GLN B 413 -20.50 -0.95 44.96
C GLN B 413 -21.14 -2.34 44.90
N LYS B 414 -20.85 -3.11 43.86
CA LYS B 414 -21.36 -4.45 43.67
C LYS B 414 -20.35 -5.48 44.19
N GLU B 415 -20.81 -6.73 44.30
CA GLU B 415 -19.96 -7.79 44.80
C GLU B 415 -19.02 -8.31 43.73
N SER B 416 -19.57 -8.81 42.62
CA SER B 416 -18.75 -9.43 41.58
C SER B 416 -17.83 -8.41 40.91
N ILE B 417 -18.26 -7.16 40.80
CA ILE B 417 -17.43 -6.14 40.17
C ILE B 417 -16.26 -5.79 41.07
N VAL B 418 -16.50 -5.67 42.37
CA VAL B 418 -15.47 -5.16 43.27
C VAL B 418 -14.27 -6.11 43.32
N LYS B 419 -14.52 -7.42 43.40
CA LYS B 419 -13.39 -8.34 43.53
C LYS B 419 -12.58 -8.41 42.24
N ARG B 420 -13.22 -8.25 41.09
CA ARG B 420 -12.45 -8.17 39.86
C ARG B 420 -11.57 -6.92 39.84
N LEU B 421 -12.08 -5.81 40.38
CA LEU B 421 -11.27 -4.61 40.50
C LEU B 421 -10.09 -4.84 41.42
N ARG B 422 -10.32 -5.54 42.54
CA ARG B 422 -9.22 -5.83 43.45
C ARG B 422 -8.18 -6.72 42.79
N SER B 423 -8.62 -7.72 42.02
CA SER B 423 -7.68 -8.57 41.31
C SER B 423 -6.88 -7.77 40.30
N LEU B 424 -7.53 -6.87 39.57
CA LEU B 424 -6.81 -6.05 38.60
C LEU B 424 -5.79 -5.15 39.29
N GLU B 425 -6.16 -4.56 40.43
CA GLU B 425 -5.22 -3.73 41.17
C GLU B 425 -4.04 -4.54 41.67
N ALA B 426 -4.30 -5.78 42.10
CA ALA B 426 -3.21 -6.66 42.51
C ALA B 426 -2.28 -6.96 41.37
N ARG B 427 -2.84 -7.21 40.18
CA ARG B 427 -1.99 -7.50 39.02
C ARG B 427 -1.13 -6.29 38.66
N PHE B 428 -1.70 -5.08 38.71
CA PHE B 428 -0.97 -3.84 38.39
C PHE B 428 -0.56 -3.18 39.70
N GLU B 429 0.54 -3.65 40.26
CA GLU B 429 1.11 -3.08 41.47
C GLU B 429 2.42 -2.40 41.11
N GLY B 430 2.54 -1.12 41.44
CA GLY B 430 3.67 -0.35 40.99
C GLY B 430 3.58 0.11 39.56
N VAL B 431 2.42 -0.03 38.93
CA VAL B 431 2.21 0.36 37.55
C VAL B 431 0.99 1.28 37.49
N LYS B 432 1.07 2.32 36.65
CA LYS B 432 -0.02 3.26 36.47
C LYS B 432 -0.76 2.93 35.18
N VAL B 433 -2.07 2.77 35.27
CA VAL B 433 -2.88 2.36 34.14
C VAL B 433 -3.56 3.59 33.56
N ILE B 434 -3.11 4.04 32.41
CA ILE B 434 -3.87 4.96 31.58
C ILE B 434 -4.87 4.14 30.78
N ILE B 435 -6.03 4.72 30.49
CA ILE B 435 -7.07 3.98 29.79
C ILE B 435 -7.57 4.80 28.62
N GLY B 436 -8.02 4.09 27.59
CA GLY B 436 -8.74 4.68 26.48
C GLY B 436 -9.83 3.74 26.05
N VAL B 437 -11.05 4.23 25.87
CA VAL B 437 -12.17 3.42 25.43
C VAL B 437 -12.80 4.16 24.25
N ASP B 438 -12.76 3.56 23.07
CA ASP B 438 -13.25 4.23 21.88
C ASP B 438 -13.66 3.19 20.86
N ARG B 439 -14.42 3.63 19.87
CA ARG B 439 -14.65 2.82 18.68
C ARG B 439 -13.51 3.05 17.69
N LEU B 440 -13.41 2.17 16.70
CA LEU B 440 -12.37 2.33 15.67
C LEU B 440 -12.85 3.30 14.61
N ASP B 441 -13.00 4.56 15.03
CA ASP B 441 -13.27 5.66 14.13
C ASP B 441 -12.00 6.46 13.88
N TYR B 442 -11.94 7.08 12.71
CA TYR B 442 -10.87 8.00 12.40
C TYR B 442 -11.07 9.36 13.04
N ILE B 443 -12.23 9.60 13.67
CA ILE B 443 -12.45 10.83 14.42
C ILE B 443 -12.02 10.72 15.86
N LYS B 444 -11.36 9.63 16.25
CA LYS B 444 -11.00 9.38 17.63
C LYS B 444 -9.52 9.57 17.92
N GLY B 445 -8.72 9.88 16.91
CA GLY B 445 -7.32 10.22 17.16
C GLY B 445 -6.55 9.19 17.95
N ILE B 446 -6.71 7.91 17.60
CA ILE B 446 -6.03 6.83 18.32
C ILE B 446 -4.56 6.80 17.91
N PRO B 447 -4.23 6.95 16.63
CA PRO B 447 -2.82 7.08 16.27
C PRO B 447 -2.12 8.20 17.01
N GLN B 448 -2.83 9.31 17.27
CA GLN B 448 -2.26 10.38 18.07
C GLN B 448 -2.03 9.94 19.50
N LYS B 449 -2.95 9.15 20.07
CA LYS B 449 -2.73 8.58 21.39
C LYS B 449 -1.43 7.80 21.43
N LEU B 450 -1.25 6.90 20.48
CA LEU B 450 -0.07 6.04 20.51
C LEU B 450 1.20 6.84 20.27
N GLN B 451 1.16 7.82 19.36
CA GLN B 451 2.33 8.65 19.12
C GLN B 451 2.68 9.49 20.35
N ALA B 452 1.66 9.96 21.08
CA ALA B 452 1.92 10.71 22.30
C ALA B 452 2.54 9.83 23.37
N LEU B 453 2.06 8.60 23.51
CA LEU B 453 2.68 7.68 24.47
C LEU B 453 4.13 7.42 24.09
N GLU B 454 4.39 7.20 22.81
CA GLU B 454 5.77 6.97 22.37
C GLU B 454 6.65 8.17 22.65
N THR B 455 6.14 9.38 22.42
CA THR B 455 6.91 10.58 22.73
C THR B 455 7.19 10.67 24.22
N PHE B 456 6.18 10.37 25.04
CA PHE B 456 6.37 10.43 26.49
C PHE B 456 7.45 9.47 26.95
N LEU B 457 7.43 8.24 26.42
CA LEU B 457 8.41 7.25 26.86
C LEU B 457 9.79 7.53 26.28
N THR B 458 9.87 8.10 25.08
CA THR B 458 11.16 8.51 24.55
C THR B 458 11.74 9.66 25.36
N GLN B 459 10.89 10.51 25.93
CA GLN B 459 11.36 11.66 26.69
C GLN B 459 11.57 11.36 28.17
N HIS B 460 10.90 10.35 28.72
CA HIS B 460 11.00 10.02 30.14
C HIS B 460 11.31 8.52 30.27
N PRO B 461 12.57 8.13 30.08
CA PRO B 461 12.91 6.71 30.21
C PRO B 461 12.61 6.14 31.58
N GLU B 462 12.55 6.96 32.62
CA GLU B 462 12.30 6.45 33.96
C GLU B 462 10.95 5.74 34.06
N TRP B 463 10.04 6.01 33.14
CA TRP B 463 8.68 5.49 33.21
C TRP B 463 8.47 4.26 32.34
N ILE B 464 9.53 3.73 31.73
CA ILE B 464 9.39 2.53 30.91
C ILE B 464 9.20 1.34 31.85
N GLY B 465 8.02 0.73 31.79
CA GLY B 465 7.68 -0.38 32.66
C GLY B 465 6.79 -0.01 33.81
N LYS B 466 6.63 1.28 34.12
CA LYS B 466 5.82 1.74 35.23
C LYS B 466 4.54 2.43 34.79
N VAL B 467 4.25 2.46 33.49
CA VAL B 467 2.97 2.91 32.97
C VAL B 467 2.53 1.96 31.88
N VAL B 468 1.24 1.67 31.84
CA VAL B 468 0.64 0.85 30.79
C VAL B 468 -0.61 1.55 30.29
N LEU B 469 -0.78 1.57 28.98
CA LEU B 469 -1.98 2.13 28.36
C LEU B 469 -2.87 0.97 27.92
N VAL B 470 -4.08 0.93 28.46
CA VAL B 470 -5.06 -0.09 28.11
C VAL B 470 -6.04 0.55 27.14
N GLN B 471 -6.06 0.08 25.90
CA GLN B 471 -6.84 0.68 24.83
C GLN B 471 -7.89 -0.32 24.37
N LEU B 472 -9.16 0.00 24.58
CA LEU B 472 -10.27 -0.84 24.15
C LEU B 472 -10.91 -0.20 22.93
N ALA B 473 -10.73 -0.83 21.77
CA ALA B 473 -11.19 -0.33 20.49
C ALA B 473 -12.36 -1.20 20.02
N ILE B 474 -13.58 -0.77 20.33
CA ILE B 474 -14.76 -1.56 19.97
C ILE B 474 -14.79 -1.74 18.45
N PRO B 475 -15.19 -2.91 17.94
CA PRO B 475 -15.34 -3.03 16.49
C PRO B 475 -16.36 -2.03 15.95
N SER B 476 -16.07 -1.51 14.78
CA SER B 476 -16.73 -0.36 14.18
C SER B 476 -17.42 -0.80 12.89
N ARG B 477 -17.81 0.17 12.08
CA ARG B 477 -18.47 -0.13 10.82
C ARG B 477 -17.43 -0.80 9.93
N GLN B 478 -17.36 -2.13 9.99
CA GLN B 478 -16.26 -2.86 9.40
C GLN B 478 -16.42 -3.07 7.89
N ASP B 479 -17.63 -2.87 7.37
CA ASP B 479 -17.84 -2.98 5.94
C ASP B 479 -17.29 -1.78 5.18
N VAL B 480 -17.33 -0.60 5.80
CA VAL B 480 -16.77 0.59 5.17
C VAL B 480 -15.29 0.39 4.94
N GLU B 481 -14.81 0.75 3.74
CA GLU B 481 -13.44 0.46 3.36
C GLU B 481 -12.44 1.37 4.04
N GLU B 482 -12.86 2.51 4.58
CA GLU B 482 -11.95 3.37 5.32
C GLU B 482 -11.69 2.85 6.72
N TYR B 483 -12.61 2.06 7.28
CA TYR B 483 -12.41 1.47 8.59
C TYR B 483 -11.55 0.22 8.55
N GLN B 484 -11.33 -0.36 7.37
CA GLN B 484 -10.45 -1.50 7.23
C GLN B 484 -8.99 -1.09 7.13
N ASP B 485 -8.72 0.14 6.68
CA ASP B 485 -7.35 0.66 6.62
C ASP B 485 -6.95 1.33 7.92
N LEU B 486 -7.89 1.98 8.61
CA LEU B 486 -7.61 2.52 9.92
C LEU B 486 -7.21 1.41 10.89
N ARG B 487 -7.89 0.27 10.81
CA ARG B 487 -7.54 -0.85 11.66
C ARG B 487 -6.11 -1.30 11.40
N ALA B 488 -5.72 -1.39 10.13
CA ALA B 488 -4.35 -1.81 9.81
C ALA B 488 -3.34 -0.79 10.31
N CYS B 489 -3.64 0.50 10.18
CA CYS B 489 -2.74 1.52 10.67
C CYS B 489 -2.55 1.40 12.18
N VAL B 490 -3.64 1.17 12.92
CA VAL B 490 -3.54 1.06 14.36
C VAL B 490 -2.80 -0.20 14.76
N ASN B 491 -3.02 -1.30 14.03
CA ASN B 491 -2.28 -2.52 14.30
C ASN B 491 -0.78 -2.30 14.12
N GLU B 492 -0.39 -1.64 13.03
CA GLU B 492 1.01 -1.36 12.80
C GLU B 492 1.60 -0.47 13.90
N LEU B 493 0.84 0.54 14.33
CA LEU B 493 1.33 1.43 15.38
C LEU B 493 1.54 0.68 16.69
N VAL B 494 0.56 -0.13 17.08
CA VAL B 494 0.68 -0.92 18.30
C VAL B 494 1.90 -1.83 18.22
N GLY B 495 2.04 -2.55 17.10
CA GLY B 495 3.18 -3.44 16.95
C GLY B 495 4.50 -2.72 17.05
N ARG B 496 4.63 -1.59 16.35
CA ARG B 496 5.90 -0.88 16.33
C ARG B 496 6.26 -0.34 17.71
N ILE B 497 5.30 0.23 18.43
CA ILE B 497 5.59 0.80 19.73
C ILE B 497 5.92 -0.31 20.73
N ASN B 498 5.14 -1.39 20.72
CA ASN B 498 5.42 -2.51 21.61
C ASN B 498 6.81 -3.07 21.34
N GLY B 499 7.20 -3.16 20.07
CA GLY B 499 8.54 -3.63 19.76
C GLY B 499 9.62 -2.68 20.23
N ARG B 500 9.41 -1.38 20.06
CA ARG B 500 10.44 -0.42 20.44
C ARG B 500 10.66 -0.41 21.95
N PHE B 501 9.58 -0.40 22.72
CA PHE B 501 9.69 -0.25 24.17
C PHE B 501 9.45 -1.53 24.95
N GLY B 502 8.88 -2.56 24.33
CA GLY B 502 8.59 -3.77 25.05
C GLY B 502 9.85 -4.50 25.48
N THR B 503 9.69 -5.32 26.51
CA THR B 503 10.76 -6.17 27.02
C THR B 503 10.17 -7.55 27.26
N VAL B 504 10.94 -8.43 27.90
CA VAL B 504 10.50 -9.81 28.04
C VAL B 504 9.21 -9.88 28.84
N GLU B 505 9.12 -9.10 29.92
CA GLU B 505 8.03 -9.25 30.87
C GLU B 505 6.93 -8.21 30.72
N SER B 506 7.22 -7.03 30.19
CA SER B 506 6.27 -5.92 30.16
C SER B 506 5.95 -5.53 28.73
N VAL B 507 4.71 -5.05 28.54
CA VAL B 507 4.25 -4.57 27.25
C VAL B 507 3.66 -3.18 27.46
N PRO B 508 4.15 -2.13 26.78
CA PRO B 508 3.61 -0.78 27.03
C PRO B 508 2.12 -0.65 26.77
N ILE B 509 1.57 -1.34 25.77
CA ILE B 509 0.20 -1.16 25.34
C ILE B 509 -0.54 -2.49 25.45
N HIS B 510 -1.68 -2.47 26.13
CA HIS B 510 -2.60 -3.60 26.16
C HIS B 510 -3.80 -3.20 25.32
N TYR B 511 -3.83 -3.67 24.08
CA TYR B 511 -4.80 -3.25 23.09
C TYR B 511 -5.79 -4.38 22.84
N MET B 512 -7.07 -4.10 23.02
CA MET B 512 -8.13 -5.09 22.85
C MET B 512 -9.09 -4.60 21.77
N HIS B 513 -9.24 -5.39 20.71
CA HIS B 513 -10.20 -5.09 19.65
C HIS B 513 -11.44 -5.96 19.90
N LYS B 514 -12.24 -5.55 20.86
CA LYS B 514 -13.44 -6.29 21.23
C LYS B 514 -14.37 -5.37 22.00
N SER B 515 -15.56 -5.86 22.28
CA SER B 515 -16.55 -5.17 23.08
C SER B 515 -16.73 -5.88 24.41
N VAL B 516 -16.58 -5.15 25.51
CA VAL B 516 -16.56 -5.73 26.84
C VAL B 516 -17.93 -5.54 27.49
N PRO B 517 -18.42 -6.50 28.28
CA PRO B 517 -19.68 -6.30 28.99
C PRO B 517 -19.58 -5.15 29.99
N PHE B 518 -20.69 -4.82 30.65
CA PHE B 518 -20.69 -3.64 31.52
C PHE B 518 -19.79 -3.83 32.72
N GLU B 519 -19.74 -5.04 33.28
CA GLU B 519 -18.99 -5.27 34.51
C GLU B 519 -17.50 -4.99 34.31
N GLU B 520 -16.91 -5.62 33.29
CA GLU B 520 -15.50 -5.37 33.00
C GLU B 520 -15.27 -3.91 32.66
N LEU B 521 -16.23 -3.29 31.98
CA LEU B 521 -16.08 -1.89 31.62
C LEU B 521 -15.95 -1.01 32.85
N THR B 522 -16.87 -1.16 33.81
CA THR B 522 -16.80 -0.35 35.02
C THR B 522 -15.56 -0.69 35.84
N ALA B 523 -15.17 -1.96 35.87
CA ALA B 523 -13.97 -2.34 36.63
C ALA B 523 -12.74 -1.66 36.07
N MET B 524 -12.59 -1.62 34.75
CA MET B 524 -11.40 -1.01 34.16
C MET B 524 -11.50 0.51 34.05
N TYR B 525 -12.70 1.08 34.18
CA TYR B 525 -12.79 2.50 34.53
C TYR B 525 -12.22 2.75 35.92
N ALA B 526 -12.60 1.91 36.89
CA ALA B 526 -12.17 2.14 38.26
C ALA B 526 -10.67 1.98 38.40
N LEU B 527 -10.08 1.00 37.71
CA LEU B 527 -8.65 0.74 37.85
C LEU B 527 -7.79 1.87 37.31
N ALA B 528 -8.25 2.54 36.25
CA ALA B 528 -7.39 3.47 35.53
C ALA B 528 -7.11 4.72 36.36
N ASP B 529 -5.89 5.26 36.19
CA ASP B 529 -5.48 6.48 36.87
C ASP B 529 -5.87 7.73 36.07
N ALA B 530 -5.60 7.71 34.77
CA ALA B 530 -5.95 8.82 33.88
C ALA B 530 -6.66 8.26 32.66
N CYS B 531 -7.52 9.09 32.06
CA CYS B 531 -8.18 8.76 30.82
C CYS B 531 -7.67 9.68 29.73
N LEU B 532 -7.28 9.10 28.60
CA LEU B 532 -6.77 9.84 27.46
C LEU B 532 -7.84 9.88 26.39
N VAL B 533 -8.34 11.09 26.09
CA VAL B 533 -9.29 11.30 25.01
C VAL B 533 -8.61 12.24 24.02
N THR B 534 -8.34 11.73 22.81
CA THR B 534 -7.64 12.48 21.79
C THR B 534 -8.48 12.60 20.53
N SER B 535 -9.80 12.55 20.68
CA SER B 535 -10.71 12.75 19.56
C SER B 535 -10.48 14.10 18.94
N THR B 536 -10.39 14.14 17.61
CA THR B 536 -10.16 15.39 16.88
C THR B 536 -11.45 16.14 16.59
N ARG B 537 -12.57 15.44 16.43
CA ARG B 537 -13.88 16.06 16.30
C ARG B 537 -14.90 15.09 16.85
N ASP B 538 -15.72 15.54 17.79
CA ASP B 538 -16.75 14.68 18.36
C ASP B 538 -17.91 15.54 18.84
N GLY B 539 -19.13 15.07 18.59
CA GLY B 539 -20.29 15.81 19.03
C GLY B 539 -20.38 15.88 20.54
N MET B 540 -20.17 14.76 21.21
CA MET B 540 -20.04 14.72 22.65
C MET B 540 -19.46 13.38 23.06
N ASN B 541 -18.38 13.39 23.82
CA ASN B 541 -17.71 12.17 24.27
C ASN B 541 -18.33 11.75 25.59
N LEU B 542 -19.13 10.67 25.56
CA LEU B 542 -19.73 10.16 26.78
C LEU B 542 -18.78 9.29 27.58
N VAL B 543 -17.65 8.89 27.01
CA VAL B 543 -16.68 8.11 27.79
C VAL B 543 -16.17 8.92 28.96
N ALA B 544 -15.97 10.22 28.76
CA ALA B 544 -15.47 11.06 29.86
C ALA B 544 -16.47 11.09 31.01
N TYR B 545 -17.76 11.18 30.70
CA TYR B 545 -18.77 11.19 31.75
C TYR B 545 -18.71 9.92 32.58
N GLU B 546 -18.61 8.76 31.92
CA GLU B 546 -18.63 7.49 32.62
C GLU B 546 -17.34 7.29 33.43
N TYR B 547 -16.20 7.65 32.84
CA TYR B 547 -14.95 7.57 33.57
C TYR B 547 -15.00 8.42 34.83
N ILE B 548 -15.50 9.65 34.72
CA ILE B 548 -15.56 10.53 35.88
C ILE B 548 -16.53 9.98 36.92
N SER B 549 -17.63 9.37 36.46
CA SER B 549 -18.58 8.79 37.41
C SER B 549 -17.98 7.61 38.16
N SER B 550 -17.06 6.88 37.53
CA SER B 550 -16.49 5.67 38.10
C SER B 550 -15.15 5.93 38.80
N GLN B 551 -14.97 7.09 39.42
CA GLN B 551 -13.71 7.42 40.05
C GLN B 551 -13.91 8.09 41.41
N ALA B 552 -14.97 7.72 42.12
CA ALA B 552 -15.26 8.37 43.39
C ALA B 552 -14.16 8.13 44.41
N GLU B 553 -13.51 6.98 44.36
CA GLU B 553 -12.49 6.60 45.33
C GLU B 553 -11.07 6.92 44.89
N ARG B 554 -10.77 6.77 43.59
CA ARG B 554 -9.42 6.93 43.10
C ARG B 554 -9.14 8.34 42.59
N HIS B 555 -10.16 9.07 42.15
CA HIS B 555 -10.01 10.44 41.66
C HIS B 555 -8.96 10.50 40.55
N GLY B 556 -9.24 9.82 39.46
CA GLY B 556 -8.34 9.84 38.33
C GLY B 556 -8.37 11.16 37.58
N SER B 557 -7.41 11.32 36.69
CA SER B 557 -7.33 12.53 35.86
C SER B 557 -8.05 12.32 34.53
N MET B 558 -8.39 13.43 33.89
CA MET B 558 -9.10 13.43 32.61
C MET B 558 -8.34 14.32 31.64
N ILE B 559 -7.63 13.70 30.70
CA ILE B 559 -7.03 14.43 29.58
C ILE B 559 -8.05 14.43 28.44
N LEU B 560 -8.48 15.62 28.04
CA LEU B 560 -9.59 15.78 27.11
C LEU B 560 -9.17 16.68 25.97
N SER B 561 -9.57 16.33 24.75
CA SER B 561 -9.27 17.13 23.58
C SER B 561 -10.18 18.34 23.54
N GLU B 562 -9.64 19.47 23.10
CA GLU B 562 -10.43 20.70 23.03
C GLU B 562 -11.42 20.70 21.88
N PHE B 563 -11.34 19.72 20.98
CA PHE B 563 -12.27 19.62 19.86
C PHE B 563 -13.40 18.64 20.11
N ALA B 564 -13.46 18.03 21.29
CA ALA B 564 -14.59 17.21 21.65
C ALA B 564 -15.77 18.09 22.03
N GLY B 565 -16.94 17.46 22.17
CA GLY B 565 -18.19 18.19 22.26
C GLY B 565 -18.16 19.44 23.12
N ALA B 566 -18.01 19.27 24.43
CA ALA B 566 -18.06 20.38 25.38
C ALA B 566 -16.82 20.39 26.25
N ALA B 567 -15.65 20.30 25.62
CA ALA B 567 -14.40 20.25 26.37
C ALA B 567 -14.17 21.52 27.18
N GLN B 568 -14.89 22.60 26.88
CA GLN B 568 -14.76 23.84 27.64
C GLN B 568 -15.67 23.89 28.85
N SER B 569 -16.71 23.06 28.89
CA SER B 569 -17.55 22.98 30.09
C SER B 569 -16.87 22.18 31.20
N PHE B 570 -16.08 21.17 30.85
CA PHE B 570 -15.31 20.42 31.83
C PHE B 570 -14.27 21.33 32.48
N ASN B 571 -14.45 21.60 33.77
CA ASN B 571 -13.57 22.54 34.47
C ASN B 571 -12.27 21.89 34.93
N GLY B 572 -12.33 20.65 35.38
CA GLY B 572 -11.16 20.00 35.96
C GLY B 572 -10.43 19.08 35.01
N SER B 573 -10.64 19.23 33.72
CA SER B 573 -9.97 18.39 32.74
C SER B 573 -8.66 19.04 32.30
N LEU B 574 -7.83 18.25 31.63
CA LEU B 574 -6.56 18.71 31.07
C LEU B 574 -6.74 18.79 29.56
N LEU B 575 -6.86 20.01 29.05
CA LEU B 575 -7.13 20.21 27.63
C LEU B 575 -5.88 19.96 26.81
N ILE B 576 -6.06 19.28 25.67
CA ILE B 576 -4.95 18.98 24.77
C ILE B 576 -5.35 19.31 23.34
N ASN B 577 -4.33 19.54 22.52
CA ASN B 577 -4.50 19.68 21.08
C ASN B 577 -4.09 18.36 20.44
N PRO B 578 -5.01 17.56 19.90
CA PRO B 578 -4.61 16.24 19.38
C PRO B 578 -3.55 16.32 18.30
N TRP B 579 -3.39 17.46 17.63
CA TRP B 579 -2.43 17.59 16.55
C TRP B 579 -1.03 17.97 17.05
N ASP B 580 -0.88 18.30 18.33
CA ASP B 580 0.41 18.63 18.92
C ASP B 580 0.79 17.48 19.84
N VAL B 581 1.65 16.58 19.35
CA VAL B 581 2.02 15.41 20.13
C VAL B 581 2.70 15.81 21.42
N GLN B 582 3.52 16.87 21.38
CA GLN B 582 4.18 17.32 22.59
C GLN B 582 3.16 17.74 23.65
N SER B 583 2.06 18.34 23.23
CA SER B 583 1.02 18.74 24.18
C SER B 583 0.43 17.53 24.90
N THR B 584 0.14 16.46 24.15
CA THR B 584 -0.41 15.27 24.77
C THR B 584 0.61 14.59 25.68
N ALA B 585 1.88 14.59 25.27
CA ALA B 585 2.90 14.00 26.12
C ALA B 585 3.03 14.77 27.44
N ASP B 586 2.99 16.10 27.36
CA ASP B 586 3.06 16.89 28.59
C ASP B 586 1.82 16.71 29.45
N ALA B 587 0.65 16.54 28.82
CA ALA B 587 -0.56 16.27 29.59
C ALA B 587 -0.46 14.94 30.32
N ILE B 588 0.06 13.90 29.65
CA ILE B 588 0.25 12.62 30.31
C ILE B 588 1.23 12.74 31.46
N ASN B 589 2.36 13.40 31.22
CA ASN B 589 3.35 13.57 32.28
C ASN B 589 2.74 14.28 33.48
N GLN B 590 2.00 15.36 33.25
CA GLN B 590 1.39 16.09 34.36
C GLN B 590 0.37 15.22 35.08
N ALA B 591 -0.45 14.47 34.35
CA ALA B 591 -1.46 13.64 35.00
C ALA B 591 -0.81 12.56 35.86
N LEU B 592 0.37 12.10 35.47
CA LEU B 592 1.02 11.03 36.23
C LEU B 592 1.78 11.53 37.46
N THR B 593 1.88 12.85 37.66
CA THR B 593 2.61 13.42 38.78
C THR B 593 1.78 14.50 39.46
N LEU B 594 0.52 14.19 39.74
CA LEU B 594 -0.39 15.11 40.41
C LEU B 594 -0.58 14.65 41.85
N SER B 595 -0.46 15.58 42.78
CA SER B 595 -0.65 15.24 44.18
C SER B 595 -2.11 14.87 44.43
N PRO B 596 -2.38 14.04 45.45
CA PRO B 596 -3.77 13.62 45.69
C PRO B 596 -4.74 14.76 45.92
N GLN B 597 -4.30 15.86 46.54
CA GLN B 597 -5.22 16.97 46.78
C GLN B 597 -5.67 17.60 45.47
N GLN B 598 -4.74 17.81 44.54
CA GLN B 598 -5.10 18.34 43.23
C GLN B 598 -6.08 17.42 42.53
N ARG B 599 -5.81 16.12 42.56
CA ARG B 599 -6.73 15.17 41.97
C ARG B 599 -8.11 15.31 42.58
N LYS B 600 -8.19 15.44 43.90
CA LYS B 600 -9.49 15.53 44.55
C LYS B 600 -10.24 16.78 44.12
N THR B 601 -9.56 17.92 44.08
CA THR B 601 -10.24 19.15 43.68
C THR B 601 -10.75 19.06 42.25
N ASN B 602 -9.88 18.62 41.34
CA ASN B 602 -10.27 18.52 39.94
C ASN B 602 -11.42 17.54 39.74
N TRP B 603 -11.35 16.39 40.41
CA TRP B 603 -12.42 15.42 40.24
C TRP B 603 -13.71 15.90 40.87
N GLN B 604 -13.65 16.67 41.96
CA GLN B 604 -14.87 17.22 42.51
C GLN B 604 -15.52 18.17 41.51
N LYS B 605 -14.73 19.03 40.88
CA LYS B 605 -15.29 19.88 39.82
C LYS B 605 -15.96 19.03 38.74
N LEU B 606 -15.23 18.03 38.24
CA LEU B 606 -15.73 17.24 37.13
C LEU B 606 -16.99 16.48 37.49
N PHE B 607 -17.03 15.90 38.70
CA PHE B 607 -18.21 15.13 39.08
C PHE B 607 -19.40 16.04 39.36
N ASN B 608 -19.16 17.23 39.91
CA ASN B 608 -20.26 18.18 40.03
C ASN B 608 -20.88 18.44 38.67
N TYR B 609 -20.04 18.71 37.68
CA TYR B 609 -20.56 18.95 36.33
C TYR B 609 -21.32 17.74 35.82
N VAL B 610 -20.72 16.54 35.92
CA VAL B 610 -21.30 15.35 35.32
C VAL B 610 -22.62 15.00 35.99
N SER B 611 -22.73 15.24 37.29
CA SER B 611 -23.95 14.93 38.01
C SER B 611 -25.05 15.95 37.74
N LYS B 612 -24.68 17.22 37.48
CA LYS B 612 -25.69 18.22 37.19
C LYS B 612 -26.43 17.90 35.89
N TYR B 613 -25.69 17.53 34.84
CA TYR B 613 -26.25 17.37 33.51
C TYR B 613 -26.42 15.88 33.21
N THR B 614 -27.57 15.35 33.61
CA THR B 614 -27.90 13.95 33.42
C THR B 614 -28.41 13.73 32.00
N ALA B 615 -28.64 12.46 31.64
CA ALA B 615 -29.37 12.17 30.42
C ALA B 615 -30.86 12.39 30.60
N GLU B 616 -31.37 12.19 31.82
CA GLU B 616 -32.77 12.46 32.10
C GLU B 616 -33.07 13.94 31.92
N ALA B 617 -32.18 14.81 32.41
CA ALA B 617 -32.38 16.25 32.26
C ALA B 617 -32.43 16.64 30.80
N TRP B 618 -31.54 16.08 29.98
CA TRP B 618 -31.50 16.42 28.57
C TRP B 618 -32.81 16.09 27.87
N GLY B 619 -33.27 14.85 28.01
CA GLY B 619 -34.51 14.46 27.37
C GLY B 619 -35.70 15.24 27.88
N VAL B 620 -35.79 15.43 29.20
CA VAL B 620 -36.93 16.14 29.76
C VAL B 620 -36.94 17.59 29.29
N SER B 621 -35.76 18.22 29.24
CA SER B 621 -35.70 19.61 28.79
C SER B 621 -36.08 19.74 27.32
N PHE B 622 -35.61 18.83 26.47
CA PHE B 622 -35.98 18.90 25.07
C PHE B 622 -37.47 18.70 24.89
N VAL B 623 -38.07 17.75 25.62
CA VAL B 623 -39.51 17.52 25.48
C VAL B 623 -40.29 18.71 26.02
N ASN B 624 -39.79 19.32 27.10
CA ASN B 624 -40.43 20.54 27.61
C ASN B 624 -40.44 21.63 26.55
N GLU B 625 -39.28 21.91 25.95
CA GLU B 625 -39.21 22.94 24.94
C GLU B 625 -40.10 22.61 23.74
N LEU B 626 -40.11 21.36 23.32
CA LEU B 626 -40.94 20.96 22.18
C LEU B 626 -42.43 21.15 22.49
N ASN B 627 -42.85 20.81 23.70
CA ASN B 627 -44.25 20.97 24.07
C ASN B 627 -44.62 22.44 24.21
N ARG B 628 -43.70 23.27 24.68
CA ARG B 628 -43.97 24.70 24.87
C ARG B 628 -44.14 25.40 23.53
N LEU C 83 10.64 50.51 -4.53
CA LEU C 83 10.25 49.71 -3.38
C LEU C 83 11.07 48.43 -3.33
N ILE C 84 10.66 47.50 -2.46
CA ILE C 84 11.30 46.21 -2.30
C ILE C 84 10.22 45.14 -2.20
N VAL C 85 10.44 44.01 -2.86
CA VAL C 85 9.53 42.86 -2.80
C VAL C 85 10.32 41.67 -2.31
N VAL C 86 9.78 40.97 -1.32
CA VAL C 86 10.42 39.82 -0.71
C VAL C 86 9.55 38.60 -0.96
N SER C 87 10.17 37.53 -1.44
CA SER C 87 9.46 36.28 -1.67
C SER C 87 10.42 35.13 -1.46
N ASN C 88 9.86 33.99 -1.06
CA ASN C 88 10.68 32.80 -0.89
C ASN C 88 11.30 32.37 -2.21
N ARG C 89 10.50 32.38 -3.28
CA ARG C 89 10.98 32.03 -4.59
C ARG C 89 11.92 33.09 -5.14
N LEU C 90 11.94 33.20 -6.46
CA LEU C 90 12.78 34.18 -7.13
C LEU C 90 12.46 34.13 -8.62
N PRO C 91 13.08 35.02 -9.38
CA PRO C 91 12.85 35.03 -10.82
C PRO C 91 13.27 33.74 -11.48
N VAL C 92 14.31 33.09 -10.96
CA VAL C 92 14.87 31.89 -11.57
C VAL C 92 14.97 30.78 -10.54
N THR C 93 15.57 29.66 -10.91
CA THR C 93 15.73 28.51 -10.03
C THR C 93 17.11 27.89 -10.31
N ILE C 94 18.11 28.30 -9.53
CA ILE C 94 19.46 27.80 -9.68
C ILE C 94 19.63 26.49 -8.92
N GLY C 109 3.30 33.38 -13.39
CA GLY C 109 4.02 34.61 -13.09
C GLY C 109 3.11 35.81 -12.94
N GLY C 110 2.82 36.17 -11.69
CA GLY C 110 2.00 37.33 -11.40
C GLY C 110 2.84 38.56 -11.16
N LEU C 111 3.87 38.43 -10.32
CA LEU C 111 4.77 39.55 -10.08
C LEU C 111 5.71 39.75 -11.26
N VAL C 112 6.00 38.69 -12.02
CA VAL C 112 6.82 38.84 -13.21
C VAL C 112 6.14 39.76 -14.21
N SER C 113 4.83 39.60 -14.39
CA SER C 113 4.09 40.46 -15.31
C SER C 113 4.12 41.91 -14.84
N ALA C 114 3.95 42.14 -13.54
CA ALA C 114 4.02 43.50 -13.02
C ALA C 114 5.41 44.08 -13.25
N LEU C 115 6.44 43.28 -13.09
CA LEU C 115 7.82 43.72 -13.29
C LEU C 115 8.02 44.25 -14.70
N PHE C 124 11.71 48.29 -7.97
CA PHE C 124 11.23 46.93 -7.83
C PHE C 124 12.42 45.99 -7.62
N THR C 125 12.94 45.95 -6.40
CA THR C 125 14.09 45.12 -6.06
C THR C 125 13.61 43.82 -5.44
N TRP C 126 13.86 42.71 -6.12
CA TRP C 126 13.40 41.41 -5.67
C TRP C 126 14.43 40.76 -4.77
N ILE C 127 13.96 40.20 -3.65
CA ILE C 127 14.80 39.44 -2.73
C ILE C 127 14.19 38.05 -2.59
N GLY C 128 15.04 37.04 -2.62
CA GLY C 128 14.55 35.68 -2.53
C GLY C 128 15.67 34.70 -2.32
N TRP C 129 15.32 33.42 -2.41
CA TRP C 129 16.24 32.34 -2.12
C TRP C 129 16.54 31.55 -3.39
N PRO C 130 17.77 31.60 -3.93
CA PRO C 130 18.08 30.75 -5.08
C PRO C 130 17.88 29.28 -4.73
N GLY C 131 17.32 28.53 -5.67
CA GLY C 131 16.83 27.20 -5.40
C GLY C 131 17.78 26.22 -4.76
N LYS C 132 19.06 26.56 -4.65
CA LYS C 132 20.06 25.65 -4.10
C LYS C 132 21.03 26.42 -3.23
N ASP C 133 21.96 25.69 -2.60
CA ASP C 133 22.97 26.26 -1.73
C ASP C 133 24.27 26.40 -2.50
N ILE C 134 24.75 27.63 -2.65
CA ILE C 134 25.93 27.94 -3.45
C ILE C 134 27.10 28.18 -2.50
N PRO C 135 28.16 27.36 -2.55
CA PRO C 135 29.29 27.59 -1.65
C PRO C 135 29.99 28.91 -1.96
N MET C 136 30.51 29.53 -0.91
CA MET C 136 31.19 30.80 -1.04
C MET C 136 32.50 30.65 -1.80
N ASP C 138 31.78 31.05 -5.83
CA ASP C 138 30.59 30.74 -6.60
C ASP C 138 29.44 31.65 -6.18
N ARG C 139 29.36 31.94 -4.89
CA ARG C 139 28.31 32.82 -4.40
C ARG C 139 28.43 34.21 -5.04
N GLU C 140 29.66 34.72 -5.15
CA GLU C 140 29.85 36.05 -5.72
C GLU C 140 29.38 36.10 -7.17
N THR C 141 29.80 35.13 -7.98
CA THR C 141 29.44 35.15 -9.39
C THR C 141 27.94 34.93 -9.58
N VAL C 142 27.34 34.02 -8.81
CA VAL C 142 25.90 33.80 -8.94
C VAL C 142 25.14 35.06 -8.53
N ASN C 143 25.56 35.70 -7.44
CA ASN C 143 24.90 36.92 -6.99
C ASN C 143 24.99 38.01 -8.05
N ARG C 144 26.18 38.21 -8.61
CA ARG C 144 26.37 39.25 -9.61
C ARG C 144 25.56 38.95 -10.87
N ARG C 145 25.53 37.70 -11.30
CA ARG C 145 24.73 37.35 -12.47
C ARG C 145 23.25 37.59 -12.22
N LEU C 146 22.76 37.23 -11.03
CA LEU C 146 21.35 37.49 -10.72
C LEU C 146 21.05 38.97 -10.75
N LEU C 147 21.90 39.79 -10.11
CA LEU C 147 21.67 41.23 -10.16
C LEU C 147 21.63 41.73 -11.60
N ASP C 148 22.66 41.41 -12.38
CA ASP C 148 22.77 41.98 -13.72
C ASP C 148 21.61 41.54 -14.60
N GLU C 149 21.30 40.25 -14.61
CA GLU C 149 20.26 39.75 -15.50
C GLU C 149 18.87 40.12 -15.03
N TYR C 150 18.68 40.41 -13.75
CA TYR C 150 17.34 40.63 -13.20
C TYR C 150 17.32 41.92 -12.37
N CYS C 152 16.39 38.66 -8.03
CA CYS C 152 17.37 39.72 -8.21
C CYS C 152 18.42 39.69 -7.10
N TYR C 153 17.98 39.48 -5.87
CA TYR C 153 18.86 39.38 -4.72
C TYR C 153 18.69 38.03 -4.05
N PRO C 154 19.77 37.29 -3.78
CA PRO C 154 19.61 35.95 -3.21
C PRO C 154 19.72 35.93 -1.69
N VAL C 155 19.00 34.99 -1.10
CA VAL C 155 19.10 34.67 0.32
C VAL C 155 19.38 33.18 0.44
N TYR C 156 20.55 32.85 0.97
CA TYR C 156 21.04 31.47 0.99
C TYR C 156 20.59 30.79 2.27
N LEU C 157 19.52 30.00 2.19
CA LEU C 157 19.12 29.12 3.30
C LEU C 157 19.82 27.78 3.14
N SER C 158 21.15 27.83 3.20
CA SER C 158 21.97 26.65 2.96
C SER C 158 21.98 25.77 4.20
N ASP C 159 22.85 24.76 4.20
CA ASP C 159 23.07 23.90 5.36
C ASP C 159 21.82 23.14 5.77
N GLU C 160 20.94 22.87 4.80
CA GLU C 160 19.73 22.11 5.06
C GLU C 160 18.80 22.83 6.02
N LEU C 161 18.97 24.14 6.16
CA LEU C 161 18.00 24.92 6.92
C LEU C 161 16.66 24.93 6.22
N ALA C 162 16.65 25.18 4.91
CA ALA C 162 15.44 25.18 4.12
C ALA C 162 15.25 23.90 3.32
N ASP C 163 16.32 23.15 3.09
CA ASP C 163 16.24 21.99 2.20
C ASP C 163 15.11 21.05 2.62
N SER C 164 14.89 20.91 3.92
CA SER C 164 13.86 19.98 4.38
C SER C 164 13.05 20.49 5.56
N HIS C 165 13.28 21.70 6.06
CA HIS C 165 12.58 22.19 7.23
C HIS C 165 11.73 23.41 6.93
N TYR C 166 12.33 24.49 6.44
CA TYR C 166 11.55 25.66 6.11
C TYR C 166 10.56 25.35 4.99
N ASN C 167 11.06 24.76 3.90
CA ASN C 167 10.18 24.27 2.85
C ASN C 167 9.31 23.13 3.36
N GLY C 168 9.85 22.29 4.25
CA GLY C 168 9.04 21.24 4.85
C GLY C 168 7.90 21.79 5.69
N PHE C 169 8.17 22.78 6.54
CA PHE C 169 7.10 23.40 7.31
C PHE C 169 6.09 24.09 6.40
N SER C 170 6.58 24.84 5.42
CA SER C 170 5.68 25.60 4.55
C SER C 170 4.79 24.68 3.72
N ASN C 171 5.36 23.61 3.15
CA ASN C 171 4.64 22.76 2.22
C ASN C 171 3.95 21.59 2.89
N SER C 172 4.21 21.33 4.18
CA SER C 172 3.62 20.20 4.87
C SER C 172 2.75 20.59 6.05
N ILE C 173 2.75 21.87 6.45
CA ILE C 173 1.93 22.32 7.56
C ILE C 173 1.05 23.47 7.10
N LEU C 174 1.67 24.54 6.59
CA LEU C 174 0.91 25.72 6.21
C LEU C 174 0.11 25.50 4.93
N TRP C 175 0.73 24.85 3.93
CA TRP C 175 0.03 24.65 2.66
C TRP C 175 -1.20 23.77 2.80
N PRO C 176 -1.14 22.58 3.41
CA PRO C 176 -2.36 21.78 3.53
C PRO C 176 -3.44 22.44 4.37
N LEU C 177 -3.06 23.20 5.39
CA LEU C 177 -4.05 23.78 6.29
C LEU C 177 -4.86 24.87 5.59
N PHE C 178 -4.17 25.75 4.87
CA PHE C 178 -4.86 26.85 4.20
C PHE C 178 -5.83 26.37 3.13
N HIS C 179 -5.70 25.11 2.69
CA HIS C 179 -6.55 24.55 1.64
C HIS C 179 -7.49 23.48 2.18
N TYR C 180 -7.82 23.54 3.47
CA TYR C 180 -8.77 22.61 4.07
C TYR C 180 -8.34 21.17 3.86
N HIS C 181 -7.06 20.90 4.09
CA HIS C 181 -6.51 19.55 3.99
C HIS C 181 -5.80 19.21 5.31
N PRO C 182 -6.55 19.15 6.41
CA PRO C 182 -5.92 18.81 7.69
C PRO C 182 -5.36 17.40 7.73
N GLY C 183 -5.84 16.50 6.87
CA GLY C 183 -5.30 15.16 6.84
C GLY C 183 -3.83 15.14 6.45
N GLU C 184 -3.46 15.97 5.47
CA GLU C 184 -2.07 16.04 5.03
C GLU C 184 -1.19 16.88 5.94
N MET C 185 -1.79 17.65 6.85
CA MET C 185 -1.00 18.43 7.79
C MET C 185 -0.39 17.51 8.85
N ASN C 186 0.84 17.81 9.24
CA ASN C 186 1.50 17.05 10.29
C ASN C 186 2.52 17.96 10.96
N PHE C 187 2.14 18.52 12.10
CA PHE C 187 3.01 19.47 12.79
C PHE C 187 4.26 18.77 13.30
N ASP C 188 5.32 19.56 13.46
CA ASP C 188 6.60 19.03 13.94
C ASP C 188 7.37 20.20 14.53
N ALA C 189 7.56 20.19 15.85
CA ALA C 189 8.20 21.32 16.51
C ALA C 189 9.64 21.51 16.07
N ALA C 190 10.24 20.49 15.44
CA ALA C 190 11.58 20.66 14.88
C ALA C 190 11.57 21.60 13.69
N HIS C 191 10.44 21.67 12.99
CA HIS C 191 10.29 22.52 11.81
C HIS C 191 9.90 23.95 12.17
N TRP C 192 9.22 24.15 13.30
CA TRP C 192 8.87 25.49 13.73
C TRP C 192 10.11 26.33 13.97
N LEU C 193 11.12 25.74 14.61
CA LEU C 193 12.37 26.47 14.86
C LEU C 193 13.06 26.84 13.55
N ALA C 194 13.10 25.90 12.60
CA ALA C 194 13.73 26.20 11.31
C ALA C 194 12.98 27.27 10.55
N TYR C 195 11.65 27.22 10.59
CA TYR C 195 10.85 28.26 9.96
C TYR C 195 11.17 29.63 10.55
N ARG C 196 11.24 29.71 11.88
CA ARG C 196 11.57 30.98 12.53
C ARG C 196 12.97 31.44 12.16
N GLU C 197 13.93 30.52 12.11
CA GLU C 197 15.29 30.90 11.76
C GLU C 197 15.38 31.39 10.32
N ALA C 198 14.67 30.74 9.41
CA ALA C 198 14.69 31.17 8.01
C ALA C 198 14.07 32.55 7.85
N ASN C 199 12.94 32.79 8.51
CA ASN C 199 12.36 34.13 8.45
C ASN C 199 13.30 35.16 9.08
N MET C 200 14.04 34.77 10.10
CA MET C 200 15.02 35.67 10.69
C MET C 200 16.14 35.99 9.70
N ARG C 201 16.59 35.00 8.94
CA ARG C 201 17.58 35.24 7.90
C ARG C 201 17.06 36.24 6.87
N PHE C 202 15.83 36.02 6.40
CA PHE C 202 15.25 36.94 5.43
C PHE C 202 15.17 38.34 6.00
N ALA C 203 14.77 38.46 7.27
CA ALA C 203 14.69 39.78 7.90
C ALA C 203 16.06 40.44 7.95
N ASP C 204 17.09 39.67 8.28
CA ASP C 204 18.44 40.22 8.30
C ASP C 204 18.82 40.79 6.95
N VAL C 205 18.58 40.01 5.89
CA VAL C 205 18.96 40.46 4.55
C VAL C 205 18.20 41.72 4.17
N VAL C 206 16.88 41.71 4.37
CA VAL C 206 16.08 42.87 4.01
C VAL C 206 16.55 44.10 4.77
N SER C 207 16.71 43.97 6.09
CA SER C 207 17.13 45.11 6.89
C SER C 207 18.50 45.62 6.47
N SER C 208 19.38 44.74 6.04
CA SER C 208 20.66 45.19 5.50
C SER C 208 20.45 46.00 4.22
N LEU C 209 19.54 45.55 3.36
CA LEU C 209 19.36 46.13 2.03
C LEU C 209 18.13 47.02 1.94
N VAL C 210 17.82 47.79 2.98
CA VAL C 210 16.68 48.71 2.97
C VAL C 210 17.14 50.05 3.51
N GLN C 211 16.40 51.09 3.13
CA GLN C 211 16.72 52.46 3.51
C GLN C 211 15.60 53.03 4.37
N ALA C 212 15.68 54.34 4.65
CA ALA C 212 14.71 55.01 5.49
C ALA C 212 13.61 55.63 4.65
N GLY C 213 12.37 55.28 4.94
CA GLY C 213 11.24 55.81 4.20
C GLY C 213 10.88 55.04 2.95
N ASP C 214 11.33 53.79 2.82
CA ASP C 214 11.03 52.98 1.65
C ASP C 214 9.75 52.19 1.89
N MET C 215 9.48 51.22 1.01
CA MET C 215 8.32 50.35 1.12
C MET C 215 8.77 48.91 1.02
N VAL C 216 8.19 48.05 1.83
CA VAL C 216 8.47 46.62 1.79
C VAL C 216 7.15 45.88 1.60
N TRP C 217 7.14 44.92 0.68
CA TRP C 217 5.95 44.16 0.35
C TRP C 217 6.34 42.69 0.46
N VAL C 218 5.99 42.07 1.58
CA VAL C 218 6.27 40.67 1.79
C VAL C 218 5.17 39.85 1.12
N GLN C 219 5.54 38.69 0.59
CA GLN C 219 4.58 37.89 -0.15
C GLN C 219 4.61 36.41 0.18
N ASP C 220 3.42 35.81 0.22
CA ASP C 220 3.31 34.38 0.31
C ASP C 220 3.21 33.88 1.75
N TYR C 221 2.66 32.68 1.89
CA TYR C 221 2.53 31.98 3.17
C TYR C 221 3.87 31.53 3.72
N HIS C 222 4.99 31.88 3.11
CA HIS C 222 6.28 31.49 3.66
C HIS C 222 6.73 32.45 4.75
N LEU C 223 6.66 33.74 4.48
CA LEU C 223 7.21 34.77 5.37
C LEU C 223 6.12 35.39 6.23
N MET C 224 5.49 34.58 7.07
CA MET C 224 4.39 35.07 7.90
C MET C 224 4.85 35.62 9.23
N LEU C 225 6.14 35.51 9.57
CA LEU C 225 6.70 36.17 10.74
C LEU C 225 7.67 37.28 10.38
N LEU C 226 8.08 37.38 9.12
CA LEU C 226 9.03 38.42 8.73
C LEU C 226 8.54 39.82 9.05
N PRO C 227 7.27 40.17 8.88
CA PRO C 227 6.85 41.55 9.22
C PRO C 227 7.21 41.93 10.64
N MET C 228 7.00 41.01 11.60
CA MET C 228 7.26 41.32 13.00
C MET C 228 8.75 41.50 13.27
N LEU C 229 9.57 40.59 12.75
CA LEU C 229 11.01 40.71 12.97
C LEU C 229 11.54 41.99 12.35
N LEU C 230 11.10 42.31 11.13
CA LEU C 230 11.62 43.49 10.47
C LEU C 230 11.14 44.76 11.16
N ARG C 231 9.91 44.75 11.69
CA ARG C 231 9.45 45.90 12.45
C ARG C 231 10.24 46.06 13.74
N SER C 232 10.60 44.94 14.39
CA SER C 232 11.37 45.02 15.63
C SER C 232 12.76 45.58 15.35
N MET C 233 13.43 45.08 14.32
CA MET C 233 14.74 45.59 13.95
C MET C 233 14.71 47.10 13.79
N ILE C 324 9.04 53.72 7.46
CA ILE C 324 8.98 52.59 6.55
C ILE C 324 7.61 51.94 6.63
N ARG C 325 7.08 51.53 5.48
CA ARG C 325 5.80 50.86 5.40
C ARG C 325 6.01 49.39 5.01
N ILE C 326 5.17 48.53 5.56
CA ILE C 326 5.25 47.09 5.33
C ILE C 326 3.88 46.59 4.91
N GLY C 327 3.85 45.80 3.85
CA GLY C 327 2.62 45.18 3.40
C GLY C 327 2.84 43.70 3.16
N PHE C 328 1.77 42.94 3.34
CA PHE C 328 1.80 41.50 3.19
C PHE C 328 0.62 41.07 2.35
N PHE C 329 0.88 40.31 1.30
CA PHE C 329 -0.17 39.74 0.45
C PHE C 329 -0.09 38.23 0.52
N LEU C 330 -1.23 37.59 0.77
CA LEU C 330 -1.32 36.15 0.88
C LEU C 330 -1.98 35.62 -0.40
N HIS C 331 -1.27 34.74 -1.11
CA HIS C 331 -1.72 34.24 -2.39
C HIS C 331 -2.59 33.00 -2.29
N THR C 332 -2.74 32.42 -1.11
CA THR C 332 -3.58 31.26 -0.87
C THR C 332 -4.83 31.68 -0.10
N PRO C 333 -5.80 30.77 0.07
CA PRO C 333 -6.95 31.09 0.90
C PRO C 333 -6.57 31.21 2.36
N PHE C 334 -7.44 31.84 3.14
CA PHE C 334 -7.32 31.78 4.58
C PHE C 334 -8.41 30.91 5.13
N PRO C 335 -8.10 29.82 5.84
CA PRO C 335 -9.14 28.86 6.20
C PRO C 335 -10.10 29.42 7.23
N SER C 336 -11.25 28.77 7.31
CA SER C 336 -12.27 29.16 8.28
C SER C 336 -11.70 29.11 9.69
N SER C 337 -12.42 29.73 10.63
CA SER C 337 -11.95 29.75 12.00
C SER C 337 -11.83 28.35 12.57
N GLU C 338 -12.83 27.49 12.31
CA GLU C 338 -12.82 26.14 12.85
C GLU C 338 -11.69 25.30 12.25
N ILE C 339 -11.15 25.68 11.10
CA ILE C 339 -10.06 24.94 10.50
C ILE C 339 -8.70 25.53 10.86
N TYR C 340 -8.65 26.80 11.23
CA TYR C 340 -7.36 27.41 11.56
C TYR C 340 -6.96 27.14 13.00
N ARG C 341 -7.92 26.90 13.90
CA ARG C 341 -7.61 26.60 15.28
C ARG C 341 -6.87 25.27 15.44
N ILE C 342 -6.84 24.45 14.39
CA ILE C 342 -6.08 23.21 14.44
C ILE C 342 -4.59 23.48 14.61
N LEU C 343 -4.13 24.62 14.14
CA LEU C 343 -2.70 24.89 14.12
C LEU C 343 -2.16 25.07 15.52
N PRO C 344 -1.17 24.28 15.96
CA PRO C 344 -0.60 24.50 17.30
C PRO C 344 0.00 25.87 17.50
N VAL C 345 0.58 26.48 16.46
CA VAL C 345 1.36 27.69 16.60
C VAL C 345 0.59 28.88 16.03
N ARG C 346 -0.73 28.81 16.08
CA ARG C 346 -1.57 29.80 15.42
C ARG C 346 -1.29 31.22 15.90
N ARG C 347 -1.21 31.41 17.22
CA ARG C 347 -1.13 32.77 17.75
C ARG C 347 0.16 33.46 17.30
N GLU C 348 1.27 32.72 17.27
CA GLU C 348 2.53 33.31 16.83
C GLU C 348 2.40 33.84 15.41
N ILE C 349 1.74 33.08 14.54
CA ILE C 349 1.61 33.49 13.15
C ILE C 349 0.69 34.71 13.02
N LEU C 350 -0.47 34.67 13.68
CA LEU C 350 -1.35 35.82 13.61
C LEU C 350 -0.66 37.07 14.14
N LEU C 351 0.15 36.94 15.18
CA LEU C 351 0.82 38.10 15.74
C LEU C 351 1.98 38.55 14.86
N GLY C 352 2.60 37.63 14.14
CA GLY C 352 3.64 38.02 13.20
C GLY C 352 3.09 38.80 12.03
N VAL C 353 1.91 38.41 11.53
CA VAL C 353 1.33 39.08 10.38
C VAL C 353 0.59 40.36 10.76
N LEU C 354 0.15 40.50 12.01
CA LEU C 354 -0.60 41.67 12.43
C LEU C 354 0.27 42.88 12.66
N GLN C 355 1.55 42.82 12.30
CA GLN C 355 2.46 43.94 12.43
C GLN C 355 2.65 44.70 11.13
N CYS C 356 1.79 44.46 10.15
CA CYS C 356 1.87 45.09 8.84
C CYS C 356 0.92 46.28 8.76
N ASP C 357 1.29 47.25 7.93
CA ASP C 357 0.41 48.40 7.70
C ASP C 357 -0.79 48.02 6.85
N LEU C 358 -0.62 47.06 5.95
CA LEU C 358 -1.66 46.65 5.03
C LEU C 358 -1.57 45.15 4.80
N ILE C 359 -2.72 44.48 4.81
CA ILE C 359 -2.82 43.06 4.50
C ILE C 359 -3.88 42.89 3.43
N GLY C 360 -3.57 42.12 2.40
CA GLY C 360 -4.47 41.95 1.28
C GLY C 360 -4.74 40.48 0.99
N PHE C 361 -5.92 40.22 0.46
CA PHE C 361 -6.33 38.87 0.09
C PHE C 361 -7.03 38.92 -1.26
N HIS C 362 -7.00 37.79 -1.96
CA HIS C 362 -7.57 37.73 -3.30
C HIS C 362 -9.07 38.01 -3.27
N THR C 363 -9.79 37.44 -2.31
CA THR C 363 -11.24 37.57 -2.23
C THR C 363 -11.63 38.11 -0.87
N TYR C 364 -12.85 38.61 -0.78
CA TYR C 364 -13.33 39.20 0.46
C TYR C 364 -13.57 38.14 1.53
N ASP C 365 -13.94 36.93 1.13
CA ASP C 365 -14.17 35.87 2.11
C ASP C 365 -12.90 35.53 2.86
N TYR C 366 -11.75 35.59 2.18
CA TYR C 366 -10.49 35.37 2.88
C TYR C 366 -10.29 36.41 3.98
N ALA C 367 -10.61 37.67 3.69
CA ALA C 367 -10.50 38.71 4.71
C ALA C 367 -11.48 38.48 5.85
N ARG C 368 -12.71 38.10 5.54
CA ARG C 368 -13.68 37.80 6.57
C ARG C 368 -13.17 36.71 7.50
N HIS C 369 -12.64 35.63 6.92
CA HIS C 369 -12.16 34.52 7.72
C HIS C 369 -10.94 34.90 8.53
N PHE C 370 -10.03 35.69 7.95
CA PHE C 370 -8.87 36.15 8.69
C PHE C 370 -9.29 36.99 9.89
N LEU C 371 -10.25 37.89 9.72
CA LEU C 371 -10.69 38.72 10.82
C LEU C 371 -11.39 37.89 11.90
N SER C 372 -12.21 36.93 11.50
CA SER C 372 -12.88 36.09 12.50
C SER C 372 -11.85 35.26 13.28
N SER C 373 -10.84 34.74 12.59
CA SER C 373 -9.77 34.03 13.30
C SER C 373 -9.05 34.96 14.25
N CYS C 374 -8.83 36.21 13.86
CA CYS C 374 -8.21 37.16 14.77
C CYS C 374 -9.06 37.36 16.01
N THR C 375 -10.38 37.50 15.84
CA THR C 375 -11.24 37.77 16.99
C THR C 375 -11.55 36.53 17.81
N ARG C 376 -11.18 35.34 17.33
CA ARG C 376 -11.39 34.11 18.10
C ARG C 376 -10.09 33.51 18.63
N ILE C 377 -9.07 33.36 17.79
CA ILE C 377 -7.79 32.84 18.30
C ILE C 377 -7.18 33.81 19.29
N LEU C 378 -7.10 35.08 18.91
CA LEU C 378 -6.75 36.14 19.83
C LEU C 378 -8.03 36.65 20.48
N GLY C 379 -7.95 37.77 21.20
CA GLY C 379 -9.11 38.41 21.75
C GLY C 379 -9.42 39.77 21.16
N LEU C 380 -8.81 40.13 20.05
CA LEU C 380 -8.93 41.49 19.53
C LEU C 380 -10.34 41.75 19.00
N GLU C 381 -10.68 43.04 18.92
CA GLU C 381 -11.94 43.48 18.32
C GLU C 381 -11.64 44.02 16.93
N THR C 382 -12.47 43.63 15.97
CA THR C 382 -12.19 43.85 14.55
C THR C 382 -13.22 44.79 13.96
N GLN C 383 -12.75 45.77 13.19
CA GLN C 383 -13.63 46.49 12.29
C GLN C 383 -13.79 45.71 10.99
N PRO C 384 -14.80 46.01 10.19
CA PRO C 384 -14.99 45.25 8.95
C PRO C 384 -13.84 45.39 7.97
N ASN C 385 -12.98 46.40 8.13
CA ASN C 385 -11.91 46.67 7.18
C ASN C 385 -10.62 47.02 7.90
N GLY C 386 -10.32 46.35 9.01
CA GLY C 386 -9.07 46.57 9.69
C GLY C 386 -9.11 46.16 11.14
N ILE C 387 -7.94 46.21 11.76
CA ILE C 387 -7.71 45.84 13.14
C ILE C 387 -7.01 46.98 13.84
N GLU C 388 -7.26 47.13 15.14
CA GLU C 388 -6.59 48.13 15.96
C GLU C 388 -5.95 47.44 17.15
N PHE C 389 -4.65 47.67 17.33
CA PHE C 389 -3.93 47.05 18.43
C PHE C 389 -2.61 47.75 18.71
N ASP C 390 -2.22 47.80 19.98
CA ASP C 390 -0.96 48.42 20.37
C ASP C 390 -0.84 49.84 19.81
N GLY C 391 -1.96 50.57 19.84
CA GLY C 391 -1.95 51.94 19.37
C GLY C 391 -1.62 52.11 17.91
N ARG C 392 -1.86 51.07 17.11
CA ARG C 392 -1.62 51.13 15.67
C ARG C 392 -2.76 50.44 14.95
N TYR C 393 -2.89 50.72 13.67
CA TYR C 393 -3.93 50.17 12.83
C TYR C 393 -3.32 49.29 11.75
N CYS C 394 -3.90 48.12 11.53
CA CYS C 394 -3.52 47.21 10.46
C CYS C 394 -4.73 47.06 9.55
N GLN C 395 -4.62 47.55 8.31
CA GLN C 395 -5.74 47.54 7.39
C GLN C 395 -5.81 46.24 6.63
N VAL C 396 -7.05 45.83 6.31
CA VAL C 396 -7.33 44.58 5.59
C VAL C 396 -8.16 44.92 4.36
N GLY C 397 -7.74 44.42 3.20
CA GLY C 397 -8.42 44.70 1.97
C GLY C 397 -8.35 43.54 1.00
N THR C 398 -8.97 43.72 -0.16
CA THR C 398 -9.00 42.72 -1.22
C THR C 398 -8.39 43.30 -2.48
N PHE C 399 -7.51 42.53 -3.12
CA PHE C 399 -6.84 42.96 -4.35
C PHE C 399 -6.78 41.78 -5.32
N PRO C 400 -7.82 41.58 -6.13
CA PRO C 400 -7.79 40.48 -7.08
C PRO C 400 -6.62 40.60 -8.04
N ILE C 401 -6.05 39.45 -8.39
CA ILE C 401 -4.84 39.40 -9.18
C ILE C 401 -5.20 39.09 -10.62
N GLY C 402 -4.23 39.28 -11.53
CA GLY C 402 -4.43 38.98 -12.93
C GLY C 402 -3.16 38.56 -13.62
N ILE C 403 -3.12 38.67 -14.95
CA ILE C 403 -1.98 38.32 -15.75
C ILE C 403 -1.65 39.49 -16.68
N ASP C 404 -0.67 39.28 -17.56
CA ASP C 404 -0.39 40.20 -18.65
C ASP C 404 -0.96 39.61 -19.93
N PRO C 405 -2.21 39.93 -20.29
CA PRO C 405 -2.83 39.24 -21.43
C PRO C 405 -2.15 39.50 -22.77
N ASN C 406 -1.47 40.64 -22.92
CA ASN C 406 -0.82 40.95 -24.18
C ASN C 406 0.24 39.91 -24.52
N GLN C 407 0.79 39.23 -23.52
CA GLN C 407 1.82 38.24 -23.78
C GLN C 407 1.29 37.15 -24.70
N PHE C 408 0.13 36.60 -24.40
CA PHE C 408 -0.38 35.46 -25.16
C PHE C 408 -0.91 35.88 -26.52
N ILE C 409 -1.50 37.06 -26.63
CA ILE C 409 -1.94 37.55 -27.94
C ILE C 409 -0.72 37.79 -28.84
N GLU C 410 0.27 38.52 -28.33
CA GLU C 410 1.44 38.85 -29.13
C GLU C 410 2.25 37.62 -29.45
N GLY C 411 2.21 36.59 -28.60
CA GLY C 411 2.89 35.35 -28.92
C GLY C 411 2.09 34.48 -29.87
N LEU C 412 0.76 34.60 -29.86
CA LEU C 412 -0.06 33.79 -30.73
C LEU C 412 -0.17 34.38 -32.13
N GLN C 413 0.24 35.63 -32.32
CA GLN C 413 0.45 36.18 -33.65
C GLN C 413 1.91 36.10 -34.08
N LYS C 414 2.64 35.10 -33.60
CA LYS C 414 4.04 34.89 -33.91
C LYS C 414 4.18 33.91 -35.07
N GLU C 415 5.40 33.82 -35.60
CA GLU C 415 5.66 32.93 -36.74
C GLU C 415 5.82 31.48 -36.28
N SER C 416 6.81 31.23 -35.42
CA SER C 416 7.11 29.87 -35.03
C SER C 416 5.99 29.24 -34.23
N ILE C 417 5.25 30.04 -33.45
CA ILE C 417 4.14 29.50 -32.68
C ILE C 417 2.99 29.10 -33.59
N VAL C 418 2.69 29.93 -34.59
CA VAL C 418 1.50 29.71 -35.40
C VAL C 418 1.59 28.40 -36.17
N LYS C 419 2.74 28.11 -36.76
CA LYS C 419 2.84 26.90 -37.57
C LYS C 419 2.78 25.65 -36.71
N ARG C 420 3.30 25.70 -35.48
CA ARG C 420 3.12 24.56 -34.59
C ARG C 420 1.65 24.37 -34.25
N LEU C 421 0.91 25.45 -34.07
CA LEU C 421 -0.52 25.34 -33.84
C LEU C 421 -1.23 24.73 -35.05
N ARG C 422 -0.83 25.12 -36.26
CA ARG C 422 -1.42 24.54 -37.45
C ARG C 422 -1.12 23.06 -37.55
N SER C 423 0.12 22.67 -37.23
CA SER C 423 0.48 21.25 -37.24
C SER C 423 -0.34 20.47 -36.22
N LEU C 424 -0.52 21.02 -35.02
CA LEU C 424 -1.33 20.35 -34.01
C LEU C 424 -2.78 20.20 -34.47
N GLU C 425 -3.33 21.25 -35.07
CA GLU C 425 -4.70 21.17 -35.57
C GLU C 425 -4.81 20.12 -36.67
N ALA C 426 -3.80 20.03 -37.53
CA ALA C 426 -3.80 19.00 -38.56
C ALA C 426 -3.77 17.61 -37.94
N ARG C 427 -2.96 17.41 -36.90
CA ARG C 427 -2.91 16.11 -36.25
C ARG C 427 -4.25 15.75 -35.63
N PHE C 428 -4.91 16.71 -34.98
CA PHE C 428 -6.20 16.48 -34.34
C PHE C 428 -7.30 17.01 -35.26
N GLU C 429 -7.67 16.19 -36.24
CA GLU C 429 -8.74 16.51 -37.17
C GLU C 429 -9.91 15.57 -36.89
N GLY C 430 -11.07 16.14 -36.63
CA GLY C 430 -12.20 15.35 -36.18
C GLY C 430 -12.16 14.96 -34.73
N VAL C 431 -11.25 15.54 -33.95
CA VAL C 431 -11.09 15.24 -32.53
C VAL C 431 -11.15 16.57 -31.77
N LYS C 432 -11.79 16.55 -30.61
CA LYS C 432 -11.91 17.72 -29.75
C LYS C 432 -10.92 17.58 -28.60
N VAL C 433 -10.10 18.60 -28.42
CA VAL C 433 -9.03 18.58 -27.43
C VAL C 433 -9.50 19.36 -26.20
N ILE C 434 -9.82 18.65 -25.13
CA ILE C 434 -9.92 19.27 -23.82
C ILE C 434 -8.52 19.38 -23.23
N ILE C 435 -8.28 20.41 -22.44
CA ILE C 435 -6.93 20.63 -21.90
C ILE C 435 -7.02 20.83 -20.40
N GLY C 436 -5.94 20.44 -19.73
CA GLY C 436 -5.75 20.75 -18.33
C GLY C 436 -4.28 21.04 -18.09
N VAL C 437 -3.98 22.14 -17.41
CA VAL C 437 -2.60 22.52 -17.10
C VAL C 437 -2.55 22.79 -15.61
N ASP C 438 -1.78 21.97 -14.88
CA ASP C 438 -1.75 22.10 -13.43
C ASP C 438 -0.43 21.55 -12.92
N ARG C 439 -0.11 21.89 -11.68
CA ARG C 439 0.96 21.22 -10.97
C ARG C 439 0.41 19.96 -10.31
N LEU C 440 1.30 19.07 -9.88
CA LEU C 440 0.88 17.84 -9.20
C LEU C 440 0.63 18.15 -7.72
N ASP C 441 -0.40 18.95 -7.50
CA ASP C 441 -0.90 19.21 -6.16
C ASP C 441 -2.17 18.40 -5.90
N TYR C 442 -2.39 18.08 -4.64
CA TYR C 442 -3.64 17.46 -4.23
C TYR C 442 -4.78 18.44 -4.12
N ILE C 443 -4.51 19.75 -4.25
CA ILE C 443 -5.55 20.77 -4.28
C ILE C 443 -6.06 21.02 -5.69
N LYS C 444 -5.65 20.22 -6.67
CA LYS C 444 -6.00 20.47 -8.07
C LYS C 444 -7.04 19.49 -8.60
N GLY C 445 -7.46 18.52 -7.81
CA GLY C 445 -8.56 17.65 -8.23
C GLY C 445 -8.36 16.98 -9.56
N ILE C 446 -7.16 16.43 -9.80
CA ILE C 446 -6.85 15.78 -11.07
C ILE C 446 -7.53 14.41 -11.11
N PRO C 447 -7.49 13.63 -10.03
CA PRO C 447 -8.28 12.39 -10.02
C PRO C 447 -9.75 12.62 -10.34
N GLN C 448 -10.30 13.75 -9.87
CA GLN C 448 -11.68 14.08 -10.22
C GLN C 448 -11.82 14.37 -11.71
N LYS C 449 -10.82 15.04 -12.31
CA LYS C 449 -10.83 15.24 -13.76
C LYS C 449 -10.94 13.89 -14.48
N LEU C 450 -10.06 12.96 -14.12
CA LEU C 450 -10.03 11.69 -14.83
C LEU C 450 -11.30 10.89 -14.59
N GLN C 451 -11.83 10.91 -13.36
CA GLN C 451 -13.07 10.20 -13.08
C GLN C 451 -14.24 10.81 -13.85
N ALA C 452 -14.25 12.14 -14.00
CA ALA C 452 -15.30 12.78 -14.77
C ALA C 452 -15.21 12.41 -16.25
N LEU C 453 -13.99 12.37 -16.79
CA LEU C 453 -13.84 11.93 -18.18
C LEU C 453 -14.32 10.50 -18.35
N GLU C 454 -13.98 9.62 -17.41
CA GLU C 454 -14.42 8.24 -17.50
C GLU C 454 -15.94 8.14 -17.43
N THR C 455 -16.56 8.94 -16.55
CA THR C 455 -18.02 8.94 -16.47
C THR C 455 -18.63 9.42 -17.79
N PHE C 456 -18.05 10.48 -18.37
CA PHE C 456 -18.57 11.00 -19.63
C PHE C 456 -18.50 9.96 -20.72
N LEU C 457 -17.38 9.25 -20.83
CA LEU C 457 -17.23 8.26 -21.89
C LEU C 457 -18.06 7.01 -21.63
N THR C 458 -18.26 6.64 -20.37
CA THR C 458 -19.15 5.53 -20.07
C THR C 458 -20.60 5.89 -20.37
N GLN C 459 -20.95 7.17 -20.27
CA GLN C 459 -22.32 7.60 -20.52
C GLN C 459 -22.58 7.98 -21.98
N HIS C 460 -21.55 8.35 -22.73
CA HIS C 460 -21.69 8.77 -24.12
C HIS C 460 -20.71 8.00 -24.98
N PRO C 461 -21.03 6.75 -25.33
CA PRO C 461 -20.11 5.96 -26.15
C PRO C 461 -19.85 6.58 -27.51
N GLU C 462 -20.74 7.43 -28.02
CA GLU C 462 -20.53 8.02 -29.32
C GLU C 462 -19.26 8.85 -29.39
N TRP C 463 -18.74 9.28 -28.25
CA TRP C 463 -17.60 10.19 -28.19
C TRP C 463 -16.29 9.47 -27.94
N ILE C 464 -16.28 8.15 -27.94
CA ILE C 464 -15.04 7.40 -27.73
C ILE C 464 -14.23 7.50 -29.01
N GLY C 465 -13.08 8.17 -28.94
CA GLY C 465 -12.23 8.39 -30.09
C GLY C 465 -12.33 9.77 -30.69
N LYS C 466 -13.35 10.54 -30.33
CA LYS C 466 -13.57 11.88 -30.87
C LYS C 466 -13.31 12.97 -29.85
N VAL C 467 -12.83 12.63 -28.65
CA VAL C 467 -12.37 13.60 -27.68
C VAL C 467 -11.09 13.08 -27.06
N VAL C 468 -10.15 13.98 -26.81
CA VAL C 468 -8.90 13.67 -26.14
C VAL C 468 -8.64 14.72 -25.08
N LEU C 469 -8.24 14.28 -23.89
CA LEU C 469 -7.86 15.17 -22.80
C LEU C 469 -6.35 15.23 -22.72
N VAL C 470 -5.79 16.41 -22.91
CA VAL C 470 -4.35 16.62 -22.80
C VAL C 470 -4.09 17.24 -21.43
N GLN C 471 -3.38 16.50 -20.59
CA GLN C 471 -3.16 16.89 -19.19
C GLN C 471 -1.67 17.11 -18.97
N LEU C 472 -1.29 18.35 -18.70
CA LEU C 472 0.10 18.70 -18.41
C LEU C 472 0.24 18.93 -16.92
N ALA C 473 0.95 18.01 -16.26
CA ALA C 473 1.13 18.02 -14.81
C ALA C 473 2.57 18.37 -14.51
N ILE C 474 2.82 19.65 -14.26
CA ILE C 474 4.18 20.12 -14.01
C ILE C 474 4.73 19.39 -12.79
N PRO C 475 6.01 19.01 -12.77
CA PRO C 475 6.57 18.43 -11.54
C PRO C 475 6.46 19.41 -10.38
N SER C 476 6.18 18.85 -9.21
CA SER C 476 5.78 19.58 -8.01
C SER C 476 6.84 19.37 -6.93
N ARG C 477 6.48 19.72 -5.70
CA ARG C 477 7.41 19.55 -4.58
C ARG C 477 7.60 18.05 -4.39
N GLN C 478 8.61 17.49 -5.06
CA GLN C 478 8.74 16.05 -5.16
C GLN C 478 9.38 15.43 -3.92
N ASP C 479 10.01 16.23 -3.08
CA ASP C 479 10.59 15.71 -1.85
C ASP C 479 9.52 15.41 -0.80
N VAL C 480 8.44 16.20 -0.79
CA VAL C 480 7.35 15.95 0.15
C VAL C 480 6.75 14.57 -0.13
N GLU C 481 6.52 13.81 0.94
CA GLU C 481 6.10 12.42 0.78
C GLU C 481 4.65 12.29 0.35
N GLU C 482 3.84 13.33 0.51
CA GLU C 482 2.47 13.27 0.03
C GLU C 482 2.38 13.49 -1.48
N TYR C 483 3.36 14.17 -2.07
CA TYR C 483 3.40 14.36 -3.50
C TYR C 483 3.93 13.15 -4.25
N GLN C 484 4.58 12.22 -3.56
CA GLN C 484 5.04 10.99 -4.18
C GLN C 484 3.94 9.95 -4.28
N ASP C 485 2.92 10.01 -3.42
CA ASP C 485 1.79 9.11 -3.50
C ASP C 485 0.70 9.63 -4.39
N LEU C 486 0.52 10.96 -4.45
CA LEU C 486 -0.41 11.54 -5.42
C LEU C 486 0.02 11.21 -6.83
N ARG C 487 1.32 11.27 -7.10
CA ARG C 487 1.81 10.91 -8.42
C ARG C 487 1.45 9.48 -8.77
N ALA C 488 1.63 8.55 -7.83
CA ALA C 488 1.31 7.15 -8.10
C ALA C 488 -0.18 6.97 -8.32
N CYS C 489 -1.01 7.68 -7.55
CA CYS C 489 -2.45 7.59 -7.75
C CYS C 489 -2.84 8.06 -9.14
N VAL C 490 -2.26 9.17 -9.59
CA VAL C 490 -2.59 9.71 -10.90
C VAL C 490 -2.09 8.78 -12.00
N ASN C 491 -0.91 8.19 -11.81
CA ASN C 491 -0.41 7.23 -12.80
C ASN C 491 -1.34 6.04 -12.92
N GLU C 492 -1.80 5.51 -11.79
CA GLU C 492 -2.74 4.39 -11.83
C GLU C 492 -4.04 4.78 -12.51
N LEU C 493 -4.55 5.99 -12.24
CA LEU C 493 -5.80 6.42 -12.87
C LEU C 493 -5.64 6.54 -14.37
N VAL C 494 -4.57 7.18 -14.82
CA VAL C 494 -4.32 7.30 -16.25
C VAL C 494 -4.24 5.93 -16.89
N GLY C 495 -3.45 5.02 -16.30
CA GLY C 495 -3.31 3.70 -16.87
C GLY C 495 -4.65 2.97 -16.96
N ARG C 496 -5.43 3.02 -15.90
CA ARG C 496 -6.70 2.28 -15.88
C ARG C 496 -7.66 2.82 -16.92
N ILE C 497 -7.78 4.14 -17.02
CA ILE C 497 -8.73 4.71 -17.97
C ILE C 497 -8.28 4.47 -19.40
N ASN C 498 -6.99 4.66 -19.68
CA ASN C 498 -6.47 4.37 -21.01
C ASN C 498 -6.72 2.92 -21.39
N GLY C 499 -6.54 1.99 -20.44
CA GLY C 499 -6.81 0.60 -20.73
C GLY C 499 -8.27 0.33 -20.98
N ARG C 500 -9.16 0.95 -20.21
CA ARG C 500 -10.58 0.68 -20.36
C ARG C 500 -11.10 1.18 -21.70
N PHE C 501 -10.71 2.40 -22.09
CA PHE C 501 -11.26 3.02 -23.29
C PHE C 501 -10.31 3.04 -24.47
N GLY C 502 -9.02 2.82 -24.25
CA GLY C 502 -8.07 2.88 -25.33
C GLY C 502 -8.29 1.78 -26.35
N THR C 503 -7.81 2.04 -27.56
CA THR C 503 -7.85 1.07 -28.66
C THR C 503 -6.48 1.09 -29.33
N VAL C 504 -6.36 0.42 -30.46
CA VAL C 504 -5.06 0.27 -31.10
C VAL C 504 -4.51 1.64 -31.48
N GLU C 505 -5.35 2.51 -32.03
CA GLU C 505 -4.88 3.75 -32.63
C GLU C 505 -5.07 4.98 -31.75
N SER C 506 -6.04 4.98 -30.84
CA SER C 506 -6.39 6.16 -30.08
C SER C 506 -6.18 5.94 -28.59
N VAL C 507 -5.83 7.03 -27.89
CA VAL C 507 -5.63 7.01 -26.45
C VAL C 507 -6.47 8.14 -25.87
N PRO C 508 -7.40 7.86 -24.93
CA PRO C 508 -8.25 8.94 -24.41
C PRO C 508 -7.48 10.07 -23.75
N ILE C 509 -6.37 9.78 -23.06
CA ILE C 509 -5.66 10.76 -22.26
C ILE C 509 -4.23 10.87 -22.76
N HIS C 510 -3.79 12.08 -23.05
CA HIS C 510 -2.39 12.39 -23.35
C HIS C 510 -1.84 13.12 -22.13
N TYR C 511 -1.13 12.40 -21.28
CA TYR C 511 -0.69 12.89 -19.99
C TYR C 511 0.82 13.12 -20.03
N MET C 512 1.25 14.34 -19.73
CA MET C 512 2.66 14.72 -19.76
C MET C 512 3.07 15.19 -18.37
N HIS C 513 4.04 14.51 -17.78
CA HIS C 513 4.61 14.93 -16.49
C HIS C 513 5.90 15.67 -16.77
N LYS C 514 5.77 16.91 -17.21
CA LYS C 514 6.91 17.74 -17.54
C LYS C 514 6.49 19.20 -17.55
N SER C 515 7.47 20.08 -17.71
CA SER C 515 7.25 21.52 -17.83
C SER C 515 7.57 21.95 -19.25
N VAL C 516 6.62 22.63 -19.89
CA VAL C 516 6.75 22.98 -21.30
C VAL C 516 7.17 24.44 -21.42
N PRO C 517 8.00 24.80 -22.40
CA PRO C 517 8.34 26.21 -22.59
C PRO C 517 7.12 27.03 -22.97
N PHE C 518 7.28 28.35 -23.09
CA PHE C 518 6.13 29.22 -23.30
C PHE C 518 5.48 28.96 -24.66
N GLU C 519 6.28 28.69 -25.69
CA GLU C 519 5.73 28.55 -27.04
C GLU C 519 4.76 27.38 -27.12
N GLU C 520 5.20 26.19 -26.67
CA GLU C 520 4.30 25.04 -26.68
C GLU C 520 3.09 25.29 -25.80
N LEU C 521 3.30 26.00 -24.69
CA LEU C 521 2.19 26.29 -23.79
C LEU C 521 1.11 27.09 -24.49
N THR C 522 1.49 28.19 -25.14
CA THR C 522 0.48 29.00 -25.82
C THR C 522 -0.13 28.24 -27.00
N ALA C 523 0.67 27.44 -27.70
CA ALA C 523 0.13 26.67 -28.82
C ALA C 523 -0.96 25.71 -28.35
N MET C 524 -0.72 25.01 -27.24
CA MET C 524 -1.71 24.05 -26.77
C MET C 524 -2.84 24.68 -25.98
N TYR C 525 -2.67 25.92 -25.51
CA TYR C 525 -3.84 26.72 -25.15
C TYR C 525 -4.71 26.99 -26.38
N ALA C 526 -4.09 27.40 -27.49
CA ALA C 526 -4.85 27.76 -28.67
C ALA C 526 -5.58 26.56 -29.26
N LEU C 527 -4.94 25.39 -29.25
CA LEU C 527 -5.55 24.21 -29.86
C LEU C 527 -6.78 23.73 -29.09
N ALA C 528 -6.80 23.89 -27.78
CA ALA C 528 -7.83 23.26 -26.95
C ALA C 528 -9.18 23.90 -27.18
N ASP C 529 -10.24 23.07 -27.12
CA ASP C 529 -11.61 23.55 -27.25
C ASP C 529 -12.19 23.99 -25.91
N ALA C 530 -12.00 23.19 -24.87
CA ALA C 530 -12.46 23.51 -23.52
C ALA C 530 -11.31 23.30 -22.54
N CYS C 531 -11.35 24.05 -21.44
CA CYS C 531 -10.41 23.89 -20.35
C CYS C 531 -11.14 23.37 -19.13
N LEU C 532 -10.61 22.31 -18.53
CA LEU C 532 -11.19 21.69 -17.36
C LEU C 532 -10.36 22.08 -16.14
N VAL C 533 -10.98 22.81 -15.22
CA VAL C 533 -10.36 23.19 -13.95
C VAL C 533 -11.21 22.57 -12.85
N THR C 534 -10.65 21.61 -12.13
CA THR C 534 -11.38 20.90 -11.09
C THR C 534 -10.68 21.05 -9.74
N SER C 535 -9.96 22.16 -9.56
CA SER C 535 -9.33 22.45 -8.28
C SER C 535 -10.39 22.53 -7.19
N THR C 536 -10.13 21.87 -6.06
CA THR C 536 -11.07 21.86 -4.94
C THR C 536 -10.89 23.07 -4.03
N ARG C 537 -9.69 23.60 -3.91
CA ARG C 537 -9.43 24.84 -3.19
C ARG C 537 -8.23 25.51 -3.83
N ASP C 538 -8.39 26.78 -4.22
CA ASP C 538 -7.29 27.50 -4.83
C ASP C 538 -7.46 28.99 -4.56
N GLY C 539 -6.36 29.66 -4.24
CA GLY C 539 -6.43 31.09 -3.99
C GLY C 539 -6.83 31.87 -5.22
N MET C 540 -6.20 31.55 -6.36
CA MET C 540 -6.62 32.08 -7.65
C MET C 540 -5.96 31.26 -8.75
N ASN C 541 -6.77 30.74 -9.68
CA ASN C 541 -6.27 29.93 -10.77
C ASN C 541 -5.92 30.84 -11.93
N LEU C 542 -4.63 31.03 -12.18
CA LEU C 542 -4.20 31.86 -13.30
C LEU C 542 -4.23 31.11 -14.63
N VAL C 543 -4.39 29.78 -14.61
CA VAL C 543 -4.48 29.05 -15.87
C VAL C 543 -5.72 29.48 -16.64
N ALA C 544 -6.82 29.77 -15.94
CA ALA C 544 -8.03 30.21 -16.63
C ALA C 544 -7.79 31.52 -17.35
N TYR C 545 -7.09 32.45 -16.71
CA TYR C 545 -6.82 33.73 -17.35
C TYR C 545 -6.05 33.54 -18.64
N GLU C 546 -5.01 32.70 -18.62
CA GLU C 546 -4.17 32.52 -19.79
C GLU C 546 -4.91 31.78 -20.89
N TYR C 547 -5.67 30.76 -20.52
CA TYR C 547 -6.47 30.05 -21.51
C TYR C 547 -7.45 30.99 -22.19
N ILE C 548 -8.13 31.84 -21.42
CA ILE C 548 -9.10 32.76 -22.01
C ILE C 548 -8.39 33.78 -22.89
N SER C 549 -7.19 34.21 -22.49
CA SER C 549 -6.46 35.15 -23.32
C SER C 549 -6.03 34.54 -24.64
N SER C 550 -5.78 33.23 -24.66
CA SER C 550 -5.28 32.55 -25.85
C SER C 550 -6.39 31.90 -26.67
N GLN C 551 -7.57 32.51 -26.73
CA GLN C 551 -8.70 31.92 -27.45
C GLN C 551 -9.46 32.95 -28.26
N ALA C 552 -8.77 33.97 -28.75
CA ALA C 552 -9.46 35.03 -29.47
C ALA C 552 -10.13 34.52 -30.74
N GLU C 553 -9.55 33.50 -31.38
CA GLU C 553 -10.05 32.98 -32.64
C GLU C 553 -10.96 31.77 -32.48
N ARG C 554 -10.68 30.90 -31.51
CA ARG C 554 -11.42 29.66 -31.36
C ARG C 554 -12.57 29.78 -30.38
N HIS C 555 -12.48 30.68 -29.41
CA HIS C 555 -13.52 30.89 -28.42
C HIS C 555 -13.86 29.58 -27.70
N GLY C 556 -12.89 29.04 -27.00
CA GLY C 556 -13.10 27.82 -26.25
C GLY C 556 -13.96 28.05 -25.02
N SER C 557 -14.38 26.93 -24.42
CA SER C 557 -15.17 26.98 -23.19
C SER C 557 -14.27 26.88 -21.96
N MET C 558 -14.82 27.30 -20.84
CA MET C 558 -14.10 27.30 -19.56
C MET C 558 -14.98 26.61 -18.52
N ILE C 559 -14.63 25.38 -18.16
CA ILE C 559 -15.24 24.69 -17.04
C ILE C 559 -14.41 24.99 -15.81
N LEU C 560 -15.02 25.63 -14.82
CA LEU C 560 -14.30 26.16 -13.67
C LEU C 560 -14.97 25.67 -12.39
N SER C 561 -14.14 25.31 -11.41
CA SER C 561 -14.65 24.86 -10.13
C SER C 561 -15.12 26.06 -9.31
N GLU C 562 -16.20 25.88 -8.55
CA GLU C 562 -16.73 26.97 -7.75
C GLU C 562 -15.90 27.24 -6.51
N PHE C 563 -14.93 26.38 -6.19
CA PHE C 563 -14.06 26.58 -5.05
C PHE C 563 -12.73 27.21 -5.41
N ALA C 564 -12.51 27.54 -6.69
CA ALA C 564 -11.32 28.28 -7.07
C ALA C 564 -11.48 29.74 -6.70
N GLY C 565 -10.38 30.48 -6.80
CA GLY C 565 -10.30 31.81 -6.23
C GLY C 565 -11.53 32.68 -6.41
N ALA C 566 -11.82 33.07 -7.64
CA ALA C 566 -12.92 33.99 -7.94
C ALA C 566 -13.82 33.40 -9.00
N ALA C 567 -14.23 32.13 -8.81
CA ALA C 567 -15.06 31.46 -9.80
C ALA C 567 -16.40 32.15 -9.97
N GLN C 568 -16.80 33.02 -9.04
CA GLN C 568 -18.06 33.75 -9.17
C GLN C 568 -17.91 35.05 -9.96
N SER C 569 -16.69 35.57 -10.11
CA SER C 569 -16.47 36.74 -10.95
C SER C 569 -16.49 36.38 -12.42
N PHE C 570 -16.03 35.19 -12.78
CA PHE C 570 -16.10 34.72 -14.15
C PHE C 570 -17.55 34.55 -14.57
N ASN C 571 -18.01 35.37 -15.50
CA ASN C 571 -19.42 35.35 -15.91
C ASN C 571 -19.72 34.26 -16.93
N GLY C 572 -18.81 34.02 -17.86
CA GLY C 572 -19.09 33.09 -18.94
C GLY C 572 -18.50 31.70 -18.74
N SER C 573 -18.17 31.36 -17.51
CA SER C 573 -17.62 30.04 -17.22
C SER C 573 -18.74 29.06 -16.88
N LEU C 574 -18.40 27.78 -16.88
CA LEU C 574 -19.31 26.70 -16.52
C LEU C 574 -18.88 26.20 -15.14
N LEU C 575 -19.67 26.55 -14.13
CA LEU C 575 -19.31 26.22 -12.76
C LEU C 575 -19.58 24.74 -12.47
N ILE C 576 -18.66 24.10 -11.77
CA ILE C 576 -18.80 22.69 -11.42
C ILE C 576 -18.47 22.50 -9.94
N ASN C 577 -19.00 21.41 -9.40
CA ASN C 577 -18.65 20.95 -8.06
C ASN C 577 -17.66 19.81 -8.20
N PRO C 578 -16.38 19.98 -7.87
CA PRO C 578 -15.42 18.90 -8.12
C PRO C 578 -15.78 17.60 -7.44
N TRP C 579 -16.60 17.63 -6.39
CA TRP C 579 -16.96 16.42 -5.65
C TRP C 579 -18.14 15.68 -6.26
N ASP C 580 -18.82 16.27 -7.25
CA ASP C 580 -19.94 15.64 -7.94
C ASP C 580 -19.46 15.29 -9.34
N VAL C 581 -19.09 14.02 -9.54
CA VAL C 581 -18.55 13.61 -10.83
C VAL C 581 -19.57 13.81 -11.94
N GLN C 582 -20.85 13.56 -11.64
CA GLN C 582 -21.89 13.75 -12.64
C GLN C 582 -21.93 15.21 -13.09
N SER C 583 -21.71 16.15 -12.18
CA SER C 583 -21.70 17.56 -12.55
C SER C 583 -20.60 17.86 -13.55
N THR C 584 -19.39 17.34 -13.32
CA THR C 584 -18.29 17.58 -14.24
C THR C 584 -18.55 16.90 -15.58
N ALA C 585 -19.12 15.70 -15.56
CA ALA C 585 -19.44 15.03 -16.81
C ALA C 585 -20.45 15.83 -17.63
N ASP C 586 -21.47 16.37 -16.96
CA ASP C 586 -22.46 17.17 -17.68
C ASP C 586 -21.86 18.47 -18.18
N ALA C 587 -20.93 19.05 -17.41
CA ALA C 587 -20.25 20.26 -17.88
C ALA C 587 -19.43 19.97 -19.14
N ILE C 588 -18.72 18.85 -19.16
CA ILE C 588 -17.95 18.48 -20.35
C ILE C 588 -18.88 18.27 -21.53
N ASN C 589 -19.96 17.51 -21.32
CA ASN C 589 -20.92 17.27 -22.40
C ASN C 589 -21.45 18.59 -22.96
N GLN C 590 -21.85 19.50 -22.08
CA GLN C 590 -22.38 20.78 -22.54
C GLN C 590 -21.33 21.57 -23.29
N ALA C 591 -20.09 21.59 -22.79
CA ALA C 591 -19.04 22.36 -23.46
C ALA C 591 -18.76 21.80 -24.84
N LEU C 592 -18.93 20.49 -25.03
CA LEU C 592 -18.62 19.89 -26.33
C LEU C 592 -19.75 20.03 -27.34
N THR C 593 -20.91 20.57 -26.95
CA THR C 593 -22.05 20.72 -27.84
C THR C 593 -22.63 22.12 -27.73
N LEU C 594 -21.77 23.13 -27.78
CA LEU C 594 -22.18 24.52 -27.71
C LEU C 594 -22.07 25.14 -29.10
N SER C 595 -23.12 25.83 -29.52
CA SER C 595 -23.11 26.48 -30.81
C SER C 595 -22.08 27.61 -30.82
N PRO C 596 -21.53 27.95 -31.99
CA PRO C 596 -20.50 28.99 -32.02
C PRO C 596 -20.94 30.34 -31.46
N GLN C 597 -22.21 30.71 -31.62
CA GLN C 597 -22.66 31.99 -31.08
C GLN C 597 -22.58 32.02 -29.56
N GLN C 598 -23.01 30.93 -28.92
CA GLN C 598 -22.91 30.85 -27.46
C GLN C 598 -21.46 30.95 -27.03
N ARG C 599 -20.58 30.22 -27.71
CA ARG C 599 -19.17 30.30 -27.39
C ARG C 599 -18.68 31.74 -27.50
N LYS C 600 -19.09 32.45 -28.56
CA LYS C 600 -18.61 33.82 -28.74
C LYS C 600 -19.09 34.72 -27.62
N THR C 601 -20.36 34.62 -27.24
CA THR C 601 -20.87 35.48 -26.17
C THR C 601 -20.15 35.20 -24.86
N ASN C 602 -20.04 33.92 -24.49
CA ASN C 602 -19.40 33.58 -23.24
C ASN C 602 -17.95 34.00 -23.23
N TRP C 603 -17.22 33.78 -24.32
CA TRP C 603 -15.82 34.17 -24.35
C TRP C 603 -15.66 35.68 -24.33
N GLN C 604 -16.59 36.42 -24.94
CA GLN C 604 -16.51 37.88 -24.85
C GLN C 604 -16.66 38.33 -23.41
N LYS C 605 -17.61 37.76 -22.68
CA LYS C 605 -17.71 38.07 -21.25
C LYS C 605 -16.39 37.78 -20.53
N LEU C 606 -15.87 36.57 -20.73
CA LEU C 606 -14.68 36.15 -20.01
C LEU C 606 -13.48 37.01 -20.34
N PHE C 607 -13.30 37.35 -21.62
CA PHE C 607 -12.15 38.17 -21.99
C PHE C 607 -12.30 39.59 -21.52
N ASN C 608 -13.51 40.14 -21.52
CA ASN C 608 -13.70 41.45 -20.92
C ASN C 608 -13.23 41.43 -19.48
N TYR C 609 -13.65 40.43 -18.71
CA TYR C 609 -13.21 40.34 -17.32
C TYR C 609 -11.69 40.22 -17.24
N VAL C 610 -11.11 39.31 -18.01
CA VAL C 610 -9.67 39.02 -17.88
C VAL C 610 -8.86 40.25 -18.27
N SER C 611 -9.31 41.01 -19.26
CA SER C 611 -8.58 42.19 -19.70
C SER C 611 -8.73 43.34 -18.72
N LYS C 612 -9.87 43.44 -18.04
CA LYS C 612 -10.05 44.53 -17.08
C LYS C 612 -9.07 44.40 -15.91
N TYR C 613 -8.90 43.19 -15.38
CA TYR C 613 -8.13 42.97 -14.15
C TYR C 613 -6.77 42.37 -14.52
N THR C 614 -5.82 43.26 -14.82
CA THR C 614 -4.48 42.88 -15.20
C THR C 614 -3.66 42.57 -13.95
N ALA C 615 -2.43 42.07 -14.15
CA ALA C 615 -1.48 41.98 -13.05
C ALA C 615 -0.89 43.34 -12.73
N GLU C 616 -0.76 44.22 -13.73
CA GLU C 616 -0.30 45.57 -13.48
C GLU C 616 -1.27 46.33 -12.58
N ALA C 617 -2.57 46.18 -12.86
CA ALA C 617 -3.56 46.86 -12.03
C ALA C 617 -3.48 46.39 -10.59
N TRP C 618 -3.31 45.09 -10.36
CA TRP C 618 -3.25 44.57 -9.00
C TRP C 618 -2.09 45.17 -8.23
N GLY C 619 -0.88 45.10 -8.79
CA GLY C 619 0.27 45.64 -8.10
C GLY C 619 0.17 47.14 -7.88
N VAL C 620 -0.28 47.88 -8.90
CA VAL C 620 -0.37 49.32 -8.76
C VAL C 620 -1.39 49.69 -7.71
N SER C 621 -2.53 48.99 -7.68
CA SER C 621 -3.55 49.29 -6.69
C SER C 621 -3.07 49.00 -5.29
N PHE C 622 -2.39 47.87 -5.09
CA PHE C 622 -1.89 47.56 -3.76
C PHE C 622 -0.87 48.60 -3.31
N VAL C 623 0.03 49.01 -4.20
CA VAL C 623 1.03 50.01 -3.82
C VAL C 623 0.37 51.35 -3.55
N ASN C 624 -0.67 51.69 -4.32
CA ASN C 624 -1.42 52.91 -4.05
C ASN C 624 -2.01 52.89 -2.65
N GLU C 625 -2.71 51.80 -2.31
CA GLU C 625 -3.32 51.71 -0.99
C GLU C 625 -2.27 51.76 0.10
N LEU C 626 -1.15 51.06 -0.09
CA LEU C 626 -0.10 51.06 0.92
C LEU C 626 0.47 52.45 1.12
N ASN C 627 0.68 53.21 0.04
CA ASN C 627 1.22 54.55 0.16
C ASN C 627 0.21 55.51 0.79
N ARG C 628 -1.09 55.31 0.52
CA ARG C 628 -2.11 56.18 1.07
C ARG C 628 -2.23 55.99 2.57
N LEU D 83 47.32 -18.99 9.22
CA LEU D 83 46.58 -18.80 7.98
C LEU D 83 45.95 -17.41 7.93
N ILE D 84 45.07 -17.19 6.96
CA ILE D 84 44.36 -15.94 6.80
C ILE D 84 42.90 -16.25 6.49
N VAL D 85 41.99 -15.49 7.10
CA VAL D 85 40.56 -15.63 6.85
C VAL D 85 40.05 -14.28 6.38
N VAL D 86 39.29 -14.29 5.28
CA VAL D 86 38.75 -13.07 4.68
C VAL D 86 37.24 -13.15 4.74
N SER D 87 36.61 -12.09 5.22
CA SER D 87 35.16 -12.01 5.28
C SER D 87 34.73 -10.57 5.11
N ASN D 88 33.53 -10.39 4.57
CA ASN D 88 33.01 -9.04 4.42
C ASN D 88 32.80 -8.38 5.78
N ARG D 89 32.26 -9.12 6.73
CA ARG D 89 32.06 -8.62 8.07
C ARG D 89 33.38 -8.45 8.80
N LEU D 90 33.31 -8.58 10.12
CA LEU D 90 34.49 -8.47 10.95
C LEU D 90 34.09 -8.81 12.38
N PRO D 91 35.08 -8.83 13.27
CA PRO D 91 34.80 -9.11 14.67
C PRO D 91 33.86 -8.11 15.30
N VAL D 92 33.94 -6.85 14.85
CA VAL D 92 33.16 -5.77 15.45
C VAL D 92 32.42 -5.01 14.37
N THR D 93 31.75 -3.92 14.74
CA THR D 93 30.99 -3.10 13.80
C THR D 93 31.18 -1.64 14.21
N ILE D 94 32.16 -0.98 13.59
CA ILE D 94 32.43 0.43 13.88
C ILE D 94 31.53 1.32 13.06
N GLY D 109 27.98 -16.36 15.92
CA GLY D 109 29.42 -16.42 15.79
C GLY D 109 29.96 -17.82 15.61
N GLY D 110 30.26 -18.17 14.36
CA GLY D 110 30.82 -19.47 14.05
C GLY D 110 32.33 -19.43 14.00
N LEU D 111 32.87 -18.44 13.29
CA LEU D 111 34.33 -18.28 13.24
C LEU D 111 34.86 -17.69 14.54
N VAL D 112 34.03 -16.93 15.25
CA VAL D 112 34.45 -16.39 16.54
C VAL D 112 34.73 -17.53 17.51
N SER D 113 33.87 -18.55 17.52
CA SER D 113 34.08 -19.70 18.39
C SER D 113 35.36 -20.43 18.03
N ALA D 114 35.62 -20.62 16.74
CA ALA D 114 36.86 -21.26 16.33
C ALA D 114 38.07 -20.44 16.76
N LEU D 115 37.96 -19.12 16.67
CA LEU D 115 39.04 -18.23 17.07
C LEU D 115 39.42 -18.45 18.54
N PHE D 124 45.61 -17.12 12.61
CA PHE D 124 44.23 -16.76 12.32
C PHE D 124 44.12 -15.25 12.19
N THR D 125 44.50 -14.71 11.04
CA THR D 125 44.48 -13.27 10.80
C THR D 125 43.21 -12.93 10.03
N TRP D 126 42.33 -12.15 10.66
CA TRP D 126 41.05 -11.80 10.08
C TRP D 126 41.18 -10.52 9.26
N ILE D 127 40.60 -10.53 8.06
CA ILE D 127 40.52 -9.35 7.20
C ILE D 127 39.06 -9.10 6.90
N GLY D 128 38.66 -7.83 6.96
CA GLY D 128 37.27 -7.50 6.72
C GLY D 128 37.08 -6.01 6.58
N TRP D 129 35.81 -5.61 6.54
CA TRP D 129 35.44 -4.23 6.30
C TRP D 129 34.79 -3.63 7.54
N PRO D 130 35.42 -2.67 8.23
CA PRO D 130 34.73 -2.02 9.34
C PRO D 130 33.44 -1.37 8.88
N GLY D 131 32.40 -1.49 9.69
CA GLY D 131 31.05 -1.16 9.27
C GLY D 131 30.83 0.22 8.69
N LYS D 132 31.81 1.11 8.76
CA LYS D 132 31.65 2.48 8.28
C LYS D 132 32.93 2.93 7.59
N ASP D 133 32.88 4.14 7.04
CA ASP D 133 34.02 4.74 6.34
C ASP D 133 34.74 5.69 7.28
N ILE D 134 36.00 5.41 7.57
CA ILE D 134 36.79 6.18 8.52
C ILE D 134 37.74 7.09 7.75
N PRO D 135 37.62 8.41 7.87
CA PRO D 135 38.53 9.30 7.14
C PRO D 135 39.96 9.13 7.62
N MET D 136 40.89 9.31 6.68
CA MET D 136 42.31 9.17 6.98
C MET D 136 42.79 10.29 7.88
N ASP D 138 42.23 9.20 11.81
CA ASP D 138 41.23 8.32 12.41
C ASP D 138 41.43 6.90 11.91
N ARG D 139 41.79 6.76 10.64
CA ARG D 139 42.03 5.44 10.09
C ARG D 139 43.17 4.74 10.83
N GLU D 140 44.25 5.46 11.12
CA GLU D 140 45.39 4.86 11.80
C GLU D 140 45.00 4.34 13.18
N THR D 141 44.31 5.18 13.98
CA THR D 141 43.96 4.77 15.32
C THR D 141 42.95 3.63 15.30
N VAL D 142 41.96 3.67 14.41
CA VAL D 142 41.00 2.58 14.34
C VAL D 142 41.69 1.28 13.94
N ASN D 143 42.58 1.35 12.96
CA ASN D 143 43.30 0.18 12.50
C ASN D 143 44.13 -0.43 13.63
N ARG D 144 44.87 0.43 14.36
CA ARG D 144 45.71 -0.05 15.44
C ARG D 144 44.88 -0.65 16.56
N ARG D 145 43.75 -0.02 16.90
CA ARG D 145 42.88 -0.57 17.93
C ARG D 145 42.33 -1.93 17.52
N LEU D 146 41.91 -2.06 16.26
CA LEU D 146 41.41 -3.35 15.79
C LEU D 146 42.48 -4.42 15.89
N LEU D 147 43.69 -4.12 15.42
CA LEU D 147 44.78 -5.09 15.53
C LEU D 147 45.00 -5.49 16.99
N ASP D 148 45.18 -4.51 17.86
CA ASP D 148 45.56 -4.82 19.24
C ASP D 148 44.46 -5.62 19.94
N GLU D 149 43.21 -5.16 19.83
CA GLU D 149 42.13 -5.82 20.55
C GLU D 149 41.75 -7.15 19.93
N TYR D 150 42.05 -7.38 18.66
CA TYR D 150 41.59 -8.60 17.97
C TYR D 150 42.74 -9.26 17.23
N CYS D 152 40.06 -7.96 12.59
CA CYS D 152 41.45 -7.73 12.96
C CYS D 152 42.13 -6.76 12.00
N TYR D 153 41.87 -6.93 10.70
CA TYR D 153 42.41 -6.06 9.68
C TYR D 153 41.27 -5.43 8.89
N PRO D 154 41.26 -4.11 8.71
CA PRO D 154 40.13 -3.46 8.04
C PRO D 154 40.36 -3.26 6.55
N VAL D 155 39.25 -3.31 5.81
CA VAL D 155 39.23 -2.95 4.39
C VAL D 155 38.15 -1.89 4.21
N TYR D 156 38.56 -0.69 3.81
CA TYR D 156 37.67 0.46 3.76
C TYR D 156 37.03 0.55 2.38
N LEU D 157 35.79 0.07 2.28
CA LEU D 157 34.98 0.30 1.08
C LEU D 157 34.21 1.61 1.23
N SER D 158 34.97 2.69 1.33
CA SER D 158 34.39 4.01 1.59
C SER D 158 33.82 4.58 0.31
N ASP D 159 33.44 5.86 0.35
CA ASP D 159 32.99 6.59 -0.83
C ASP D 159 31.74 5.99 -1.43
N GLU D 160 30.91 5.34 -0.61
CA GLU D 160 29.65 4.75 -1.07
C GLU D 160 29.89 3.65 -2.09
N LEU D 161 31.08 3.09 -2.11
CA LEU D 161 31.32 1.90 -2.93
C LEU D 161 30.51 0.73 -2.41
N ALA D 162 30.56 0.50 -1.09
CA ALA D 162 29.81 -0.57 -0.47
C ALA D 162 28.53 -0.08 0.22
N ASP D 163 28.46 1.21 0.52
CA ASP D 163 27.33 1.71 1.32
C ASP D 163 26.00 1.32 0.70
N SER D 164 25.92 1.29 -0.63
CA SER D 164 24.66 0.97 -1.27
C SER D 164 24.79 0.09 -2.50
N HIS D 165 25.99 -0.34 -2.89
CA HIS D 165 26.17 -1.11 -4.10
C HIS D 165 26.69 -2.51 -3.83
N TYR D 166 27.85 -2.63 -3.19
CA TYR D 166 28.38 -3.96 -2.88
C TYR D 166 27.45 -4.68 -1.91
N ASN D 167 27.09 -4.00 -0.82
CA ASN D 167 26.07 -4.55 0.08
C ASN D 167 24.72 -4.62 -0.61
N GLY D 168 24.42 -3.65 -1.48
CA GLY D 168 23.19 -3.71 -2.25
C GLY D 168 23.12 -4.91 -3.18
N PHE D 169 24.21 -5.16 -3.92
CA PHE D 169 24.25 -6.35 -4.78
C PHE D 169 24.17 -7.62 -3.95
N SER D 170 24.95 -7.70 -2.87
CA SER D 170 24.98 -8.92 -2.07
C SER D 170 23.64 -9.22 -1.43
N ASN D 171 22.98 -8.19 -0.86
CA ASN D 171 21.77 -8.39 -0.09
C ASN D 171 20.50 -8.29 -0.92
N SER D 172 20.58 -7.84 -2.17
CA SER D 172 19.40 -7.68 -3.00
C SER D 172 19.42 -8.54 -4.26
N ILE D 173 20.54 -9.20 -4.57
CA ILE D 173 20.61 -10.06 -5.74
C ILE D 173 21.05 -11.45 -5.32
N LEU D 174 22.20 -11.55 -4.66
CA LEU D 174 22.73 -12.86 -4.31
C LEU D 174 21.97 -13.49 -3.15
N TRP D 175 21.62 -12.69 -2.13
CA TRP D 175 20.93 -13.25 -0.97
C TRP D 175 19.55 -13.79 -1.31
N PRO D 176 18.67 -13.05 -1.99
CA PRO D 176 17.35 -13.62 -2.32
C PRO D 176 17.44 -14.82 -3.24
N LEU D 177 18.40 -14.85 -4.16
CA LEU D 177 18.46 -15.93 -5.13
C LEU D 177 18.86 -17.25 -4.47
N PHE D 178 19.87 -17.22 -3.59
CA PHE D 178 20.33 -18.43 -2.96
C PHE D 178 19.29 -19.05 -2.05
N HIS D 179 18.25 -18.29 -1.68
CA HIS D 179 17.20 -18.75 -0.78
C HIS D 179 15.87 -18.92 -1.50
N TYR D 180 15.89 -19.13 -2.82
CA TYR D 180 14.69 -19.39 -3.59
C TYR D 180 13.69 -18.26 -3.43
N HIS D 181 14.18 -17.03 -3.52
CA HIS D 181 13.33 -15.84 -3.45
C HIS D 181 13.60 -14.97 -4.67
N PRO D 182 13.28 -15.49 -5.87
CA PRO D 182 13.49 -14.69 -7.08
C PRO D 182 12.61 -13.45 -7.15
N GLY D 183 11.50 -13.42 -6.42
CA GLY D 183 10.67 -12.23 -6.42
C GLY D 183 11.40 -11.02 -5.85
N GLU D 184 12.16 -11.23 -4.77
CA GLU D 184 12.90 -10.15 -4.15
C GLU D 184 14.20 -9.81 -4.90
N MET D 185 14.63 -10.66 -5.81
CA MET D 185 15.82 -10.36 -6.60
C MET D 185 15.52 -9.29 -7.63
N ASN D 186 16.47 -8.39 -7.84
CA ASN D 186 16.32 -7.35 -8.85
C ASN D 186 17.72 -6.95 -9.33
N PHE D 187 18.12 -7.51 -10.47
CA PHE D 187 19.46 -7.25 -10.97
C PHE D 187 19.61 -5.79 -11.38
N ASP D 188 20.85 -5.32 -11.35
CA ASP D 188 21.15 -3.94 -11.70
C ASP D 188 22.62 -3.89 -12.11
N ALA D 189 22.87 -3.64 -13.39
CA ALA D 189 24.24 -3.67 -13.89
C ALA D 189 25.12 -2.60 -13.26
N ALA D 190 24.52 -1.59 -12.63
CA ALA D 190 25.30 -0.60 -11.90
C ALA D 190 25.93 -1.20 -10.66
N HIS D 191 25.30 -2.24 -10.10
CA HIS D 191 25.79 -2.89 -8.90
C HIS D 191 26.82 -3.98 -9.20
N TRP D 192 26.75 -4.58 -10.39
CA TRP D 192 27.74 -5.58 -10.78
C TRP D 192 29.14 -4.98 -10.80
N LEU D 193 29.27 -3.77 -11.35
CA LEU D 193 30.57 -3.11 -11.39
C LEU D 193 31.09 -2.82 -9.98
N ALA D 194 30.22 -2.34 -9.09
CA ALA D 194 30.64 -2.06 -7.73
C ALA D 194 31.04 -3.32 -7.00
N TYR D 195 30.29 -4.41 -7.20
CA TYR D 195 30.65 -5.69 -6.61
C TYR D 195 32.03 -6.13 -7.06
N ARG D 196 32.31 -6.02 -8.36
CA ARG D 196 33.62 -6.40 -8.87
C ARG D 196 34.72 -5.51 -8.31
N GLU D 197 34.46 -4.20 -8.20
CA GLU D 197 35.46 -3.29 -7.66
C GLU D 197 35.73 -3.59 -6.19
N ALA D 198 34.69 -3.90 -5.42
CA ALA D 198 34.89 -4.20 -4.01
C ALA D 198 35.70 -5.48 -3.83
N ASN D 199 35.38 -6.51 -4.61
CA ASN D 199 36.17 -7.74 -4.53
C ASN D 199 37.60 -7.47 -4.96
N MET D 200 37.81 -6.56 -5.91
CA MET D 200 39.17 -6.20 -6.31
C MET D 200 39.91 -5.52 -5.17
N ARG D 201 39.23 -4.64 -4.44
CA ARG D 201 39.83 -4.01 -3.26
C ARG D 201 40.25 -5.07 -2.24
N PHE D 202 39.35 -6.00 -1.94
CA PHE D 202 39.70 -7.06 -0.99
C PHE D 202 40.89 -7.85 -1.47
N ALA D 203 40.94 -8.17 -2.77
CA ALA D 203 42.07 -8.91 -3.31
C ALA D 203 43.36 -8.12 -3.15
N ASP D 204 43.31 -6.82 -3.39
CA ASP D 204 44.50 -5.99 -3.22
C ASP D 204 45.01 -6.07 -1.79
N VAL D 205 44.10 -5.92 -0.83
CA VAL D 205 44.51 -5.93 0.58
C VAL D 205 45.11 -7.28 0.94
N VAL D 206 44.42 -8.37 0.59
CA VAL D 206 44.92 -9.71 0.92
C VAL D 206 46.29 -9.92 0.31
N SER D 207 46.43 -9.63 -0.99
CA SER D 207 47.71 -9.85 -1.65
C SER D 207 48.82 -9.02 -1.03
N SER D 208 48.49 -7.82 -0.55
CA SER D 208 49.49 -7.04 0.17
C SER D 208 49.90 -7.74 1.47
N LEU D 209 48.93 -8.31 2.17
CA LEU D 209 49.15 -8.88 3.50
C LEU D 209 49.22 -10.40 3.50
N VAL D 210 49.82 -11.01 2.49
CA VAL D 210 49.98 -12.45 2.42
C VAL D 210 51.42 -12.76 2.04
N GLN D 211 51.85 -13.98 2.37
CA GLN D 211 53.21 -14.43 2.15
C GLN D 211 53.19 -15.63 1.19
N ALA D 212 54.35 -16.25 1.02
CA ALA D 212 54.50 -17.37 0.10
C ALA D 212 54.33 -18.68 0.85
N GLY D 213 53.41 -19.51 0.38
CA GLY D 213 53.15 -20.79 1.01
C GLY D 213 52.16 -20.75 2.15
N ASP D 214 51.34 -19.72 2.24
CA ASP D 214 50.36 -19.59 3.31
C ASP D 214 49.04 -20.21 2.87
N MET D 215 47.99 -19.97 3.64
CA MET D 215 46.64 -20.46 3.32
C MET D 215 45.68 -19.30 3.39
N VAL D 216 44.73 -19.26 2.45
CA VAL D 216 43.69 -18.25 2.43
C VAL D 216 42.34 -18.96 2.40
N TRP D 217 41.42 -18.51 3.24
CA TRP D 217 40.11 -19.11 3.38
C TRP D 217 39.10 -17.97 3.21
N VAL D 218 38.54 -17.86 2.02
CA VAL D 218 37.53 -16.84 1.75
C VAL D 218 36.19 -17.35 2.22
N GLN D 219 35.35 -16.45 2.71
CA GLN D 219 34.08 -16.86 3.27
C GLN D 219 32.89 -16.02 2.85
N ASP D 220 31.77 -16.67 2.62
CA ASP D 220 30.52 -15.98 2.42
C ASP D 220 30.23 -15.69 0.95
N TYR D 221 28.94 -15.49 0.66
CA TYR D 221 28.45 -15.13 -0.66
C TYR D 221 28.86 -13.72 -1.08
N HIS D 222 29.69 -13.02 -0.31
CA HIS D 222 30.12 -11.69 -0.72
C HIS D 222 31.29 -11.76 -1.67
N LEU D 223 32.31 -12.56 -1.33
CA LEU D 223 33.56 -12.59 -2.08
C LEU D 223 33.61 -13.78 -3.03
N MET D 224 32.70 -13.81 -3.98
CA MET D 224 32.62 -14.94 -4.91
C MET D 224 33.50 -14.77 -6.14
N LEU D 225 34.13 -13.60 -6.31
CA LEU D 225 35.13 -13.42 -7.36
C LEU D 225 36.53 -13.24 -6.81
N LEU D 226 36.68 -13.03 -5.50
CA LEU D 226 38.01 -12.83 -4.93
C LEU D 226 38.96 -13.99 -5.22
N PRO D 227 38.55 -15.26 -5.18
CA PRO D 227 39.52 -16.33 -5.47
C PRO D 227 40.20 -16.14 -6.81
N MET D 228 39.44 -15.75 -7.84
CA MET D 228 40.01 -15.61 -9.18
C MET D 228 40.99 -14.45 -9.25
N LEU D 229 40.61 -13.30 -8.70
CA LEU D 229 41.50 -12.15 -8.72
C LEU D 229 42.78 -12.44 -7.96
N LEU D 230 42.66 -13.06 -6.78
CA LEU D 230 43.85 -13.32 -5.98
C LEU D 230 44.73 -14.37 -6.65
N ARG D 231 44.13 -15.35 -7.33
CA ARG D 231 44.94 -16.31 -8.06
C ARG D 231 45.66 -15.65 -9.22
N SER D 232 44.99 -14.72 -9.90
CA SER D 232 45.63 -14.02 -11.02
C SER D 232 46.81 -13.18 -10.53
N MET D 233 46.62 -12.42 -9.46
CA MET D 233 47.70 -11.63 -8.90
C MET D 233 48.93 -12.49 -8.64
N ILE D 324 50.63 -21.26 -2.64
CA ILE D 324 49.54 -20.76 -1.83
C ILE D 324 48.27 -21.54 -2.11
N ARG D 325 47.51 -21.83 -1.07
CA ARG D 325 46.24 -22.55 -1.19
C ARG D 325 45.10 -21.61 -0.88
N ILE D 326 43.99 -21.80 -1.59
CA ILE D 326 42.81 -20.96 -1.45
C ILE D 326 41.60 -21.85 -1.23
N GLY D 327 40.79 -21.52 -0.24
CA GLY D 327 39.55 -22.24 0.01
C GLY D 327 38.42 -21.27 0.18
N PHE D 328 37.22 -21.73 -0.19
CA PHE D 328 36.01 -20.93 -0.14
C PHE D 328 34.91 -21.74 0.52
N PHE D 329 34.29 -21.18 1.55
CA PHE D 329 33.15 -21.80 2.21
C PHE D 329 31.94 -20.90 2.05
N LEU D 330 30.83 -21.49 1.62
CA LEU D 330 29.59 -20.77 1.41
C LEU D 330 28.63 -21.12 2.55
N HIS D 331 28.19 -20.10 3.28
CA HIS D 331 27.37 -20.29 4.46
C HIS D 331 25.88 -20.33 4.17
N THR D 332 25.47 -20.05 2.95
CA THR D 332 24.07 -20.11 2.52
C THR D 332 23.85 -21.33 1.63
N PRO D 333 22.60 -21.63 1.28
CA PRO D 333 22.34 -22.72 0.34
C PRO D 333 22.83 -22.36 -1.05
N PHE D 334 22.99 -23.39 -1.89
CA PHE D 334 23.19 -23.14 -3.30
C PHE D 334 21.94 -23.56 -4.05
N PRO D 335 21.28 -22.65 -4.77
CA PRO D 335 19.98 -22.96 -5.33
C PRO D 335 20.05 -24.00 -6.43
N SER D 336 18.90 -24.61 -6.70
CA SER D 336 18.81 -25.60 -7.76
C SER D 336 19.24 -25.00 -9.09
N SER D 337 19.49 -25.88 -10.06
CA SER D 337 19.93 -25.41 -11.37
C SER D 337 18.89 -24.51 -12.01
N GLU D 338 17.61 -24.89 -11.92
CA GLU D 338 16.56 -24.10 -12.54
C GLU D 338 16.38 -22.75 -11.88
N ILE D 339 16.85 -22.59 -10.65
CA ILE D 339 16.74 -21.31 -9.96
C ILE D 339 18.00 -20.47 -10.12
N TYR D 340 19.14 -21.09 -10.39
CA TYR D 340 20.37 -20.33 -10.52
C TYR D 340 20.55 -19.74 -11.91
N ARG D 341 19.94 -20.36 -12.93
CA ARG D 341 20.03 -19.84 -14.28
C ARG D 341 19.35 -18.48 -14.43
N ILE D 342 18.53 -18.08 -13.45
CA ILE D 342 17.91 -16.76 -13.49
C ILE D 342 18.96 -15.66 -13.45
N LEU D 343 20.11 -15.93 -12.86
CA LEU D 343 21.10 -14.89 -12.63
C LEU D 343 21.71 -14.43 -13.95
N PRO D 344 21.64 -13.14 -14.31
CA PRO D 344 22.28 -12.70 -15.54
C PRO D 344 23.78 -12.94 -15.58
N VAL D 345 24.47 -12.85 -14.44
CA VAL D 345 25.93 -12.86 -14.40
C VAL D 345 26.43 -14.18 -13.85
N ARG D 346 25.67 -15.25 -14.07
CA ARG D 346 25.96 -16.53 -13.45
C ARG D 346 27.36 -17.04 -13.80
N ARG D 347 27.72 -16.99 -15.08
CA ARG D 347 28.97 -17.63 -15.50
C ARG D 347 30.17 -16.95 -14.85
N GLU D 348 30.15 -15.62 -14.74
CA GLU D 348 31.26 -14.93 -14.10
C GLU D 348 31.46 -15.42 -12.68
N ILE D 349 30.37 -15.62 -11.95
CA ILE D 349 30.45 -16.05 -10.56
C ILE D 349 30.97 -17.48 -10.46
N LEU D 350 30.40 -18.39 -11.26
CA LEU D 350 30.88 -19.76 -11.23
C LEU D 350 32.36 -19.83 -11.59
N LEU D 351 32.81 -19.00 -12.53
CA LEU D 351 34.21 -19.04 -12.91
C LEU D 351 35.10 -18.38 -11.86
N GLY D 352 34.57 -17.41 -11.14
CA GLY D 352 35.34 -16.82 -10.05
C GLY D 352 35.54 -17.79 -8.91
N VAL D 353 34.53 -18.59 -8.59
CA VAL D 353 34.64 -19.53 -7.48
C VAL D 353 35.35 -20.82 -7.86
N LEU D 354 35.39 -21.17 -9.14
CA LEU D 354 36.01 -22.41 -9.57
C LEU D 354 37.53 -22.32 -9.61
N GLN D 355 38.11 -21.25 -9.09
CA GLN D 355 39.56 -21.08 -9.03
C GLN D 355 40.13 -21.43 -7.67
N CYS D 356 39.34 -22.08 -6.82
CA CYS D 356 39.75 -22.45 -5.48
C CYS D 356 40.23 -23.90 -5.45
N ASP D 357 41.13 -24.18 -4.51
CA ASP D 357 41.60 -25.55 -4.31
C ASP D 357 40.53 -26.40 -3.64
N LEU D 358 39.70 -25.80 -2.80
CA LEU D 358 38.68 -26.51 -2.04
C LEU D 358 37.46 -25.63 -1.90
N ILE D 359 36.28 -26.23 -2.10
CA ILE D 359 35.01 -25.55 -1.90
C ILE D 359 34.16 -26.42 -0.98
N GLY D 360 33.56 -25.81 0.02
CA GLY D 360 32.79 -26.54 1.00
C GLY D 360 31.39 -25.98 1.16
N PHE D 361 30.47 -26.86 1.53
CA PHE D 361 29.08 -26.50 1.74
C PHE D 361 28.58 -27.19 3.00
N HIS D 362 27.56 -26.60 3.62
CA HIS D 362 27.03 -27.15 4.87
C HIS D 362 26.47 -28.54 4.67
N THR D 363 25.74 -28.77 3.59
CA THR D 363 25.08 -30.04 3.34
C THR D 363 25.49 -30.57 1.98
N TYR D 364 25.26 -31.86 1.78
CA TYR D 364 25.64 -32.50 0.53
C TYR D 364 24.77 -32.05 -0.63
N ASP D 365 23.51 -31.72 -0.37
CA ASP D 365 22.62 -31.27 -1.44
C ASP D 365 23.12 -29.97 -2.04
N TYR D 366 23.70 -29.09 -1.22
CA TYR D 366 24.28 -27.87 -1.77
C TYR D 366 25.38 -28.20 -2.76
N ALA D 367 26.23 -29.17 -2.44
CA ALA D 367 27.29 -29.58 -3.35
C ALA D 367 26.71 -30.19 -4.62
N ARG D 368 25.68 -31.03 -4.49
CA ARG D 368 25.05 -31.62 -5.66
C ARG D 368 24.53 -30.53 -6.59
N HIS D 369 23.83 -29.54 -6.02
CA HIS D 369 23.26 -28.47 -6.83
C HIS D 369 24.35 -27.61 -7.46
N PHE D 370 25.42 -27.32 -6.71
CA PHE D 370 26.52 -26.55 -7.27
C PHE D 370 27.14 -27.27 -8.46
N LEU D 371 27.36 -28.58 -8.34
CA LEU D 371 27.95 -29.33 -9.43
C LEU D 371 27.02 -29.39 -10.64
N SER D 372 25.72 -29.58 -10.42
CA SER D 372 24.79 -29.60 -11.54
C SER D 372 24.75 -28.25 -12.24
N SER D 373 24.77 -27.16 -11.47
CA SER D 373 24.83 -25.84 -12.08
C SER D 373 26.12 -25.67 -12.88
N CYS D 374 27.23 -26.20 -12.37
CA CYS D 374 28.47 -26.14 -13.14
C CYS D 374 28.33 -26.88 -14.46
N THR D 375 27.73 -28.06 -14.44
CA THR D 375 27.64 -28.85 -15.67
C THR D 375 26.53 -28.38 -16.60
N ARG D 376 25.67 -27.45 -16.17
CA ARG D 376 24.64 -26.91 -17.03
C ARG D 376 24.89 -25.46 -17.44
N ILE D 377 25.21 -24.58 -16.49
CA ILE D 377 25.52 -23.20 -16.86
C ILE D 377 26.78 -23.15 -17.71
N LEU D 378 27.85 -23.79 -17.23
CA LEU D 378 29.03 -24.02 -18.04
C LEU D 378 28.85 -25.32 -18.80
N GLY D 379 29.91 -25.82 -19.43
CA GLY D 379 29.89 -27.11 -20.08
C GLY D 379 30.79 -28.15 -19.44
N LEU D 380 31.29 -27.90 -18.23
CA LEU D 380 32.28 -28.78 -17.64
C LEU D 380 31.69 -30.13 -17.28
N GLU D 381 32.56 -31.13 -17.16
CA GLU D 381 32.19 -32.46 -16.70
C GLU D 381 32.62 -32.61 -15.24
N THR D 382 31.74 -33.14 -14.41
CA THR D 382 31.90 -33.13 -12.96
C THR D 382 32.06 -34.54 -12.44
N GLN D 383 33.03 -34.74 -11.56
CA GLN D 383 33.05 -35.93 -10.73
C GLN D 383 32.15 -35.72 -9.51
N PRO D 384 31.76 -36.78 -8.82
CA PRO D 384 30.87 -36.62 -7.66
C PRO D 384 31.48 -35.79 -6.55
N ASN D 385 32.80 -35.62 -6.53
CA ASN D 385 33.49 -34.94 -5.44
C ASN D 385 34.56 -34.00 -5.97
N GLY D 386 34.29 -33.31 -7.07
CA GLY D 386 35.23 -32.33 -7.58
C GLY D 386 35.04 -32.06 -9.05
N ILE D 387 35.80 -31.06 -9.51
CA ILE D 387 35.78 -30.57 -10.88
C ILE D 387 37.20 -30.56 -11.40
N GLU D 388 37.34 -30.77 -12.71
CA GLU D 388 38.64 -30.70 -13.38
C GLU D 388 38.55 -29.69 -14.51
N PHE D 389 39.47 -28.74 -14.52
CA PHE D 389 39.48 -27.72 -15.56
C PHE D 389 40.79 -26.98 -15.62
N ASP D 390 41.21 -26.60 -16.83
CA ASP D 390 42.45 -25.85 -17.02
C ASP D 390 43.63 -26.56 -16.36
N GLY D 391 43.65 -27.89 -16.48
CA GLY D 391 44.74 -28.66 -15.92
C GLY D 391 44.86 -28.59 -14.41
N ARG D 392 43.78 -28.27 -13.72
CA ARG D 392 43.78 -28.20 -12.26
C ARG D 392 42.49 -28.82 -11.74
N TYR D 393 42.51 -29.17 -10.47
CA TYR D 393 41.38 -29.80 -9.80
C TYR D 393 40.84 -28.88 -8.72
N CYS D 394 39.52 -28.74 -8.67
CA CYS D 394 38.84 -28.00 -7.61
C CYS D 394 37.95 -28.98 -6.86
N GLN D 395 38.26 -29.24 -5.59
CA GLN D 395 37.55 -30.24 -4.82
C GLN D 395 36.31 -29.65 -4.16
N VAL D 396 35.28 -30.47 -4.03
CA VAL D 396 34.00 -30.07 -3.44
C VAL D 396 33.69 -31.03 -2.30
N GLY D 397 33.34 -30.49 -1.15
CA GLY D 397 33.05 -31.30 0.02
C GLY D 397 32.01 -30.66 0.91
N THR D 398 31.68 -31.36 1.99
CA THR D 398 30.70 -30.91 2.97
C THR D 398 31.35 -30.81 4.33
N PHE D 399 31.10 -29.69 5.02
CA PHE D 399 31.66 -29.45 6.35
C PHE D 399 30.60 -28.83 7.24
N PRO D 400 29.78 -29.65 7.90
CA PRO D 400 28.74 -29.08 8.77
C PRO D 400 29.35 -28.23 9.88
N ILE D 401 28.66 -27.16 10.21
CA ILE D 401 29.16 -26.16 11.14
C ILE D 401 28.54 -26.39 12.51
N GLY D 402 29.10 -25.75 13.53
CA GLY D 402 28.56 -25.85 14.88
C GLY D 402 28.82 -24.61 15.69
N ILE D 403 28.76 -24.73 17.02
CA ILE D 403 28.98 -23.63 17.93
C ILE D 403 30.02 -24.06 18.97
N ASP D 404 30.26 -23.19 19.94
CA ASP D 404 31.05 -23.53 21.12
C ASP D 404 30.09 -23.77 22.28
N PRO D 405 29.64 -25.01 22.51
CA PRO D 405 28.59 -25.22 23.51
C PRO D 405 29.00 -24.90 24.93
N ASN D 406 30.30 -24.96 25.24
CA ASN D 406 30.75 -24.67 26.59
C ASN D 406 30.41 -23.24 27.00
N GLN D 407 30.27 -22.35 26.03
CA GLN D 407 29.95 -20.96 26.35
C GLN D 407 28.65 -20.86 27.12
N PHE D 408 27.60 -21.52 26.64
CA PHE D 408 26.28 -21.38 27.25
C PHE D 408 26.18 -22.13 28.57
N ILE D 409 26.83 -23.29 28.67
CA ILE D 409 26.84 -24.00 29.95
C ILE D 409 27.59 -23.18 31.00
N GLU D 410 28.79 -22.73 30.67
CA GLU D 410 29.59 -21.97 31.64
C GLU D 410 28.96 -20.64 31.97
N GLY D 411 28.18 -20.06 31.05
CA GLY D 411 27.47 -18.83 31.37
C GLY D 411 26.20 -19.09 32.15
N LEU D 412 25.60 -20.26 31.99
CA LEU D 412 24.37 -20.58 32.69
C LEU D 412 24.62 -21.08 34.10
N GLN D 413 25.87 -21.44 34.42
CA GLN D 413 26.28 -21.65 35.80
C GLN D 413 26.94 -20.41 36.40
N LYS D 414 26.54 -19.23 35.95
CA LYS D 414 27.08 -17.96 36.42
C LYS D 414 26.19 -17.39 37.52
N GLU D 415 26.70 -16.35 38.19
CA GLU D 415 25.96 -15.73 39.29
C GLU D 415 24.91 -14.76 38.76
N SER D 416 25.33 -13.76 38.02
CA SER D 416 24.39 -12.73 37.57
C SER D 416 23.37 -13.27 36.60
N ILE D 417 23.74 -14.27 35.79
CA ILE D 417 22.78 -14.85 34.85
C ILE D 417 21.73 -15.66 35.58
N VAL D 418 22.13 -16.43 36.59
CA VAL D 418 21.22 -17.36 37.23
C VAL D 418 20.07 -16.62 37.91
N LYS D 419 20.38 -15.53 38.62
CA LYS D 419 19.31 -14.85 39.36
C LYS D 419 18.34 -14.16 38.41
N ARG D 420 18.82 -13.68 37.26
CA ARG D 420 17.89 -13.14 36.28
C ARG D 420 16.97 -14.23 35.75
N LEU D 421 17.51 -15.43 35.55
CA LEU D 421 16.68 -16.56 35.14
C LEU D 421 15.64 -16.88 36.21
N ARG D 422 16.03 -16.85 37.48
CA ARG D 422 15.08 -17.12 38.55
C ARG D 422 13.99 -16.05 38.59
N SER D 423 14.36 -14.79 38.39
CA SER D 423 13.37 -13.73 38.36
C SER D 423 12.41 -13.90 37.19
N LEU D 424 12.92 -14.27 36.02
CA LEU D 424 12.05 -14.51 34.87
C LEU D 424 11.11 -15.67 35.13
N GLU D 425 11.60 -16.75 35.74
CA GLU D 425 10.74 -17.88 36.05
C GLU D 425 9.66 -17.48 37.06
N ALA D 426 10.03 -16.64 38.03
CA ALA D 426 9.03 -16.14 38.98
C ALA D 426 7.96 -15.32 38.27
N ARG D 427 8.37 -14.47 37.34
CA ARG D 427 7.39 -13.67 36.60
C ARG D 427 6.44 -14.55 35.80
N PHE D 428 6.97 -15.58 35.14
CA PHE D 428 6.17 -16.49 34.33
C PHE D 428 5.91 -17.76 35.15
N GLU D 429 4.91 -17.69 36.01
CA GLU D 429 4.48 -18.83 36.82
C GLU D 429 3.11 -19.26 36.33
N GLY D 430 2.99 -20.53 35.97
CA GLY D 430 1.78 -21.01 35.34
C GLY D 430 1.66 -20.66 33.88
N VAL D 431 2.73 -20.17 33.26
CA VAL D 431 2.75 -19.79 31.86
C VAL D 431 3.91 -20.50 31.18
N LYS D 432 3.69 -20.95 29.96
CA LYS D 432 4.72 -21.62 29.16
C LYS D 432 5.28 -20.65 28.14
N VAL D 433 6.59 -20.51 28.12
CA VAL D 433 7.26 -19.54 27.28
C VAL D 433 7.82 -20.27 26.06
N ILE D 434 7.20 -20.07 24.91
CA ILE D 434 7.81 -20.41 23.64
C ILE D 434 8.73 -19.26 23.24
N ILE D 435 9.82 -19.57 22.56
CA ILE D 435 10.79 -18.53 22.21
C ILE D 435 11.10 -18.61 20.73
N GLY D 436 11.43 -17.45 20.16
CA GLY D 436 11.97 -17.36 18.83
C GLY D 436 13.03 -16.28 18.79
N VAL D 437 14.19 -16.58 18.23
CA VAL D 437 15.29 -15.61 18.12
C VAL D 437 15.72 -15.62 16.67
N ASP D 438 15.54 -14.49 15.99
CA ASP D 438 15.85 -14.43 14.57
C ASP D 438 16.16 -12.99 14.18
N ARG D 439 16.77 -12.82 13.02
CA ARG D 439 16.87 -11.52 12.40
C ARG D 439 15.61 -11.25 11.60
N LEU D 440 15.40 -9.99 11.23
CA LEU D 440 14.23 -9.63 10.42
C LEU D 440 14.53 -9.90 8.95
N ASP D 441 14.68 -11.18 8.65
CA ASP D 441 14.80 -11.65 7.28
C ASP D 441 13.47 -12.25 6.81
N TYR D 442 13.24 -12.18 5.51
CA TYR D 442 12.10 -12.85 4.92
C TYR D 442 12.33 -14.33 4.73
N ILE D 443 13.55 -14.83 4.98
CA ILE D 443 13.84 -16.25 4.94
C ILE D 443 13.60 -16.92 6.29
N LYS D 444 13.03 -16.20 7.26
CA LYS D 444 12.87 -16.73 8.62
C LYS D 444 11.43 -17.09 8.95
N GLY D 445 10.49 -16.86 8.05
CA GLY D 445 9.14 -17.34 8.26
C GLY D 445 8.51 -16.89 9.57
N ILE D 446 8.67 -15.62 9.91
CA ILE D 446 8.13 -15.08 11.16
C ILE D 446 6.62 -14.90 11.03
N PRO D 447 6.12 -14.37 9.91
CA PRO D 447 4.67 -14.35 9.73
C PRO D 447 4.03 -15.73 9.87
N GLN D 448 4.73 -16.77 9.42
CA GLN D 448 4.23 -18.13 9.62
C GLN D 448 4.21 -18.50 11.09
N LYS D 449 5.23 -18.08 11.85
CA LYS D 449 5.21 -18.29 13.29
C LYS D 449 3.94 -17.69 13.90
N LEU D 450 3.68 -16.43 13.59
CA LEU D 450 2.54 -15.76 14.21
C LEU D 450 1.22 -16.36 13.76
N GLN D 451 1.11 -16.73 12.49
CA GLN D 451 -0.11 -17.36 12.02
C GLN D 451 -0.33 -18.72 12.67
N ALA D 452 0.76 -19.47 12.90
CA ALA D 452 0.63 -20.75 13.59
C ALA D 452 0.19 -20.57 15.02
N LEU D 453 0.74 -19.57 15.72
CA LEU D 453 0.29 -19.30 17.08
C LEU D 453 -1.19 -18.93 17.09
N GLU D 454 -1.62 -18.10 16.14
CA GLU D 454 -3.02 -17.72 16.08
C GLU D 454 -3.91 -18.93 15.81
N THR D 455 -3.47 -19.83 14.92
CA THR D 455 -4.24 -21.04 14.67
C THR D 455 -4.33 -21.90 15.93
N PHE D 456 -3.21 -22.03 16.64
CA PHE D 456 -3.20 -22.84 17.86
C PHE D 456 -4.18 -22.29 18.88
N LEU D 457 -4.18 -20.96 19.07
CA LEU D 457 -5.06 -20.38 20.08
C LEU D 457 -6.51 -20.37 19.63
N THR D 458 -6.77 -20.24 18.34
CA THR D 458 -8.13 -20.37 17.84
C THR D 458 -8.65 -21.80 18.00
N GLN D 459 -7.76 -22.77 17.95
CA GLN D 459 -8.16 -24.17 18.05
C GLN D 459 -8.17 -24.69 19.48
N HIS D 460 -7.41 -24.08 20.39
CA HIS D 460 -7.30 -24.54 21.77
C HIS D 460 -7.53 -23.35 22.69
N PRO D 461 -8.79 -22.95 22.90
CA PRO D 461 -9.05 -21.81 23.79
C PRO D 461 -8.56 -22.02 25.21
N GLU D 462 -8.39 -23.26 25.65
CA GLU D 462 -7.94 -23.52 27.02
C GLU D 462 -6.58 -22.90 27.29
N TRP D 463 -5.80 -22.63 26.25
CA TRP D 463 -4.43 -22.16 26.40
C TRP D 463 -4.29 -20.66 26.27
N ILE D 464 -5.40 -19.93 26.17
CA ILE D 464 -5.32 -18.47 26.08
C ILE D 464 -4.97 -17.93 27.45
N GLY D 465 -3.79 -17.33 27.58
CA GLY D 465 -3.30 -16.82 28.83
C GLY D 465 -2.27 -17.71 29.51
N LYS D 466 -2.12 -18.96 29.06
CA LYS D 466 -1.19 -19.90 29.67
C LYS D 466 -0.01 -20.22 28.76
N VAL D 467 0.11 -19.55 27.63
CA VAL D 467 1.29 -19.62 26.78
C VAL D 467 1.62 -18.23 26.29
N VAL D 468 2.91 -17.92 26.23
CA VAL D 468 3.39 -16.65 25.68
C VAL D 468 4.54 -16.94 24.74
N LEU D 469 4.54 -16.29 23.59
CA LEU D 469 5.62 -16.39 22.62
C LEU D 469 6.49 -15.15 22.73
N VAL D 470 7.75 -15.34 23.06
CA VAL D 470 8.71 -14.25 23.16
C VAL D 470 9.54 -14.27 21.87
N GLN D 471 9.41 -13.22 21.07
CA GLN D 471 10.03 -13.16 19.75
C GLN D 471 11.03 -12.02 19.73
N LEU D 472 12.31 -12.35 19.58
CA LEU D 472 13.38 -11.38 19.50
C LEU D 472 13.83 -11.27 18.05
N ALA D 473 13.52 -10.13 17.42
CA ALA D 473 13.80 -9.89 16.01
C ALA D 473 14.92 -8.86 15.92
N ILE D 474 16.14 -9.34 15.79
CA ILE D 474 17.30 -8.43 15.74
C ILE D 474 17.14 -7.49 14.56
N PRO D 475 17.51 -6.22 14.66
CA PRO D 475 17.48 -5.35 13.48
C PRO D 475 18.37 -5.90 12.38
N SER D 476 17.91 -5.74 11.15
CA SER D 476 18.45 -6.39 9.97
C SER D 476 18.97 -5.32 9.01
N ARG D 477 19.23 -5.74 7.77
CA ARG D 477 19.71 -4.80 6.77
C ARG D 477 18.60 -3.80 6.51
N GLN D 478 18.59 -2.70 7.25
CA GLN D 478 17.43 -1.81 7.27
C GLN D 478 17.42 -0.85 6.08
N ASP D 479 18.53 -0.70 5.38
CA ASP D 479 18.56 0.15 4.20
C ASP D 479 17.86 -0.51 3.01
N VAL D 480 17.95 -1.84 2.92
CA VAL D 480 17.27 -2.55 1.84
C VAL D 480 15.77 -2.32 1.95
N GLU D 481 15.14 -2.03 0.82
CA GLU D 481 13.73 -1.62 0.82
C GLU D 481 12.79 -2.80 1.07
N GLU D 482 13.25 -4.03 0.87
CA GLU D 482 12.41 -5.18 1.17
C GLU D 482 12.36 -5.47 2.66
N TYR D 483 13.37 -5.06 3.41
CA TYR D 483 13.38 -5.24 4.86
C TYR D 483 12.56 -4.18 5.58
N GLN D 484 12.21 -3.09 4.91
CA GLN D 484 11.36 -2.06 5.50
C GLN D 484 9.89 -2.42 5.39
N ASP D 485 9.50 -3.25 4.41
CA ASP D 485 8.13 -3.71 4.29
C ASP D 485 7.86 -4.98 5.09
N LEU D 486 8.87 -5.85 5.21
CA LEU D 486 8.74 -7.01 6.08
C LEU D 486 8.52 -6.56 7.52
N ARG D 487 9.23 -5.53 7.95
CA ARG D 487 9.03 -5.02 9.30
C ARG D 487 7.60 -4.56 9.50
N ALA D 488 7.04 -3.83 8.53
CA ALA D 488 5.67 -3.36 8.66
C ALA D 488 4.69 -4.52 8.68
N CYS D 489 4.93 -5.54 7.86
CA CYS D 489 4.06 -6.71 7.87
C CYS D 489 4.07 -7.39 9.24
N VAL D 490 5.25 -7.54 9.83
CA VAL D 490 5.36 -8.20 11.12
C VAL D 490 4.72 -7.35 12.22
N ASN D 491 4.88 -6.03 12.14
CA ASN D 491 4.22 -5.15 13.10
C ASN D 491 2.72 -5.29 13.03
N GLU D 492 2.17 -5.31 11.81
CA GLU D 492 0.73 -5.48 11.66
C GLU D 492 0.27 -6.83 12.21
N LEU D 493 1.04 -7.89 11.95
CA LEU D 493 0.65 -9.22 12.44
C LEU D 493 0.64 -9.26 13.96
N VAL D 494 1.70 -8.73 14.58
CA VAL D 494 1.76 -8.69 16.05
C VAL D 494 0.58 -7.92 16.60
N GLY D 495 0.32 -6.73 16.04
CA GLY D 495 -0.79 -5.92 16.54
C GLY D 495 -2.12 -6.65 16.42
N ARG D 496 -2.37 -7.25 15.26
CA ARG D 496 -3.66 -7.91 15.04
C ARG D 496 -3.85 -9.08 15.97
N ILE D 497 -2.83 -9.91 16.16
CA ILE D 497 -2.98 -11.08 17.02
C ILE D 497 -3.12 -10.66 18.48
N ASN D 498 -2.30 -9.70 18.92
CA ASN D 498 -2.43 -9.21 20.28
C ASN D 498 -3.82 -8.65 20.53
N GLY D 499 -4.38 -7.93 19.56
CA GLY D 499 -5.72 -7.42 19.72
C GLY D 499 -6.77 -8.50 19.77
N ARG D 500 -6.63 -9.53 18.92
CA ARG D 500 -7.63 -10.58 18.88
C ARG D 500 -7.66 -11.38 20.18
N PHE D 501 -6.48 -11.75 20.69
CA PHE D 501 -6.41 -12.62 21.85
C PHE D 501 -6.02 -11.92 23.14
N GLY D 502 -5.50 -10.70 23.07
CA GLY D 502 -5.08 -10.02 24.27
C GLY D 502 -6.24 -9.67 25.17
N THR D 503 -5.91 -9.50 26.45
CA THR D 503 -6.88 -9.07 27.45
C THR D 503 -6.20 -7.99 28.29
N VAL D 504 -6.85 -7.60 29.39
CA VAL D 504 -6.34 -6.47 30.16
C VAL D 504 -4.96 -6.79 30.71
N GLU D 505 -4.75 -8.00 31.21
CA GLU D 505 -3.55 -8.33 31.95
C GLU D 505 -2.51 -9.10 31.13
N SER D 506 -2.92 -9.84 30.11
CA SER D 506 -2.02 -10.73 29.39
C SER D 506 -1.90 -10.33 27.93
N VAL D 507 -0.73 -10.59 27.36
CA VAL D 507 -0.45 -10.32 25.96
C VAL D 507 0.11 -11.59 25.35
N PRO D 508 -0.50 -12.16 24.30
CA PRO D 508 0.01 -13.42 23.74
C PRO D 508 1.45 -13.35 23.26
N ILE D 509 1.88 -12.22 22.69
CA ILE D 509 3.18 -12.10 22.05
C ILE D 509 3.98 -11.00 22.74
N HIS D 510 5.19 -11.32 23.16
CA HIS D 510 6.15 -10.33 23.65
C HIS D 510 7.22 -10.20 22.57
N TYR D 511 7.10 -9.15 21.75
CA TYR D 511 7.91 -8.97 20.56
C TYR D 511 8.91 -7.83 20.81
N MET D 512 10.19 -8.11 20.65
CA MET D 512 11.25 -7.14 20.87
C MET D 512 12.04 -6.98 19.59
N HIS D 513 12.07 -5.75 19.07
CA HIS D 513 12.88 -5.41 17.90
C HIS D 513 14.16 -4.75 18.39
N LYS D 514 15.08 -5.59 18.89
CA LYS D 514 16.34 -5.09 19.42
C LYS D 514 17.33 -6.25 19.48
N SER D 515 18.57 -5.91 19.81
CA SER D 515 19.63 -6.89 19.99
C SER D 515 19.99 -6.96 21.47
N VAL D 516 19.97 -8.17 22.04
CA VAL D 516 20.15 -8.34 23.48
C VAL D 516 21.59 -8.80 23.75
N PRO D 517 22.21 -8.36 24.84
CA PRO D 517 23.55 -8.86 25.17
C PRO D 517 23.53 -10.36 25.44
N PHE D 518 24.71 -10.95 25.68
CA PHE D 518 24.78 -12.40 25.80
C PHE D 518 24.05 -12.90 27.04
N GLU D 519 24.13 -12.15 28.14
CA GLU D 519 23.55 -12.62 29.41
C GLU D 519 22.04 -12.80 29.29
N GLU D 520 21.34 -11.76 28.83
CA GLU D 520 19.90 -11.88 28.64
C GLU D 520 19.57 -12.96 27.63
N LEU D 521 20.41 -13.10 26.60
CA LEU D 521 20.18 -14.12 25.59
C LEU D 521 20.17 -15.52 26.20
N THR D 522 21.21 -15.84 26.97
CA THR D 522 21.27 -17.17 27.58
C THR D 522 20.16 -17.35 28.62
N ALA D 523 19.83 -16.29 29.35
CA ALA D 523 18.76 -16.40 30.34
C ALA D 523 17.43 -16.75 29.69
N MET D 524 17.11 -16.09 28.56
CA MET D 524 15.83 -16.36 27.91
C MET D 524 15.86 -17.59 27.03
N TYR D 525 17.04 -18.10 26.67
CA TYR D 525 17.13 -19.49 26.22
C TYR D 525 16.73 -20.45 27.35
N ALA D 526 17.27 -20.23 28.55
CA ALA D 526 17.01 -21.14 29.65
C ALA D 526 15.55 -21.13 30.06
N LEU D 527 14.92 -19.95 30.05
CA LEU D 527 13.53 -19.86 30.50
C LEU D 527 12.57 -20.59 29.55
N ALA D 528 12.86 -20.59 28.26
CA ALA D 528 11.88 -21.05 27.28
C ALA D 528 11.65 -22.55 27.38
N ASP D 529 10.41 -22.97 27.12
CA ASP D 529 10.06 -24.39 27.11
C ASP D 529 10.28 -25.02 25.75
N ALA D 530 9.84 -24.35 24.68
CA ALA D 530 10.03 -24.82 23.32
C ALA D 530 10.59 -23.69 22.48
N CYS D 531 11.33 -24.05 21.43
CA CYS D 531 11.84 -23.11 20.47
C CYS D 531 11.16 -23.35 19.13
N LEU D 532 10.64 -22.29 18.53
CA LEU D 532 9.96 -22.35 17.25
C LEU D 532 10.88 -21.79 16.18
N VAL D 533 11.28 -22.65 15.24
CA VAL D 533 12.08 -22.25 14.09
C VAL D 533 11.24 -22.56 12.85
N THR D 534 10.83 -21.51 12.14
CA THR D 534 9.97 -21.65 10.97
C THR D 534 10.64 -21.07 9.74
N SER D 535 11.97 -21.06 9.72
CA SER D 535 12.71 -20.61 8.55
C SER D 535 12.35 -21.46 7.34
N THR D 536 12.09 -20.80 6.21
CA THR D 536 11.71 -21.51 4.99
C THR D 536 12.92 -21.96 4.18
N ARG D 537 14.03 -21.23 4.26
CA ARG D 537 15.29 -21.65 3.65
C ARG D 537 16.42 -21.06 4.49
N ASP D 538 17.34 -21.90 4.93
CA ASP D 538 18.46 -21.42 5.73
C ASP D 538 19.64 -22.36 5.54
N GLY D 539 20.83 -21.78 5.41
CA GLY D 539 22.02 -22.61 5.25
C GLY D 539 22.30 -23.45 6.47
N MET D 540 22.23 -22.83 7.65
CA MET D 540 22.29 -23.56 8.91
C MET D 540 21.81 -22.63 10.02
N ASN D 541 20.84 -23.08 10.81
CA ASN D 541 20.29 -22.30 11.90
C ASN D 541 21.09 -22.59 13.16
N LEU D 542 21.91 -21.62 13.58
CA LEU D 542 22.70 -21.79 14.79
C LEU D 542 21.89 -21.50 16.05
N VAL D 543 20.70 -20.91 15.93
CA VAL D 543 19.89 -20.67 17.11
C VAL D 543 19.49 -21.99 17.76
N ALA D 544 19.22 -23.01 16.94
CA ALA D 544 18.86 -24.31 17.50
C ALA D 544 19.99 -24.89 18.33
N TYR D 545 21.23 -24.76 17.85
CA TYR D 545 22.36 -25.27 18.60
C TYR D 545 22.45 -24.62 19.97
N GLU D 546 22.31 -23.29 20.01
CA GLU D 546 22.47 -22.58 21.26
C GLU D 546 21.31 -22.86 22.21
N TYR D 547 20.10 -22.92 21.69
CA TYR D 547 18.95 -23.26 22.52
C TYR D 547 19.13 -24.64 23.14
N ILE D 548 19.57 -25.61 22.34
CA ILE D 548 19.75 -26.97 22.86
C ILE D 548 20.87 -26.99 23.89
N SER D 549 21.92 -26.19 23.68
CA SER D 549 23.01 -26.16 24.65
C SER D 549 22.55 -25.55 25.97
N SER D 550 21.59 -24.63 25.93
CA SER D 550 21.14 -23.92 27.12
C SER D 550 19.90 -24.55 27.75
N GLN D 551 19.77 -25.87 27.71
CA GLN D 551 18.58 -26.54 28.24
C GLN D 551 18.93 -27.79 29.02
N ALA D 552 20.09 -27.82 29.67
CA ALA D 552 20.52 -29.01 30.36
C ALA D 552 19.58 -29.38 31.49
N GLU D 553 18.96 -28.38 32.14
CA GLU D 553 18.09 -28.60 33.29
C GLU D 553 16.62 -28.69 32.93
N ARG D 554 16.17 -27.91 31.96
CA ARG D 554 14.75 -27.85 31.63
C ARG D 554 14.35 -28.80 30.52
N HIS D 555 15.28 -29.15 29.63
CA HIS D 555 15.01 -30.07 28.53
C HIS D 555 13.83 -29.60 27.70
N GLY D 556 13.99 -28.43 27.08
CA GLY D 556 12.94 -27.90 26.24
C GLY D 556 12.83 -28.65 24.92
N SER D 557 11.75 -28.37 24.19
CA SER D 557 11.52 -28.97 22.90
C SER D 557 12.06 -28.07 21.78
N MET D 558 12.27 -28.68 20.62
CA MET D 558 12.81 -27.99 19.45
C MET D 558 11.89 -28.28 18.26
N ILE D 559 11.10 -27.30 17.88
CA ILE D 559 10.33 -27.35 16.64
C ILE D 559 11.18 -26.74 15.54
N LEU D 560 11.51 -27.53 14.53
CA LEU D 560 12.48 -27.15 13.51
C LEU D 560 11.88 -27.35 12.14
N SER D 561 12.14 -26.39 11.24
CA SER D 561 11.66 -26.50 9.87
C SER D 561 12.51 -27.48 9.09
N GLU D 562 11.87 -28.23 8.21
CA GLU D 562 12.59 -29.21 7.41
C GLU D 562 13.42 -28.59 6.31
N PHE D 563 13.27 -27.29 6.06
CA PHE D 563 14.04 -26.59 5.04
C PHE D 563 15.23 -25.84 5.62
N ALA D 564 15.46 -25.92 6.92
CA ALA D 564 16.67 -25.37 7.50
C ALA D 564 17.85 -26.27 7.20
N GLY D 565 19.05 -25.76 7.50
CA GLY D 565 20.27 -26.39 7.03
C GLY D 565 20.31 -27.90 7.11
N ALA D 566 20.34 -28.44 8.33
CA ALA D 566 20.47 -29.88 8.55
C ALA D 566 19.35 -30.39 9.45
N ALA D 567 18.12 -30.01 9.11
CA ALA D 567 16.99 -30.41 9.95
C ALA D 567 16.81 -31.92 9.99
N GLN D 568 17.45 -32.67 9.09
CA GLN D 568 17.37 -34.12 9.12
C GLN D 568 18.44 -34.76 9.99
N SER D 569 19.51 -34.03 10.33
CA SER D 569 20.50 -34.55 11.27
C SER D 569 20.00 -34.47 12.71
N PHE D 570 19.20 -33.46 13.03
CA PHE D 570 18.60 -33.35 14.35
C PHE D 570 17.63 -34.50 14.57
N ASN D 571 17.96 -35.40 15.50
CA ASN D 571 17.14 -36.59 15.72
C ASN D 571 15.94 -36.32 16.62
N GLY D 572 16.11 -35.48 17.64
CA GLY D 572 15.05 -35.28 18.61
C GLY D 572 14.24 -34.02 18.39
N SER D 573 14.27 -33.47 17.19
CA SER D 573 13.50 -32.28 16.88
C SER D 573 12.13 -32.65 16.34
N LEU D 574 11.24 -31.66 16.29
CA LEU D 574 9.89 -31.81 15.75
C LEU D 574 9.87 -31.09 14.41
N LEU D 575 9.87 -31.87 13.32
CA LEU D 575 9.96 -31.29 11.99
C LEU D 575 8.61 -30.70 11.59
N ILE D 576 8.66 -29.53 10.95
CA ILE D 576 7.46 -28.86 10.49
C ILE D 576 7.65 -28.37 9.06
N ASN D 577 6.53 -28.18 8.38
CA ASN D 577 6.50 -27.55 7.07
C ASN D 577 6.06 -26.11 7.26
N PRO D 578 6.93 -25.12 7.10
CA PRO D 578 6.51 -23.74 7.40
C PRO D 578 5.32 -23.28 6.58
N TRP D 579 5.03 -23.92 5.44
CA TRP D 579 3.92 -23.51 4.60
C TRP D 579 2.60 -24.14 5.00
N ASP D 580 2.60 -25.08 5.93
CA ASP D 580 1.39 -25.72 6.44
C ASP D 580 1.18 -25.23 7.86
N VAL D 581 0.30 -24.24 8.02
CA VAL D 581 0.08 -23.65 9.33
C VAL D 581 -0.44 -24.69 10.31
N GLN D 582 -1.30 -25.60 9.84
CA GLN D 582 -1.81 -26.64 10.72
C GLN D 582 -0.68 -27.50 11.26
N SER D 583 0.34 -27.76 10.44
CA SER D 583 1.47 -28.55 10.91
C SER D 583 2.19 -27.87 12.06
N THR D 584 2.44 -26.55 11.94
CA THR D 584 3.10 -25.84 13.02
C THR D 584 2.23 -25.77 14.26
N ALA D 585 0.93 -25.59 14.08
CA ALA D 585 0.04 -25.58 15.24
C ALA D 585 0.07 -26.91 15.97
N ASP D 586 0.05 -28.01 15.23
CA ASP D 586 0.10 -29.32 15.86
C ASP D 586 1.45 -29.56 16.52
N ALA D 587 2.53 -29.06 15.92
CA ALA D 587 3.84 -29.18 16.55
C ALA D 587 3.88 -28.42 17.87
N ILE D 588 3.33 -27.22 17.90
CA ILE D 588 3.28 -26.45 19.15
C ILE D 588 2.46 -27.19 20.20
N ASN D 589 1.28 -27.67 19.81
CA ASN D 589 0.43 -28.41 20.74
C ASN D 589 1.17 -29.61 21.31
N GLN D 590 1.83 -30.38 20.45
CA GLN D 590 2.56 -31.55 20.93
C GLN D 590 3.69 -31.15 21.87
N ALA D 591 4.44 -30.11 21.51
CA ALA D 591 5.55 -29.69 22.36
C ALA D 591 5.07 -29.24 23.73
N LEU D 592 3.85 -28.68 23.81
CA LEU D 592 3.36 -28.19 25.09
C LEU D 592 2.75 -29.27 25.96
N THR D 593 2.62 -30.51 25.46
CA THR D 593 2.03 -31.60 26.22
C THR D 593 2.90 -32.85 26.13
N LEU D 594 4.19 -32.68 26.35
CA LEU D 594 5.14 -33.78 26.32
C LEU D 594 5.54 -34.12 27.75
N SER D 595 5.51 -35.41 28.09
CA SER D 595 5.90 -35.84 29.42
C SER D 595 7.39 -35.59 29.63
N PRO D 596 7.82 -35.40 30.88
CA PRO D 596 9.24 -35.11 31.12
C PRO D 596 10.20 -36.18 30.59
N GLN D 597 9.81 -37.44 30.62
CA GLN D 597 10.70 -38.48 30.12
C GLN D 597 10.96 -38.33 28.62
N GLN D 598 9.90 -38.06 27.85
CA GLN D 598 10.07 -37.83 26.42
C GLN D 598 10.98 -36.64 26.17
N ARG D 599 10.76 -35.56 26.91
CA ARG D 599 11.63 -34.40 26.77
C ARG D 599 13.08 -34.78 27.04
N LYS D 600 13.32 -35.58 28.08
CA LYS D 600 14.70 -35.94 28.41
C LYS D 600 15.34 -36.76 27.30
N THR D 601 14.61 -37.74 26.77
CA THR D 601 15.19 -38.56 25.71
C THR D 601 15.51 -37.73 24.48
N ASN D 602 14.54 -36.91 24.05
CA ASN D 602 14.75 -36.10 22.86
C ASN D 602 15.89 -35.11 23.05
N TRP D 603 15.96 -34.47 24.22
CA TRP D 603 17.03 -33.51 24.44
C TRP D 603 18.38 -34.20 24.55
N GLN D 604 18.43 -35.42 25.08
CA GLN D 604 19.69 -36.14 25.10
C GLN D 604 20.18 -36.41 23.68
N LYS D 605 19.27 -36.85 22.80
CA LYS D 605 19.66 -37.01 21.40
C LYS D 605 20.21 -35.69 20.83
N LEU D 606 19.46 -34.62 21.02
CA LEU D 606 19.83 -33.34 20.42
C LEU D 606 21.15 -32.83 20.96
N PHE D 607 21.38 -32.96 22.27
CA PHE D 607 22.63 -32.46 22.84
C PHE D 607 23.80 -33.34 22.44
N ASN D 608 23.60 -34.65 22.33
CA ASN D 608 24.67 -35.48 21.80
C ASN D 608 25.09 -34.97 20.44
N TYR D 609 24.12 -34.73 19.55
CA TYR D 609 24.46 -34.22 18.23
C TYR D 609 25.18 -32.88 18.32
N VAL D 610 24.64 -31.95 19.10
CA VAL D 610 25.19 -30.60 19.14
C VAL D 610 26.59 -30.60 19.70
N SER D 611 26.87 -31.46 20.67
CA SER D 611 28.19 -31.52 21.28
C SER D 611 29.18 -32.21 20.37
N LYS D 612 28.74 -33.17 19.56
CA LYS D 612 29.68 -33.85 18.66
C LYS D 612 30.24 -32.88 17.62
N TYR D 613 29.39 -32.04 17.03
CA TYR D 613 29.77 -31.20 15.89
C TYR D 613 29.96 -29.77 16.39
N THR D 614 31.16 -29.47 16.86
CA THR D 614 31.52 -28.17 17.38
C THR D 614 31.85 -27.23 16.22
N ALA D 615 32.07 -25.95 16.54
CA ALA D 615 32.64 -25.04 15.56
C ALA D 615 34.14 -25.26 15.41
N GLU D 616 34.81 -25.70 16.48
CA GLU D 616 36.22 -26.03 16.38
C GLU D 616 36.44 -27.20 15.43
N ALA D 617 35.59 -28.22 15.52
CA ALA D 617 35.72 -29.36 14.62
C ALA D 617 35.57 -28.95 13.18
N TRP D 618 34.59 -28.07 12.89
CA TRP D 618 34.35 -27.65 11.51
C TRP D 618 35.58 -26.96 10.93
N GLY D 619 36.10 -25.95 11.63
CA GLY D 619 37.26 -25.24 11.13
C GLY D 619 38.48 -26.13 11.00
N VAL D 620 38.73 -26.96 12.01
CA VAL D 620 39.90 -27.82 11.96
C VAL D 620 39.79 -28.81 10.81
N SER D 621 38.60 -29.37 10.59
CA SER D 621 38.43 -30.32 9.51
C SER D 621 38.60 -29.67 8.15
N PHE D 622 38.06 -28.47 7.97
CA PHE D 622 38.24 -27.79 6.69
C PHE D 622 39.71 -27.48 6.44
N VAL D 623 40.42 -27.01 7.47
CA VAL D 623 41.84 -26.69 7.28
C VAL D 623 42.64 -27.96 7.03
N ASN D 624 42.27 -29.06 7.68
CA ASN D 624 42.92 -30.34 7.40
C ASN D 624 42.76 -30.73 5.94
N GLU D 625 41.51 -30.69 5.45
CA GLU D 625 41.27 -31.07 4.06
C GLU D 625 42.02 -30.14 3.11
N LEU D 626 42.01 -28.83 3.39
CA LEU D 626 42.70 -27.89 2.53
C LEU D 626 44.20 -28.16 2.49
N ASN D 627 44.79 -28.47 3.64
CA ASN D 627 46.22 -28.74 3.67
C ASN D 627 46.56 -30.07 2.99
N ARG D 628 45.67 -31.06 3.08
CA ARG D 628 45.92 -32.35 2.47
C ARG D 628 45.88 -32.25 0.95
#